data_7NX3
#
_entry.id   7NX3
#
_cell.length_a   109.700
_cell.length_b   137.470
_cell.length_c   144.260
_cell.angle_alpha   90.000
_cell.angle_beta   90.000
_cell.angle_gamma   90.000
#
_symmetry.space_group_name_H-M   'P 21 21 21'
#
loop_
_entity.id
_entity.type
_entity.pdbx_description
1 polymer 'ALK tyrosine kinase receptor'
2 polymer 'Fab324 HeavyChain'
3 polymer 'Fab324 Light Chain'
4 non-polymer 2-acetamido-2-deoxy-beta-D-glucopyranose
#
loop_
_entity_poly.entity_id
_entity_poly.type
_entity_poly.pdbx_seq_one_letter_code
_entity_poly.pdbx_strand_id
1 'polypeptide(L)'
;TAPKSRNLFERNPNKELKPGENSPRQTPIFDPTVHWLFTTCGASGPHGPTQAQCNNAYQNSNLSVEVGSEGPLKGIQIWK
VPATDTYSISGYGAAGGKGGKNTMMRSHGVSVLGIFNLEKDDMLYILVGQQGEDACPSTNQLIQKVCIGENNVIEEEIRV
NRSVHEWAGGGGGGGGATYVFKMKDGVPVPLIIAAGGGGRAYGAKTDTFHPERLENNSSVLGLNGNSGAAGGGGGWNDNT
SLLWAGKSLQEGATGGHSCPQAMKKWGWETRGGFGGGGGGCSSGGGGGGYIGGNAASNNDPEMDGEDGVSFISPLGILYT
PALKVMEGHGEVNIKHYLNCSHCEVDECHMDPESHKVICFCDHGTVLAEDGVSCIVSPTPEPHGTDEVD
;
A,F
2 'polypeptide(L)'
;QVQLQQSGAELVKPGASVKISCKASGYAFSSYWVNWVKQRPGKGLEWIGQIYPGDGDTNYNGKFKGKATLTADKSSSTAY
MQLSSLTSEDSAVYFCARSRGYFYGSTYDSWGQGTTLTVSSAKTTPPSVYPLAPGSAAQTNSMVTLGCLVKGYFPEPVTV
TWNSGSLSSGVHTFPAVLQSDLYTLSSSVTVPSSTWPSETVTCNVAHPASSTKVDKKIVPRDCGGGTDEVD
;
B,E
3 'polypeptide(L)'
;DIVLTQSPASLAVSLGQRATISCRASESVDNYGISFMNWFQQKPGQPPKLLIYAASNQGSGVPARFSGSGSGTDFSLNIH
PMEEDDTAMYFCQQSKEVPWTFGGGTKLEIKRADAAPTVSIFPPSSEQLTSGGASVVCFLNNFYPKDINVKWKIDGSERQ
NGVLNSWTDQDSKDSTYSMSSTLTLTKDEYERHNSYTCEATHKTSTSPIVKSFNRNEC
;
C,D
#
loop_
_chem_comp.id
_chem_comp.type
_chem_comp.name
_chem_comp.formula
NAG D-saccharide, beta linking 2-acetamido-2-deoxy-beta-D-glucopyranose 'C8 H15 N O6'
#
# COMPACT_ATOMS: atom_id res chain seq x y z
N ASP A 31 21.72 13.93 -42.73
CA ASP A 31 21.95 14.22 -41.31
C ASP A 31 22.75 13.08 -40.67
N PRO A 32 24.07 13.21 -40.62
CA PRO A 32 24.91 12.16 -40.02
C PRO A 32 25.12 12.29 -38.51
N THR A 33 24.52 13.27 -37.85
CA THR A 33 24.65 13.39 -36.40
C THR A 33 23.66 12.51 -35.65
N VAL A 34 22.85 11.71 -36.34
CA VAL A 34 21.70 11.09 -35.71
C VAL A 34 22.13 9.85 -34.94
N HIS A 35 21.56 9.68 -33.75
CA HIS A 35 21.82 8.55 -32.86
C HIS A 35 20.49 7.85 -32.61
N TRP A 36 20.46 6.53 -32.82
CA TRP A 36 19.31 5.70 -32.50
C TRP A 36 19.68 4.79 -31.33
N LEU A 37 18.94 4.88 -30.23
CA LEU A 37 19.20 4.10 -29.02
C LEU A 37 18.09 3.08 -28.80
N PHE A 38 18.43 1.80 -28.94
CA PHE A 38 17.48 0.72 -28.71
C PHE A 38 17.57 0.22 -27.28
N THR A 39 16.41 0.13 -26.62
CA THR A 39 16.32 -0.32 -25.24
C THR A 39 15.30 -1.45 -25.12
N THR A 40 14.91 -1.78 -23.89
CA THR A 40 13.83 -2.72 -23.65
C THR A 40 12.46 -2.07 -23.74
N CYS A 41 12.37 -0.79 -24.03
CA CYS A 41 11.09 -0.08 -24.11
C CYS A 41 10.31 -0.20 -22.80
N GLY A 42 11.00 -0.45 -21.69
CA GLY A 42 10.39 -0.53 -20.37
C GLY A 42 10.16 -1.94 -19.86
N ALA A 43 10.47 -2.95 -20.65
CA ALA A 43 10.12 -4.32 -20.31
C ALA A 43 11.26 -5.00 -19.58
N SER A 44 10.91 -6.07 -18.87
CA SER A 44 11.86 -6.82 -18.05
C SER A 44 11.36 -8.26 -17.97
N GLY A 45 12.28 -9.16 -17.64
CA GLY A 45 11.93 -10.56 -17.46
C GLY A 45 12.08 -11.38 -18.73
N PRO A 46 11.43 -12.54 -18.77
CA PRO A 46 11.65 -13.49 -19.87
C PRO A 46 10.95 -13.15 -21.16
N HIS A 47 9.98 -12.24 -21.15
CA HIS A 47 9.28 -11.81 -22.36
C HIS A 47 9.70 -10.40 -22.73
N GLY A 48 9.75 -10.13 -24.04
CA GLY A 48 10.15 -8.84 -24.56
C GLY A 48 8.96 -7.93 -24.77
N PRO A 49 9.21 -6.75 -25.33
CA PRO A 49 8.22 -5.66 -25.29
C PRO A 49 7.19 -5.71 -26.40
N THR A 50 6.13 -4.93 -26.21
CA THR A 50 5.08 -4.75 -27.19
C THR A 50 5.28 -3.48 -28.02
N GLN A 51 4.62 -3.46 -29.18
CA GLN A 51 4.60 -2.25 -30.01
C GLN A 51 4.27 -1.01 -29.19
N ALA A 52 3.35 -1.14 -28.23
CA ALA A 52 2.89 0.04 -27.49
C ALA A 52 3.92 0.49 -26.47
N GLN A 53 4.72 -0.45 -25.95
CA GLN A 53 5.79 -0.06 -25.03
C GLN A 53 6.88 0.70 -25.77
N CYS A 54 7.33 0.17 -26.91
CA CYS A 54 8.37 0.85 -27.66
C CYS A 54 7.87 2.18 -28.24
N ASN A 55 6.60 2.24 -28.65
CA ASN A 55 6.07 3.54 -29.09
C ASN A 55 6.10 4.56 -27.97
N ASN A 56 5.95 4.11 -26.72
CA ASN A 56 6.01 5.04 -25.60
C ASN A 56 7.45 5.42 -25.28
N ALA A 57 8.35 4.44 -25.28
CA ALA A 57 9.73 4.71 -24.91
C ALA A 57 10.44 5.56 -25.95
N TYR A 58 10.02 5.48 -27.21
CA TYR A 58 10.69 6.16 -28.31
C TYR A 58 9.95 7.40 -28.79
N GLN A 59 8.81 7.72 -28.20
CA GLN A 59 8.06 8.90 -28.58
C GLN A 59 8.96 10.12 -28.58
N ASN A 60 8.77 10.99 -29.56
CA ASN A 60 9.55 12.23 -29.70
C ASN A 60 11.04 11.94 -29.74
N SER A 61 11.42 11.09 -30.70
CA SER A 61 12.82 10.82 -30.96
C SER A 61 13.01 10.64 -32.47
N ASN A 62 14.24 10.34 -32.86
CA ASN A 62 14.53 9.92 -34.22
C ASN A 62 14.26 8.45 -34.49
N LEU A 63 14.05 7.64 -33.46
CA LEU A 63 13.84 6.21 -33.62
C LEU A 63 12.35 5.85 -33.72
N SER A 64 12.02 5.08 -34.75
CA SER A 64 10.72 4.47 -34.94
C SER A 64 10.93 3.02 -35.32
N VAL A 65 10.14 2.11 -34.75
CA VAL A 65 10.31 0.69 -35.02
C VAL A 65 8.96 -0.01 -35.16
N GLU A 66 9.01 -1.21 -35.73
CA GLU A 66 7.89 -2.12 -35.82
C GLU A 66 8.24 -3.32 -34.95
N VAL A 67 7.31 -3.72 -34.09
CA VAL A 67 7.56 -4.78 -33.11
C VAL A 67 6.57 -5.90 -33.36
N GLY A 68 7.10 -7.10 -33.56
CA GLY A 68 6.24 -8.24 -33.84
C GLY A 68 5.29 -8.53 -32.70
N SER A 69 4.17 -9.15 -33.05
CA SER A 69 3.12 -9.45 -32.09
C SER A 69 2.98 -10.93 -31.77
N GLU A 70 3.53 -11.81 -32.61
CA GLU A 70 3.26 -13.22 -32.52
C GLU A 70 4.33 -13.98 -33.29
N GLY A 71 4.52 -15.24 -32.91
CA GLY A 71 5.48 -16.08 -33.58
C GLY A 71 6.87 -15.89 -33.01
N PRO A 72 7.90 -16.27 -33.77
CA PRO A 72 9.27 -16.17 -33.24
C PRO A 72 9.84 -14.77 -33.25
N LEU A 73 9.19 -13.81 -33.91
CA LEU A 73 9.65 -12.43 -33.99
C LEU A 73 8.95 -11.52 -32.99
N LYS A 74 8.37 -12.09 -31.95
CA LYS A 74 7.40 -11.35 -31.14
C LYS A 74 8.04 -10.18 -30.41
N GLY A 75 9.07 -10.42 -29.62
CA GLY A 75 9.65 -9.32 -28.89
C GLY A 75 10.68 -8.49 -29.63
N ILE A 76 10.82 -8.65 -30.93
CA ILE A 76 11.97 -8.15 -31.67
C ILE A 76 11.62 -6.89 -32.44
N GLN A 77 12.53 -5.92 -32.44
CA GLN A 77 12.28 -4.60 -32.99
C GLN A 77 12.84 -4.52 -34.40
N ILE A 78 12.06 -3.95 -35.32
CA ILE A 78 12.43 -3.88 -36.73
C ILE A 78 12.63 -2.42 -37.12
N TRP A 79 13.81 -2.11 -37.64
CA TRP A 79 14.21 -0.77 -38.02
C TRP A 79 14.50 -0.70 -39.52
N LYS A 80 14.31 0.48 -40.10
CA LYS A 80 14.59 0.73 -41.52
C LYS A 80 15.79 1.67 -41.61
N VAL A 81 16.78 1.25 -42.37
CA VAL A 81 18.01 2.05 -42.48
C VAL A 81 17.75 3.25 -43.36
N PRO A 82 18.06 4.48 -42.90
CA PRO A 82 17.59 5.66 -43.63
C PRO A 82 18.46 6.04 -44.82
N ALA A 83 19.72 5.62 -44.85
CA ALA A 83 20.61 6.01 -45.92
C ALA A 83 21.71 4.96 -46.10
N THR A 84 22.25 4.90 -47.31
CA THR A 84 23.42 4.08 -47.59
C THR A 84 24.66 4.76 -47.03
N ASP A 85 25.34 4.09 -46.10
CA ASP A 85 26.45 4.70 -45.37
C ASP A 85 27.06 3.63 -44.46
N THR A 86 28.17 4.00 -43.83
CA THR A 86 28.81 3.17 -42.82
C THR A 86 28.30 3.59 -41.43
N TYR A 87 27.98 2.60 -40.60
CA TYR A 87 27.41 2.87 -39.28
C TYR A 87 28.20 2.15 -38.19
N SER A 88 28.26 2.78 -37.02
CA SER A 88 28.67 2.08 -35.82
C SER A 88 27.48 1.30 -35.27
N ILE A 89 27.74 0.06 -34.85
CA ILE A 89 26.76 -0.74 -34.14
C ILE A 89 27.46 -1.33 -32.94
N SER A 90 27.02 -0.96 -31.75
CA SER A 90 27.54 -1.51 -30.50
C SER A 90 26.42 -2.24 -29.79
N GLY A 91 26.58 -3.56 -29.65
CA GLY A 91 25.64 -4.38 -28.91
C GLY A 91 26.12 -4.62 -27.50
N TYR A 92 25.17 -4.55 -26.56
CA TYR A 92 25.42 -4.91 -25.17
C TYR A 92 24.38 -5.92 -24.72
N GLY A 93 24.84 -7.08 -24.29
CA GLY A 93 23.95 -8.09 -23.74
C GLY A 93 23.67 -7.83 -22.27
N ALA A 94 22.80 -8.66 -21.71
CA ALA A 94 22.28 -8.44 -20.37
C ALA A 94 23.03 -9.26 -19.32
N ALA A 95 23.10 -8.71 -18.11
CA ALA A 95 23.69 -9.41 -16.98
C ALA A 95 22.78 -10.52 -16.47
N GLY A 96 23.40 -11.55 -15.90
CA GLY A 96 22.65 -12.54 -15.16
C GLY A 96 22.29 -12.06 -13.77
N GLY A 97 21.38 -12.81 -13.13
CA GLY A 97 20.91 -12.44 -11.80
C GLY A 97 21.89 -12.73 -10.68
N LYS A 98 21.62 -12.12 -9.52
CA LYS A 98 22.33 -12.40 -8.29
C LYS A 98 21.89 -13.74 -7.73
N GLY A 99 22.79 -14.40 -7.02
CA GLY A 99 22.46 -15.60 -6.28
C GLY A 99 21.88 -15.29 -4.93
N GLY A 100 22.34 -16.01 -3.90
CA GLY A 100 21.70 -16.05 -2.61
C GLY A 100 22.12 -15.01 -1.60
N LYS A 101 22.85 -13.98 -2.00
CA LYS A 101 23.36 -12.98 -1.07
C LYS A 101 23.32 -11.60 -1.72
N ASN A 102 22.79 -10.62 -0.99
CA ASN A 102 22.71 -9.27 -1.53
C ASN A 102 24.08 -8.74 -1.94
N THR A 103 25.15 -9.33 -1.41
CA THR A 103 26.50 -8.80 -1.63
C THR A 103 27.13 -9.28 -2.94
N MET A 104 26.60 -10.34 -3.55
CA MET A 104 27.23 -10.86 -4.76
C MET A 104 27.22 -9.83 -5.88
N MET A 105 28.23 -9.90 -6.72
CA MET A 105 28.19 -9.16 -7.97
C MET A 105 27.53 -10.03 -9.02
N ARG A 106 26.87 -9.37 -9.97
CA ARG A 106 26.26 -10.07 -11.09
C ARG A 106 27.31 -10.34 -12.17
N SER A 107 26.99 -11.26 -13.07
CA SER A 107 27.82 -11.49 -14.25
C SER A 107 27.37 -10.53 -15.34
N HIS A 108 28.19 -9.54 -15.64
CA HIS A 108 27.78 -8.47 -16.54
C HIS A 108 27.71 -8.93 -17.98
N GLY A 109 26.74 -8.39 -18.71
CA GLY A 109 26.58 -8.72 -20.10
C GLY A 109 27.75 -8.23 -20.94
N VAL A 110 27.95 -8.89 -22.07
CA VAL A 110 29.12 -8.66 -22.89
C VAL A 110 28.81 -7.58 -23.92
N SER A 111 29.80 -6.73 -24.19
CA SER A 111 29.69 -5.70 -25.22
C SER A 111 30.47 -6.11 -26.47
N VAL A 112 29.91 -5.77 -27.63
CA VAL A 112 30.50 -6.09 -28.93
C VAL A 112 30.29 -4.90 -29.85
N LEU A 113 31.39 -4.28 -30.29
CA LEU A 113 31.36 -3.05 -31.08
C LEU A 113 31.88 -3.33 -32.48
N GLY A 114 31.05 -3.06 -33.49
CA GLY A 114 31.46 -3.27 -34.86
C GLY A 114 31.07 -2.11 -35.76
N ILE A 115 31.70 -2.10 -36.94
CA ILE A 115 31.46 -1.12 -37.98
C ILE A 115 30.92 -1.87 -39.19
N PHE A 116 29.83 -1.38 -39.77
CA PHE A 116 29.12 -2.09 -40.81
C PHE A 116 28.68 -1.13 -41.91
N ASN A 117 28.80 -1.57 -43.16
CA ASN A 117 28.23 -0.85 -44.29
C ASN A 117 26.82 -1.34 -44.55
N LEU A 118 25.87 -0.41 -44.60
CA LEU A 118 24.46 -0.70 -44.78
C LEU A 118 23.92 0.11 -45.94
N GLU A 119 22.86 -0.41 -46.55
CA GLU A 119 22.29 0.15 -47.76
C GLU A 119 20.88 0.66 -47.47
N LYS A 120 20.56 1.83 -48.00
CA LYS A 120 19.26 2.44 -47.75
C LYS A 120 18.14 1.43 -47.90
N ASP A 121 17.21 1.47 -46.96
CA ASP A 121 16.00 0.65 -46.88
C ASP A 121 16.25 -0.78 -46.39
N ASP A 122 17.47 -1.15 -46.01
CA ASP A 122 17.65 -2.43 -45.35
C ASP A 122 16.83 -2.46 -44.07
N MET A 123 16.30 -3.64 -43.75
CA MET A 123 15.61 -3.85 -42.48
C MET A 123 16.56 -4.52 -41.51
N LEU A 124 16.76 -3.90 -40.36
CA LEU A 124 17.54 -4.49 -39.28
C LEU A 124 16.59 -4.97 -38.20
N TYR A 125 16.81 -6.19 -37.72
CA TYR A 125 16.03 -6.78 -36.66
C TYR A 125 16.86 -6.76 -35.39
N ILE A 126 16.29 -6.26 -34.30
CA ILE A 126 17.03 -6.00 -33.07
C ILE A 126 16.29 -6.58 -31.89
N LEU A 127 17.00 -7.36 -31.08
CA LEU A 127 16.46 -7.97 -29.87
C LEU A 127 17.39 -7.54 -28.74
N VAL A 128 16.87 -6.75 -27.81
CA VAL A 128 17.67 -6.22 -26.72
C VAL A 128 17.52 -7.14 -25.51
N GLY A 129 18.63 -7.71 -25.07
CA GLY A 129 18.59 -8.67 -24.00
C GLY A 129 18.15 -8.06 -22.68
N GLN A 130 17.47 -8.90 -21.89
CA GLN A 130 16.91 -8.51 -20.61
C GLN A 130 17.55 -9.32 -19.48
N GLN A 131 17.75 -8.65 -18.35
CA GLN A 131 18.53 -9.21 -17.26
C GLN A 131 17.93 -10.51 -16.71
N GLY A 132 18.80 -11.40 -16.28
CA GLY A 132 18.35 -12.59 -15.56
C GLY A 132 17.74 -12.21 -14.23
N GLU A 133 16.78 -13.02 -13.78
CA GLU A 133 16.08 -12.70 -12.55
C GLU A 133 17.00 -12.90 -11.35
N ASP A 134 17.03 -11.89 -10.48
CA ASP A 134 17.83 -11.97 -9.25
C ASP A 134 17.13 -12.89 -8.25
N ALA A 135 17.94 -13.65 -7.52
CA ALA A 135 17.41 -14.37 -6.36
C ALA A 135 17.38 -13.48 -5.13
N CYS A 136 18.34 -12.57 -5.01
CA CYS A 136 18.34 -11.52 -4.01
C CYS A 136 18.50 -10.17 -4.69
N PRO A 137 17.77 -9.13 -4.26
CA PRO A 137 16.87 -9.12 -3.11
C PRO A 137 15.52 -9.72 -3.43
N SER A 138 14.74 -9.99 -2.40
CA SER A 138 13.42 -10.56 -2.57
C SER A 138 12.38 -9.69 -1.86
N THR A 139 11.21 -9.61 -2.46
CA THR A 139 10.11 -8.93 -1.82
C THR A 139 9.44 -9.78 -0.74
N ASN A 140 9.75 -11.08 -0.70
CA ASN A 140 9.29 -11.98 0.34
C ASN A 140 10.18 -11.82 1.57
N GLN A 141 9.59 -11.38 2.69
CA GLN A 141 10.43 -11.10 3.86
C GLN A 141 10.98 -12.37 4.50
N LEU A 142 10.55 -13.53 4.06
CA LEU A 142 11.11 -14.77 4.57
C LEU A 142 12.35 -15.19 3.77
N ILE A 143 12.39 -14.82 2.49
CA ILE A 143 13.56 -15.04 1.65
C ILE A 143 14.57 -13.91 1.86
N GLN A 144 14.09 -12.70 2.14
CA GLN A 144 14.99 -11.58 2.38
C GLN A 144 15.88 -11.86 3.57
N LYS A 145 15.33 -12.52 4.59
CA LYS A 145 16.13 -12.99 5.72
C LYS A 145 17.35 -13.77 5.22
N VAL A 146 17.14 -14.73 4.32
CA VAL A 146 18.27 -15.47 3.77
C VAL A 146 19.24 -14.55 3.06
N CYS A 147 18.72 -13.54 2.35
CA CYS A 147 19.55 -12.75 1.45
C CYS A 147 20.51 -11.82 2.18
N ILE A 148 20.23 -11.51 3.45
CA ILE A 148 21.01 -10.56 4.22
C ILE A 148 21.86 -11.23 5.28
N GLY A 149 21.75 -12.55 5.44
CA GLY A 149 22.50 -13.28 6.45
C GLY A 149 22.09 -12.97 7.88
N TRP A 167 16.85 -28.97 -0.48
CA TRP A 167 16.72 -27.56 -0.81
C TRP A 167 17.12 -27.28 -2.26
N ALA A 168 16.34 -26.42 -2.93
CA ALA A 168 16.68 -25.99 -4.28
C ALA A 168 16.09 -24.62 -4.58
N GLY A 169 16.87 -23.77 -5.24
CA GLY A 169 16.29 -22.58 -5.84
C GLY A 169 16.94 -21.22 -5.69
N GLY A 170 18.09 -21.13 -5.02
CA GLY A 170 18.72 -19.84 -4.81
C GLY A 170 19.48 -19.25 -5.98
N GLY A 171 19.68 -19.99 -7.07
CA GLY A 171 20.53 -19.53 -8.16
C GLY A 171 19.88 -18.52 -9.09
N GLY A 172 20.70 -17.59 -9.57
CA GLY A 172 20.21 -16.55 -10.45
C GLY A 172 19.92 -17.06 -11.86
N GLY A 173 19.02 -16.35 -12.53
CA GLY A 173 18.69 -16.67 -13.90
C GLY A 173 19.73 -16.14 -14.87
N GLY A 174 19.67 -16.68 -16.09
CA GLY A 174 20.75 -16.52 -17.04
C GLY A 174 20.90 -15.18 -17.73
N GLY A 175 19.81 -14.50 -18.06
CA GLY A 175 19.99 -13.21 -18.71
C GLY A 175 20.24 -13.28 -20.21
N GLY A 176 19.51 -12.43 -20.93
CA GLY A 176 19.43 -12.52 -22.38
C GLY A 176 20.58 -11.88 -23.14
N ALA A 177 20.93 -12.51 -24.25
CA ALA A 177 21.84 -11.89 -25.21
C ALA A 177 21.10 -10.83 -26.02
N THR A 178 21.88 -9.98 -26.68
CA THR A 178 21.35 -8.96 -27.58
C THR A 178 21.74 -9.35 -29.01
N TYR A 179 20.75 -9.34 -29.90
CA TYR A 179 20.91 -9.81 -31.26
C TYR A 179 20.64 -8.68 -32.24
N VAL A 180 21.50 -8.53 -33.24
CA VAL A 180 21.31 -7.59 -34.34
C VAL A 180 21.56 -8.39 -35.62
N PHE A 181 20.52 -8.61 -36.41
CA PHE A 181 20.62 -9.44 -37.60
C PHE A 181 19.78 -8.85 -38.72
N LYS A 182 19.83 -9.49 -39.88
CA LYS A 182 19.10 -9.01 -41.06
C LYS A 182 18.65 -10.22 -41.87
N MET A 183 17.62 -10.02 -42.67
CA MET A 183 17.17 -11.06 -43.58
C MET A 183 17.82 -10.91 -44.94
N LYS A 184 18.25 -12.04 -45.50
CA LYS A 184 18.79 -12.08 -46.85
C LYS A 184 18.35 -13.42 -47.44
N ASP A 185 17.45 -13.37 -48.42
CA ASP A 185 16.89 -14.56 -49.08
C ASP A 185 15.97 -15.34 -48.15
N GLY A 186 15.32 -14.66 -47.21
CA GLY A 186 14.39 -15.29 -46.30
C GLY A 186 15.02 -15.96 -45.09
N VAL A 187 16.33 -16.08 -45.02
CA VAL A 187 17.02 -16.74 -43.90
C VAL A 187 17.73 -15.68 -43.08
N PRO A 188 17.56 -15.67 -41.76
CA PRO A 188 18.23 -14.64 -40.95
C PRO A 188 19.74 -14.78 -40.96
N VAL A 189 20.42 -13.63 -40.96
CA VAL A 189 21.88 -13.56 -40.97
C VAL A 189 22.30 -12.71 -39.78
N PRO A 190 23.23 -13.18 -38.94
CA PRO A 190 23.60 -12.37 -37.76
C PRO A 190 24.71 -11.40 -38.07
N LEU A 191 24.63 -10.23 -37.43
CA LEU A 191 25.63 -9.18 -37.56
C LEU A 191 26.41 -9.01 -36.27
N ILE A 192 25.71 -8.73 -35.17
CA ILE A 192 26.33 -8.64 -33.85
C ILE A 192 25.43 -9.39 -32.88
N ILE A 193 26.01 -10.30 -32.12
CA ILE A 193 25.33 -10.93 -30.99
C ILE A 193 26.17 -10.69 -29.74
N ALA A 194 25.60 -9.98 -28.79
CA ALA A 194 26.30 -9.62 -27.54
C ALA A 194 25.73 -10.53 -26.45
N ALA A 195 26.51 -11.54 -26.07
CA ALA A 195 26.04 -12.57 -25.15
C ALA A 195 25.62 -11.99 -23.81
N GLY A 196 24.69 -12.68 -23.16
CA GLY A 196 24.34 -12.34 -21.81
C GLY A 196 25.22 -13.07 -20.78
N GLY A 197 25.16 -12.59 -19.54
CA GLY A 197 25.99 -13.13 -18.48
C GLY A 197 25.28 -14.26 -17.74
N GLY A 198 26.01 -15.34 -17.49
CA GLY A 198 25.45 -16.44 -16.74
C GLY A 198 25.00 -16.04 -15.35
N GLY A 199 24.00 -16.77 -14.84
CA GLY A 199 23.50 -16.50 -13.50
C GLY A 199 24.40 -17.05 -12.41
N ARG A 200 24.35 -16.39 -11.26
CA ARG A 200 25.19 -16.72 -10.11
C ARG A 200 24.57 -17.82 -9.27
N ALA A 201 25.42 -18.73 -8.79
CA ALA A 201 24.95 -19.85 -8.00
C ALA A 201 24.44 -19.38 -6.64
N TYR A 202 23.56 -20.19 -6.04
CA TYR A 202 23.00 -19.82 -4.75
C TYR A 202 24.11 -19.56 -3.74
N GLY A 203 25.05 -20.49 -3.62
CA GLY A 203 26.14 -20.38 -2.66
C GLY A 203 27.46 -20.02 -3.31
N ALA A 204 27.41 -19.13 -4.31
CA ALA A 204 28.63 -18.65 -4.93
C ALA A 204 29.48 -17.88 -3.93
N LYS A 205 30.76 -18.23 -3.85
CA LYS A 205 31.67 -17.65 -2.86
C LYS A 205 32.62 -16.60 -3.42
N THR A 206 32.96 -16.65 -4.71
CA THR A 206 33.94 -15.71 -5.28
C THR A 206 33.35 -15.02 -6.51
N ASP A 207 33.66 -13.73 -6.66
CA ASP A 207 33.26 -12.95 -7.83
C ASP A 207 34.24 -13.14 -8.99
N THR A 208 34.43 -14.40 -9.38
CA THR A 208 35.36 -14.75 -10.47
C THR A 208 34.57 -15.18 -11.70
N PHE A 209 35.01 -14.70 -12.87
CA PHE A 209 34.31 -14.98 -14.12
C PHE A 209 35.32 -15.27 -15.21
N HIS A 210 34.85 -15.96 -16.26
CA HIS A 210 35.73 -16.46 -17.30
C HIS A 210 35.84 -15.45 -18.44
N PRO A 211 36.91 -15.55 -19.24
CA PRO A 211 37.12 -14.55 -20.30
C PRO A 211 36.09 -14.66 -21.41
N GLU A 212 35.90 -13.54 -22.08
CA GLU A 212 34.81 -13.39 -23.03
C GLU A 212 35.09 -14.21 -24.28
N ARG A 213 34.04 -14.80 -24.85
CA ARG A 213 34.17 -15.63 -26.03
C ARG A 213 33.45 -15.00 -27.22
N LEU A 214 34.15 -14.95 -28.35
CA LEU A 214 33.64 -14.29 -29.55
C LEU A 214 33.92 -15.16 -30.76
N GLU A 215 32.87 -15.44 -31.52
CA GLU A 215 32.95 -16.23 -32.73
C GLU A 215 32.64 -15.35 -33.94
N ASN A 216 33.24 -15.67 -35.08
CA ASN A 216 33.03 -14.91 -36.31
C ASN A 216 32.97 -15.86 -37.50
N ASN A 217 32.31 -17.00 -37.31
CA ASN A 217 32.33 -18.12 -38.25
C ASN A 217 30.97 -18.81 -38.30
N SER A 218 30.20 -18.55 -39.37
CA SER A 218 28.84 -19.07 -39.44
C SER A 218 28.82 -20.60 -39.50
N SER A 219 29.87 -21.24 -40.00
CA SER A 219 29.87 -22.69 -40.10
C SER A 219 29.76 -23.38 -38.74
N VAL A 220 30.18 -22.70 -37.67
CA VAL A 220 29.99 -23.24 -36.33
C VAL A 220 28.52 -23.09 -35.97
N LEU A 221 27.92 -24.14 -35.45
CA LEU A 221 26.49 -24.14 -35.16
C LEU A 221 26.23 -23.38 -33.88
N GLY A 222 25.23 -22.50 -33.91
CA GLY A 222 24.87 -21.73 -32.74
C GLY A 222 23.87 -22.45 -31.87
N LEU A 223 24.31 -23.47 -31.14
CA LEU A 223 23.42 -24.33 -30.36
C LEU A 223 23.22 -23.81 -28.94
N ASN A 224 22.17 -24.34 -28.30
CA ASN A 224 21.93 -24.10 -26.90
C ASN A 224 23.05 -24.68 -26.04
N GLY A 225 23.30 -24.05 -24.90
CA GLY A 225 24.16 -24.65 -23.92
C GLY A 225 23.51 -25.83 -23.23
N ASN A 226 24.33 -26.64 -22.56
CA ASN A 226 23.80 -27.75 -21.78
C ASN A 226 22.92 -27.25 -20.64
N SER A 227 21.85 -27.99 -20.39
CA SER A 227 20.99 -27.78 -19.23
C SER A 227 21.14 -28.97 -18.28
N GLY A 228 21.06 -28.70 -17.00
CA GLY A 228 20.96 -29.73 -15.98
C GLY A 228 19.72 -29.50 -15.16
N ALA A 229 19.87 -29.32 -13.85
CA ALA A 229 18.76 -28.78 -13.08
C ALA A 229 18.49 -27.33 -13.46
N ALA A 230 19.53 -26.58 -13.79
CA ALA A 230 19.38 -25.21 -14.27
C ALA A 230 19.43 -25.16 -15.79
N GLY A 231 18.73 -24.17 -16.36
CA GLY A 231 18.63 -24.07 -17.80
C GLY A 231 19.90 -23.49 -18.40
N GLY A 232 20.42 -24.16 -19.43
CA GLY A 232 21.45 -23.58 -20.25
C GLY A 232 20.92 -22.38 -21.03
N GLY A 233 21.84 -21.67 -21.66
CA GLY A 233 21.47 -20.50 -22.44
C GLY A 233 20.96 -20.86 -23.82
N GLY A 234 20.01 -20.06 -24.30
CA GLY A 234 19.60 -20.14 -25.69
C GLY A 234 20.71 -19.73 -26.64
N GLY A 235 20.83 -20.49 -27.74
CA GLY A 235 21.74 -20.15 -28.81
C GLY A 235 21.02 -19.43 -29.94
N TRP A 236 21.61 -19.54 -31.14
CA TRP A 236 21.06 -18.87 -32.33
C TRP A 236 20.05 -19.74 -33.07
N ASN A 237 20.24 -21.05 -33.14
CA ASN A 237 19.32 -21.88 -33.91
C ASN A 237 19.36 -23.30 -33.36
N ASP A 238 18.29 -23.69 -32.67
CA ASP A 238 18.25 -24.97 -31.97
C ASP A 238 16.79 -25.34 -31.74
N ASN A 239 16.57 -26.52 -31.17
CA ASN A 239 15.24 -26.98 -30.79
C ASN A 239 15.20 -27.16 -29.27
N THR A 240 14.71 -26.14 -28.58
CA THR A 240 14.46 -26.26 -27.15
C THR A 240 13.22 -27.10 -26.88
N SER A 241 13.32 -27.99 -25.89
CA SER A 241 12.17 -28.78 -25.44
C SER A 241 11.99 -28.80 -23.94
N LEU A 242 13.02 -28.48 -23.16
CA LEU A 242 12.86 -28.32 -21.72
C LEU A 242 12.28 -26.96 -21.35
N LEU A 243 11.52 -26.96 -20.26
CA LEU A 243 10.78 -25.78 -19.85
C LEU A 243 11.70 -24.71 -19.27
N TRP A 244 12.82 -25.12 -18.66
CA TRP A 244 13.72 -24.19 -17.99
C TRP A 244 14.90 -23.75 -18.84
N ALA A 245 15.12 -24.38 -20.00
CA ALA A 245 16.20 -23.97 -20.88
C ALA A 245 15.79 -22.75 -21.68
N GLY A 246 16.75 -21.86 -21.92
CA GLY A 246 16.49 -20.69 -22.75
C GLY A 246 16.30 -21.06 -24.22
N LYS A 247 15.38 -20.35 -24.86
CA LYS A 247 15.04 -20.59 -26.26
C LYS A 247 16.03 -19.88 -27.19
N SER A 248 16.40 -20.58 -28.26
CA SER A 248 17.19 -19.99 -29.34
C SER A 248 16.45 -18.82 -29.99
N LEU A 249 17.22 -17.92 -30.60
CA LEU A 249 16.63 -16.72 -31.21
C LEU A 249 15.54 -17.10 -32.21
N GLN A 250 15.84 -18.02 -33.11
CA GLN A 250 14.88 -18.40 -34.14
C GLN A 250 13.67 -19.12 -33.58
N GLU A 251 13.67 -19.43 -32.27
CA GLU A 251 12.47 -19.94 -31.61
C GLU A 251 11.68 -18.84 -30.89
N GLY A 252 12.19 -17.61 -30.86
CA GLY A 252 11.56 -16.53 -30.12
C GLY A 252 12.35 -16.04 -28.92
N ALA A 253 13.34 -16.79 -28.48
CA ALA A 253 14.29 -16.38 -27.45
C ALA A 253 13.64 -16.17 -26.08
N THR A 254 12.42 -16.68 -25.85
CA THR A 254 11.83 -16.55 -24.53
C THR A 254 12.75 -17.15 -23.46
N GLY A 255 12.85 -16.44 -22.33
CA GLY A 255 13.73 -16.87 -21.27
C GLY A 255 13.16 -18.06 -20.53
N GLY A 256 14.06 -18.95 -20.09
CA GLY A 256 13.69 -20.15 -19.37
C GLY A 256 12.82 -19.97 -18.14
N HIS A 257 11.95 -20.95 -17.89
CA HIS A 257 11.32 -21.11 -16.59
C HIS A 257 12.39 -21.47 -15.55
N SER A 258 12.06 -21.26 -14.27
CA SER A 258 12.96 -21.73 -13.23
C SER A 258 12.74 -23.22 -13.01
N CYS A 259 13.60 -23.84 -12.19
CA CYS A 259 13.58 -25.29 -12.21
C CYS A 259 12.39 -25.80 -11.42
N PRO A 260 11.75 -26.90 -11.84
CA PRO A 260 10.60 -27.41 -11.09
C PRO A 260 10.99 -27.92 -9.71
N GLN A 261 12.25 -28.28 -9.50
CA GLN A 261 12.69 -28.63 -8.15
C GLN A 261 12.50 -27.46 -7.20
N ALA A 262 12.82 -26.25 -7.65
CA ALA A 262 12.59 -25.07 -6.85
C ALA A 262 11.10 -24.76 -6.71
N MET A 263 10.40 -24.71 -7.84
CA MET A 263 9.07 -24.10 -7.86
C MET A 263 7.99 -25.02 -7.30
N LYS A 264 8.20 -26.34 -7.36
CA LYS A 264 7.20 -27.25 -6.81
C LYS A 264 7.17 -27.23 -5.29
N LYS A 265 8.30 -26.92 -4.63
CA LYS A 265 8.36 -27.00 -3.18
C LYS A 265 8.56 -25.65 -2.50
N TRP A 266 9.67 -24.95 -2.76
CA TRP A 266 9.99 -23.78 -1.96
C TRP A 266 9.49 -22.49 -2.59
N GLY A 267 9.38 -22.43 -3.91
CA GLY A 267 8.73 -21.32 -4.58
C GLY A 267 9.62 -20.16 -4.96
N TRP A 268 10.95 -20.31 -4.83
CA TRP A 268 11.92 -19.27 -5.15
C TRP A 268 12.17 -19.23 -6.65
N GLU A 269 11.61 -18.24 -7.34
CA GLU A 269 11.57 -18.20 -8.80
C GLU A 269 12.69 -17.32 -9.35
N THR A 270 13.54 -17.90 -10.22
CA THR A 270 14.59 -17.17 -10.91
C THR A 270 14.59 -17.54 -12.39
N ARG A 271 13.89 -16.76 -13.21
CA ARG A 271 13.80 -17.05 -14.64
C ARG A 271 14.91 -16.36 -15.43
N GLY A 272 15.23 -16.95 -16.57
CA GLY A 272 16.12 -16.30 -17.52
C GLY A 272 15.46 -15.13 -18.22
N GLY A 273 16.30 -14.28 -18.81
CA GLY A 273 15.84 -13.09 -19.50
C GLY A 273 15.68 -13.26 -21.00
N PHE A 274 14.72 -12.52 -21.55
CA PHE A 274 14.71 -12.22 -22.98
C PHE A 274 16.08 -11.67 -23.39
N GLY A 275 16.76 -12.28 -24.35
CA GLY A 275 16.38 -13.49 -25.05
C GLY A 275 17.46 -14.55 -24.86
N GLY A 276 17.03 -15.75 -24.48
CA GLY A 276 17.91 -16.89 -24.36
C GLY A 276 18.33 -17.22 -22.94
N GLY A 277 18.15 -16.31 -21.99
CA GLY A 277 18.48 -16.54 -20.60
C GLY A 277 17.97 -17.86 -20.08
N GLY A 278 18.87 -18.71 -19.62
CA GLY A 278 18.47 -19.97 -19.02
C GLY A 278 17.88 -19.81 -17.63
N GLY A 279 16.96 -20.72 -17.31
CA GLY A 279 16.34 -20.75 -16.00
C GLY A 279 17.30 -21.09 -14.88
N GLY A 280 16.87 -20.78 -13.66
CA GLY A 280 17.70 -20.89 -12.46
C GLY A 280 17.23 -22.01 -11.55
N CYS A 281 18.19 -22.57 -10.80
CA CYS A 281 17.94 -23.58 -9.78
C CYS A 281 18.85 -23.19 -8.60
N SER A 282 19.28 -24.14 -7.78
CA SER A 282 20.44 -23.85 -6.94
C SER A 282 21.61 -23.40 -7.81
N SER A 283 21.91 -24.15 -8.87
CA SER A 283 22.86 -23.72 -9.85
C SER A 283 22.33 -22.49 -10.60
N GLY A 284 23.26 -21.68 -11.10
CA GLY A 284 22.87 -20.56 -11.91
C GLY A 284 22.60 -20.97 -13.35
N GLY A 285 21.83 -20.12 -14.04
CA GLY A 285 21.44 -20.43 -15.40
C GLY A 285 22.40 -19.81 -16.39
N GLY A 286 22.46 -20.40 -17.58
CA GLY A 286 23.38 -19.94 -18.58
C GLY A 286 22.82 -18.76 -19.36
N GLY A 287 23.74 -17.91 -19.83
CA GLY A 287 23.34 -16.73 -20.58
C GLY A 287 23.16 -17.01 -22.05
N GLY A 288 22.35 -16.17 -22.69
CA GLY A 288 22.10 -16.32 -24.11
C GLY A 288 23.29 -15.90 -24.95
N GLY A 289 23.39 -16.51 -26.13
CA GLY A 289 24.33 -16.05 -27.11
C GLY A 289 24.05 -16.62 -28.48
N TYR A 290 25.06 -16.50 -29.35
CA TYR A 290 25.12 -17.33 -30.55
C TYR A 290 25.18 -18.80 -30.16
N ILE A 291 26.04 -19.13 -29.20
CA ILE A 291 26.01 -20.40 -28.48
C ILE A 291 25.65 -20.08 -27.04
N GLY A 292 24.61 -20.71 -26.51
CA GLY A 292 24.23 -20.44 -25.15
C GLY A 292 25.25 -20.96 -24.16
N GLY A 293 25.41 -20.23 -23.07
CA GLY A 293 26.31 -20.65 -22.02
C GLY A 293 25.80 -21.89 -21.31
N ASN A 294 26.74 -22.71 -20.86
CA ASN A 294 26.41 -23.98 -20.23
C ASN A 294 25.96 -23.80 -18.78
N ALA A 295 25.04 -24.67 -18.38
CA ALA A 295 24.63 -24.79 -16.98
C ALA A 295 25.17 -26.12 -16.45
N ALA A 296 25.38 -26.17 -15.13
CA ALA A 296 25.93 -27.37 -14.54
C ALA A 296 25.03 -28.56 -14.81
N SER A 297 25.63 -29.76 -14.76
CA SER A 297 24.88 -30.97 -15.07
C SER A 297 24.06 -31.45 -13.88
N ASN A 298 24.50 -31.11 -12.67
CA ASN A 298 23.80 -31.39 -11.43
C ASN A 298 23.21 -30.08 -10.90
N ASN A 299 22.66 -30.12 -9.69
CA ASN A 299 22.18 -28.90 -9.04
C ASN A 299 23.20 -28.39 -8.03
N ASP A 300 24.44 -28.21 -8.47
CA ASP A 300 25.51 -27.84 -7.56
C ASP A 300 25.34 -26.39 -7.13
N PRO A 301 25.28 -26.09 -5.84
CA PRO A 301 25.00 -24.72 -5.40
C PRO A 301 26.19 -23.77 -5.48
N GLU A 302 27.36 -24.23 -5.89
CA GLU A 302 28.53 -23.37 -6.02
C GLU A 302 28.87 -23.07 -7.48
N MET A 303 28.03 -23.49 -8.41
CA MET A 303 28.36 -23.53 -9.83
C MET A 303 27.57 -22.47 -10.58
N ASP A 304 28.26 -21.40 -10.98
CA ASP A 304 27.65 -20.34 -11.76
C ASP A 304 27.32 -20.82 -13.17
N GLY A 305 26.23 -20.30 -13.72
CA GLY A 305 26.00 -20.46 -15.14
C GLY A 305 27.07 -19.73 -15.94
N GLU A 306 27.45 -20.31 -17.07
CA GLU A 306 28.44 -19.67 -17.93
C GLU A 306 27.79 -18.61 -18.81
N ASP A 307 28.58 -17.60 -19.14
CA ASP A 307 28.16 -16.61 -20.12
C ASP A 307 28.00 -17.28 -21.49
N GLY A 308 27.30 -16.60 -22.39
CA GLY A 308 27.17 -17.10 -23.73
C GLY A 308 28.34 -16.71 -24.59
N VAL A 309 28.38 -17.28 -25.78
CA VAL A 309 29.37 -16.93 -26.79
C VAL A 309 28.79 -15.83 -27.67
N SER A 310 29.56 -14.76 -27.87
CA SER A 310 29.16 -13.66 -28.73
C SER A 310 29.56 -13.94 -30.17
N PHE A 311 29.08 -13.08 -31.08
CA PHE A 311 29.29 -13.26 -32.51
C PHE A 311 29.36 -11.90 -33.20
N ILE A 312 30.31 -11.79 -34.13
CA ILE A 312 30.50 -10.61 -34.97
C ILE A 312 30.69 -11.10 -36.40
N SER A 313 29.91 -10.57 -37.32
CA SER A 313 30.07 -10.97 -38.71
C SER A 313 31.49 -10.67 -39.18
N PRO A 314 32.14 -11.60 -39.88
CA PRO A 314 33.48 -11.29 -40.42
C PRO A 314 33.45 -10.31 -41.57
N LEU A 315 32.31 -10.16 -42.25
CA LEU A 315 32.19 -9.12 -43.27
C LEU A 315 32.24 -7.72 -42.65
N GLY A 316 31.97 -7.59 -41.36
CA GLY A 316 32.11 -6.32 -40.67
C GLY A 316 33.44 -6.23 -39.93
N ILE A 317 33.70 -5.05 -39.39
CA ILE A 317 34.98 -4.74 -38.73
C ILE A 317 34.73 -4.65 -37.23
N LEU A 318 35.35 -5.54 -36.47
CA LEU A 318 35.38 -5.40 -35.02
C LEU A 318 36.26 -4.23 -34.62
N TYR A 319 35.83 -3.49 -33.59
CA TYR A 319 36.51 -2.28 -33.16
C TYR A 319 37.39 -2.49 -31.93
N THR A 320 37.04 -3.42 -31.05
CA THR A 320 37.78 -3.64 -29.81
C THR A 320 37.30 -4.95 -29.20
N PRO A 321 38.13 -5.68 -28.45
CA PRO A 321 37.70 -6.99 -27.95
C PRO A 321 36.43 -6.91 -27.12
N ALA A 322 35.68 -8.00 -27.13
CA ALA A 322 34.44 -8.08 -26.39
C ALA A 322 34.75 -8.02 -24.89
N LEU A 323 33.83 -7.43 -24.12
CA LEU A 323 34.13 -7.07 -22.75
C LEU A 323 32.86 -6.97 -21.91
N LYS A 324 32.86 -7.63 -20.75
CA LYS A 324 31.76 -7.57 -19.80
C LYS A 324 31.68 -6.18 -19.17
N VAL A 325 30.60 -5.44 -19.44
CA VAL A 325 30.38 -4.14 -18.81
C VAL A 325 28.98 -3.92 -18.26
N MET A 326 27.97 -4.59 -18.83
CA MET A 326 26.57 -4.24 -18.55
C MET A 326 26.13 -4.87 -17.24
N GLU A 327 25.63 -4.03 -16.33
CA GLU A 327 25.13 -4.48 -15.04
C GLU A 327 23.62 -4.73 -15.00
N GLY A 328 22.87 -4.36 -16.04
CA GLY A 328 21.44 -4.57 -16.05
C GLY A 328 20.91 -5.20 -17.32
N HIS A 329 19.90 -4.56 -17.93
CA HIS A 329 19.46 -4.95 -19.25
C HIS A 329 20.54 -4.64 -20.30
N GLY A 330 20.27 -5.08 -21.52
CA GLY A 330 21.12 -4.78 -22.66
C GLY A 330 20.76 -3.47 -23.31
N GLU A 331 21.41 -3.22 -24.44
CA GLU A 331 21.32 -1.94 -25.15
C GLU A 331 21.95 -2.12 -26.52
N VAL A 332 21.43 -1.39 -27.49
CA VAL A 332 22.07 -1.26 -28.79
C VAL A 332 22.14 0.22 -29.16
N ASN A 333 23.26 0.63 -29.73
CA ASN A 333 23.50 1.99 -30.16
C ASN A 333 23.94 2.00 -31.61
N ILE A 334 23.38 2.90 -32.40
CA ILE A 334 23.68 2.96 -33.84
C ILE A 334 23.89 4.42 -34.21
N LYS A 335 25.06 4.72 -34.79
CA LYS A 335 25.41 6.04 -35.27
C LYS A 335 26.03 5.95 -36.66
N HIS A 336 26.08 7.08 -37.35
CA HIS A 336 26.91 7.20 -38.54
C HIS A 336 28.39 7.18 -38.16
N TYR A 337 29.20 6.57 -39.02
CA TYR A 337 30.64 6.47 -38.80
C TYR A 337 31.41 7.49 -39.64
N LEU A 338 32.38 8.15 -39.02
CA LEU A 338 33.27 9.09 -39.70
C LEU A 338 34.53 8.34 -40.12
N ASN A 339 34.87 8.42 -41.41
CA ASN A 339 35.96 7.64 -42.04
C ASN A 339 36.89 8.55 -42.82
N VAL B 2 0.01 12.25 11.33
CA VAL B 2 1.23 12.99 11.63
C VAL B 2 1.43 14.10 10.62
N GLN B 3 1.39 15.36 11.09
CA GLN B 3 1.42 16.50 10.20
C GLN B 3 2.28 17.61 10.80
N LEU B 4 3.19 18.15 9.99
CA LEU B 4 3.94 19.36 10.32
C LEU B 4 3.62 20.46 9.30
N GLN B 5 3.26 21.64 9.79
CA GLN B 5 2.87 22.76 8.94
C GLN B 5 3.67 23.99 9.31
N GLN B 6 4.38 24.55 8.34
CA GLN B 6 5.32 25.63 8.53
C GLN B 6 4.71 26.99 8.19
N SER B 7 5.34 28.05 8.68
CA SER B 7 4.90 29.41 8.41
C SER B 7 5.29 29.85 7.00
N GLY B 8 4.64 30.92 6.54
CA GLY B 8 4.76 31.38 5.17
C GLY B 8 6.12 31.95 4.82
N ALA B 9 6.29 32.21 3.52
CA ALA B 9 7.52 32.75 2.97
C ALA B 9 7.89 34.09 3.59
N GLU B 10 9.17 34.45 3.46
CA GLU B 10 9.73 35.63 4.09
C GLU B 10 10.70 36.34 3.16
N LEU B 11 10.58 37.67 3.10
CA LEU B 11 11.49 38.53 2.35
C LEU B 11 11.97 39.63 3.28
N VAL B 12 13.28 39.65 3.58
CA VAL B 12 13.82 40.55 4.58
C VAL B 12 15.16 41.11 4.11
N LYS B 13 15.52 42.27 4.66
CA LYS B 13 16.76 42.96 4.29
C LYS B 13 17.95 42.41 5.08
N PRO B 14 19.15 42.45 4.50
CA PRO B 14 20.35 42.06 5.25
C PRO B 14 20.40 42.71 6.64
N GLY B 15 20.70 41.88 7.65
CA GLY B 15 20.84 42.31 9.02
C GLY B 15 19.66 41.95 9.89
N ALA B 16 18.52 41.65 9.29
CA ALA B 16 17.31 41.35 10.01
C ALA B 16 17.34 39.94 10.58
N SER B 17 16.26 39.57 11.25
CA SER B 17 16.07 38.23 11.80
C SER B 17 14.69 37.72 11.44
N VAL B 18 14.55 36.40 11.34
CA VAL B 18 13.25 35.78 11.15
C VAL B 18 13.08 34.63 12.14
N LYS B 19 11.82 34.29 12.39
CA LYS B 19 11.46 33.18 13.28
C LYS B 19 10.43 32.32 12.57
N ILE B 20 10.83 31.13 12.18
CA ILE B 20 10.03 30.22 11.37
C ILE B 20 9.36 29.19 12.26
N SER B 21 8.10 28.88 11.96
CA SER B 21 7.28 28.03 12.81
C SER B 21 7.08 26.66 12.19
N CYS B 22 6.94 25.67 13.06
CA CYS B 22 6.71 24.28 12.66
C CYS B 22 5.73 23.72 13.69
N LYS B 23 4.44 23.65 13.32
CA LYS B 23 3.38 23.22 14.22
C LYS B 23 3.02 21.76 13.98
N ALA B 24 3.19 20.93 15.01
CA ALA B 24 3.02 19.49 14.91
C ALA B 24 1.64 19.04 15.37
N SER B 25 1.18 17.94 14.78
CA SER B 25 -0.08 17.33 15.15
C SER B 25 0.00 15.83 14.91
N GLY B 26 -0.93 15.10 15.52
CA GLY B 26 -1.05 13.67 15.32
C GLY B 26 0.00 12.80 15.99
N TYR B 27 0.69 13.32 17.01
CA TYR B 27 1.66 12.50 17.74
C TYR B 27 2.13 13.27 18.96
N ALA B 28 2.87 12.58 19.82
CA ALA B 28 3.29 13.15 21.10
C ALA B 28 4.47 14.08 20.85
N PHE B 29 4.18 15.39 20.85
CA PHE B 29 5.21 16.38 20.55
C PHE B 29 6.44 16.23 21.42
N SER B 30 6.27 15.84 22.68
CA SER B 30 7.37 15.82 23.63
C SER B 30 8.17 14.53 23.59
N SER B 31 7.93 13.68 22.59
CA SER B 31 8.57 12.38 22.53
C SER B 31 9.40 12.15 21.26
N TYR B 32 9.52 13.16 20.39
CA TYR B 32 10.27 13.01 19.15
C TYR B 32 11.15 14.22 18.89
N TRP B 33 12.30 13.97 18.26
CA TRP B 33 13.20 15.04 17.84
C TRP B 33 12.66 15.74 16.61
N VAL B 34 12.79 17.06 16.60
CA VAL B 34 12.45 17.88 15.43
C VAL B 34 13.76 18.42 14.85
N ASN B 35 14.02 18.10 13.59
CA ASN B 35 15.21 18.52 12.87
C ASN B 35 14.87 19.68 11.93
N TRP B 36 15.89 20.47 11.59
CA TRP B 36 15.78 21.55 10.61
C TRP B 36 16.83 21.36 9.52
N VAL B 37 16.44 21.63 8.27
CA VAL B 37 17.24 21.31 7.09
C VAL B 37 17.20 22.49 6.13
N LYS B 38 18.37 22.84 5.58
CA LYS B 38 18.53 23.94 4.64
C LYS B 38 18.83 23.38 3.25
N GLN B 39 18.11 23.87 2.24
CA GLN B 39 18.23 23.38 0.86
C GLN B 39 18.35 24.54 -0.10
N ARG B 40 19.50 24.66 -0.76
CA ARG B 40 19.66 25.60 -1.86
C ARG B 40 19.89 24.87 -3.18
N PRO B 41 19.55 25.50 -4.31
CA PRO B 41 19.87 24.89 -5.61
C PRO B 41 21.35 24.53 -5.73
N GLY B 42 21.63 23.32 -6.21
CA GLY B 42 23.01 22.91 -6.39
C GLY B 42 23.82 22.79 -5.11
N LYS B 43 23.16 22.83 -3.95
CA LYS B 43 23.85 22.71 -2.66
C LYS B 43 23.35 21.53 -1.82
N GLY B 44 22.65 20.58 -2.44
CA GLY B 44 22.20 19.44 -1.67
C GLY B 44 21.34 19.84 -0.49
N LEU B 45 21.47 19.08 0.60
CA LEU B 45 20.81 19.37 1.86
C LEU B 45 21.84 19.59 2.96
N GLU B 46 21.53 20.51 3.88
CA GLU B 46 22.37 20.77 5.05
C GLU B 46 21.56 20.56 6.32
N TRP B 47 22.13 19.83 7.27
CA TRP B 47 21.52 19.64 8.58
C TRP B 47 21.96 20.75 9.52
N ILE B 48 21.00 21.42 10.14
CA ILE B 48 21.26 22.56 11.01
C ILE B 48 21.34 22.16 12.47
N GLY B 49 20.49 21.23 12.88
CA GLY B 49 20.40 20.84 14.27
C GLY B 49 19.04 20.22 14.56
N GLN B 50 18.87 19.83 15.83
CA GLN B 50 17.64 19.19 16.27
C GLN B 50 17.32 19.59 17.70
N ILE B 51 16.07 19.37 18.09
CA ILE B 51 15.59 19.68 19.44
C ILE B 51 14.63 18.60 19.90
N TYR B 52 14.70 18.25 21.18
CA TYR B 52 13.80 17.27 21.78
C TYR B 52 12.85 17.99 22.73
N PRO B 53 11.60 18.26 22.33
CA PRO B 53 10.75 19.16 23.13
C PRO B 53 10.54 18.71 24.57
N GLY B 54 10.58 17.41 24.84
CA GLY B 54 10.33 16.93 26.19
C GLY B 54 11.12 17.66 27.25
N ASP B 55 12.42 17.86 27.01
CA ASP B 55 13.31 18.49 27.98
C ASP B 55 14.19 19.59 27.41
N GLY B 56 13.91 20.06 26.19
CA GLY B 56 14.67 21.16 25.60
C GLY B 56 16.07 20.82 25.15
N ASP B 57 16.47 19.56 25.22
CA ASP B 57 17.78 19.16 24.73
C ASP B 57 17.94 19.54 23.25
N THR B 58 19.17 19.87 22.87
CA THR B 58 19.49 20.29 21.52
C THR B 58 20.80 19.66 21.06
N ASN B 59 20.93 19.46 19.75
CA ASN B 59 22.18 19.16 19.07
C ASN B 59 22.25 20.06 17.84
N TYR B 60 23.38 20.74 17.67
CA TYR B 60 23.55 21.68 16.57
C TYR B 60 24.66 21.20 15.64
N ASN B 61 24.53 21.60 14.37
CA ASN B 61 25.66 21.61 13.45
C ASN B 61 26.48 22.86 13.73
N GLY B 62 27.74 22.66 14.14
CA GLY B 62 28.55 23.79 14.58
C GLY B 62 28.57 24.93 13.59
N LYS B 63 28.46 24.62 12.30
CA LYS B 63 28.37 25.63 11.27
C LYS B 63 27.21 26.60 11.48
N PHE B 64 26.18 26.23 12.26
CA PHE B 64 25.01 27.06 12.44
C PHE B 64 24.79 27.57 13.86
N LYS B 65 25.72 27.31 14.78
CA LYS B 65 25.57 27.80 16.14
C LYS B 65 25.52 29.32 16.16
N GLY B 66 24.55 29.87 16.89
CA GLY B 66 24.38 31.31 16.98
C GLY B 66 23.83 31.96 15.74
N LYS B 67 23.77 31.25 14.62
CA LYS B 67 23.03 31.66 13.43
C LYS B 67 21.59 31.18 13.51
N ALA B 68 21.39 29.91 13.84
CA ALA B 68 20.09 29.37 14.15
C ALA B 68 19.98 29.13 15.65
N THR B 69 18.79 29.40 16.18
CA THR B 69 18.47 29.15 17.58
C THR B 69 17.17 28.39 17.61
N LEU B 70 17.21 27.16 18.12
CA LEU B 70 16.07 26.26 18.11
C LEU B 70 15.37 26.29 19.45
N THR B 71 14.03 26.33 19.42
CA THR B 71 13.23 26.26 20.63
C THR B 71 11.92 25.53 20.33
N ALA B 72 11.17 25.25 21.39
CA ALA B 72 9.92 24.52 21.29
C ALA B 72 8.98 24.96 22.38
N ASP B 73 7.69 25.05 22.06
CA ASP B 73 6.66 25.53 22.97
C ASP B 73 5.63 24.42 23.15
N LYS B 74 5.58 23.85 24.36
CA LYS B 74 4.73 22.68 24.59
C LYS B 74 3.25 23.03 24.62
N SER B 75 2.89 24.23 25.10
CA SER B 75 1.49 24.61 25.12
C SER B 75 0.87 24.53 23.72
N SER B 76 1.61 24.95 22.71
CA SER B 76 1.09 24.97 21.34
C SER B 76 1.61 23.83 20.47
N SER B 77 2.60 23.07 20.94
CA SER B 77 3.23 22.01 20.14
C SER B 77 3.84 22.59 18.86
N THR B 78 4.60 23.67 19.02
CA THR B 78 5.20 24.37 17.90
C THR B 78 6.70 24.48 18.10
N ALA B 79 7.46 24.09 17.07
CA ALA B 79 8.91 24.21 17.08
C ALA B 79 9.28 25.42 16.25
N TYR B 80 10.15 26.27 16.79
CA TYR B 80 10.60 27.48 16.13
C TYR B 80 12.07 27.36 15.75
N MET B 81 12.44 28.06 14.67
CA MET B 81 13.83 28.29 14.32
C MET B 81 14.01 29.78 14.06
N GLN B 82 14.90 30.41 14.81
CA GLN B 82 15.24 31.82 14.62
C GLN B 82 16.59 31.94 13.92
N LEU B 83 16.64 32.70 12.84
CA LEU B 83 17.86 33.00 12.10
C LEU B 83 18.22 34.48 12.27
N SER B 84 19.47 34.73 12.69
CA SER B 84 19.96 36.07 13.02
C SER B 84 20.96 36.58 11.99
N SER B 85 21.11 37.91 11.95
CA SER B 85 22.16 38.58 11.19
C SER B 85 22.19 38.10 9.75
N LEU B 86 21.04 38.26 9.09
CA LEU B 86 20.84 37.58 7.83
C LEU B 86 21.71 38.17 6.72
N THR B 87 22.14 37.29 5.82
CA THR B 87 22.94 37.64 4.67
C THR B 87 22.38 36.90 3.46
N SER B 88 22.98 37.15 2.31
CA SER B 88 22.53 36.49 1.09
C SER B 88 22.80 35.01 1.13
N GLU B 89 23.75 34.57 1.96
CA GLU B 89 24.03 33.15 2.13
C GLU B 89 22.92 32.41 2.86
N ASP B 90 22.03 33.12 3.52
CA ASP B 90 20.90 32.51 4.20
C ASP B 90 19.70 32.27 3.30
N SER B 91 19.66 32.89 2.12
CA SER B 91 18.55 32.69 1.20
C SER B 91 18.48 31.22 0.81
N ALA B 92 17.36 30.59 1.12
CA ALA B 92 17.26 29.15 0.98
C ALA B 92 15.84 28.70 1.26
N VAL B 93 15.59 27.42 1.09
CA VAL B 93 14.39 26.76 1.58
C VAL B 93 14.75 26.03 2.86
N TYR B 94 13.92 26.18 3.90
CA TYR B 94 14.16 25.54 5.19
C TYR B 94 13.01 24.60 5.50
N PHE B 95 13.35 23.37 5.89
CA PHE B 95 12.38 22.35 6.25
C PHE B 95 12.52 22.00 7.73
N CYS B 96 11.40 21.72 8.39
CA CYS B 96 11.44 20.97 9.65
C CYS B 96 11.00 19.54 9.37
N ALA B 97 11.57 18.60 10.14
CA ALA B 97 11.26 17.20 9.94
C ALA B 97 11.39 16.44 11.26
N ARG B 98 10.43 15.57 11.51
CA ARG B 98 10.50 14.68 12.65
C ARG B 98 11.39 13.48 12.32
N SER B 99 12.14 13.01 13.30
CA SER B 99 12.90 11.78 13.19
C SER B 99 12.48 10.82 14.30
N ARG B 100 12.76 9.53 14.08
CA ARG B 100 12.45 8.47 15.03
C ARG B 100 13.75 7.85 15.52
N GLY B 101 13.65 6.89 16.44
CA GLY B 101 14.79 6.39 17.16
C GLY B 101 15.62 5.37 16.41
N TYR B 102 16.46 4.64 17.18
CA TYR B 102 17.40 3.70 16.57
C TYR B 102 16.67 2.64 15.74
N PHE B 103 15.51 2.20 16.19
CA PHE B 103 14.81 1.13 15.48
C PHE B 103 14.37 1.56 14.09
N TYR B 104 14.29 2.88 13.86
CA TYR B 104 13.91 3.43 12.56
C TYR B 104 15.10 4.04 11.82
N GLY B 105 16.33 3.68 12.22
CA GLY B 105 17.50 4.27 11.61
C GLY B 105 17.73 5.71 12.00
N SER B 106 17.12 6.17 13.09
CA SER B 106 17.31 7.53 13.58
C SER B 106 17.11 8.57 12.48
N THR B 107 16.27 8.26 11.50
CA THR B 107 16.11 9.09 10.32
C THR B 107 14.80 9.87 10.33
N TYR B 108 14.72 10.84 9.41
CA TYR B 108 13.52 11.65 9.25
C TYR B 108 12.37 10.81 8.67
N ASP B 109 11.14 11.09 9.12
CA ASP B 109 9.99 10.37 8.58
C ASP B 109 8.78 11.25 8.30
N SER B 110 8.86 12.56 8.48
CA SER B 110 7.70 13.41 8.28
C SER B 110 8.16 14.85 8.18
N TRP B 111 7.87 15.52 7.07
CA TRP B 111 8.46 16.81 6.75
C TRP B 111 7.39 17.88 6.66
N GLY B 112 7.70 19.04 7.25
CA GLY B 112 6.98 20.27 6.90
C GLY B 112 7.08 20.53 5.42
N GLN B 113 6.26 21.47 4.92
CA GLN B 113 6.22 21.76 3.49
C GLN B 113 7.30 22.73 3.03
N GLY B 114 8.14 23.22 3.92
CA GLY B 114 9.20 24.12 3.57
C GLY B 114 8.81 25.58 3.75
N THR B 115 9.82 26.42 3.96
CA THR B 115 9.65 27.86 4.13
C THR B 115 10.74 28.55 3.33
N THR B 116 10.35 29.46 2.45
CA THR B 116 11.30 30.14 1.58
C THR B 116 11.71 31.47 2.20
N LEU B 117 13.02 31.64 2.39
CA LEU B 117 13.60 32.89 2.87
C LEU B 117 14.36 33.55 1.73
N THR B 118 14.16 34.85 1.56
CA THR B 118 14.90 35.66 0.59
C THR B 118 15.49 36.87 1.30
N VAL B 119 16.79 37.08 1.11
CA VAL B 119 17.51 38.18 1.74
C VAL B 119 18.05 39.08 0.64
N SER B 120 17.51 40.29 0.52
CA SER B 120 17.92 41.19 -0.55
C SER B 120 17.52 42.63 -0.27
N SER B 121 18.39 43.56 -0.68
CA SER B 121 18.10 45.00 -0.70
C SER B 121 17.75 45.38 -2.14
N ALA B 122 16.52 45.07 -2.57
CA ALA B 122 16.22 45.15 -4.00
C ALA B 122 15.07 46.08 -4.41
N LYS B 123 14.01 46.24 -3.61
CA LYS B 123 12.96 47.17 -4.02
C LYS B 123 12.25 46.78 -5.31
N THR B 124 11.07 46.15 -5.19
CA THR B 124 10.29 45.71 -6.34
C THR B 124 10.58 46.56 -7.57
N THR B 125 10.94 45.89 -8.67
CA THR B 125 11.28 46.54 -9.91
C THR B 125 10.47 45.90 -11.03
N PRO B 126 9.84 46.69 -11.89
CA PRO B 126 9.07 46.10 -13.00
C PRO B 126 10.01 45.65 -14.10
N PRO B 127 9.65 44.62 -14.84
CA PRO B 127 10.54 44.12 -15.89
C PRO B 127 10.59 45.03 -17.10
N SER B 128 11.68 44.91 -17.84
CA SER B 128 11.80 45.43 -19.19
C SER B 128 11.75 44.22 -20.12
N VAL B 129 10.93 44.30 -21.16
CA VAL B 129 10.69 43.18 -22.05
C VAL B 129 11.21 43.55 -23.43
N TYR B 130 12.06 42.68 -23.99
CA TYR B 130 12.72 42.96 -25.26
C TYR B 130 12.55 41.76 -26.19
N PRO B 131 12.18 41.97 -27.46
CA PRO B 131 12.02 40.87 -28.42
C PRO B 131 13.33 40.36 -29.01
N SER B 142 12.38 26.26 -42.68
CA SER B 142 11.29 25.34 -42.35
C SER B 142 10.53 25.83 -41.13
N MET B 143 11.14 25.62 -39.95
CA MET B 143 10.60 26.10 -38.68
C MET B 143 11.48 27.26 -38.21
N VAL B 144 10.85 28.28 -37.63
CA VAL B 144 11.56 29.45 -37.13
C VAL B 144 11.32 29.57 -35.63
N THR B 145 12.38 29.88 -34.89
CA THR B 145 12.31 30.08 -33.45
C THR B 145 12.54 31.55 -33.12
N LEU B 146 11.72 32.08 -32.22
CA LEU B 146 11.80 33.47 -31.79
C LEU B 146 11.78 33.51 -30.28
N GLY B 147 12.05 34.69 -29.71
CA GLY B 147 12.23 34.79 -28.27
C GLY B 147 11.73 36.09 -27.69
N CYS B 148 11.76 36.15 -26.36
CA CYS B 148 11.26 37.29 -25.60
C CYS B 148 12.15 37.40 -24.37
N LEU B 149 12.82 38.55 -24.22
CA LEU B 149 13.82 38.77 -23.17
C LEU B 149 13.26 39.63 -22.05
N VAL B 150 13.39 39.14 -20.81
CA VAL B 150 12.90 39.82 -19.61
C VAL B 150 14.09 40.08 -18.69
N LYS B 151 14.49 41.35 -18.53
CA LYS B 151 15.81 41.67 -17.98
C LYS B 151 15.83 42.30 -16.59
N GLY B 152 15.12 43.39 -16.33
CA GLY B 152 15.20 43.96 -14.99
C GLY B 152 13.98 43.83 -14.10
N TYR B 153 13.94 42.85 -13.19
CA TYR B 153 12.83 42.76 -12.26
C TYR B 153 13.26 42.19 -10.92
N PHE B 154 12.39 42.38 -9.91
CA PHE B 154 12.50 41.81 -8.58
C PHE B 154 11.13 41.92 -7.94
N PRO B 155 10.66 40.92 -7.19
CA PRO B 155 11.21 39.60 -6.86
C PRO B 155 11.06 38.58 -7.98
N GLU B 156 11.20 37.30 -7.64
CA GLU B 156 11.53 36.26 -8.60
C GLU B 156 10.34 35.84 -9.47
N PRO B 157 9.14 35.67 -8.92
CA PRO B 157 8.05 35.10 -9.75
C PRO B 157 7.79 35.92 -11.00
N VAL B 158 7.93 35.27 -12.17
CA VAL B 158 7.47 35.82 -13.44
C VAL B 158 6.84 34.66 -14.22
N THR B 159 5.91 34.99 -15.10
CA THR B 159 5.19 34.01 -15.90
C THR B 159 5.17 34.49 -17.33
N VAL B 160 5.79 33.73 -18.22
CA VAL B 160 5.78 34.02 -19.66
C VAL B 160 4.82 33.05 -20.33
N THR B 161 3.89 33.58 -21.12
CA THR B 161 2.97 32.79 -21.93
C THR B 161 3.00 33.31 -23.36
N TRP B 162 2.42 32.52 -24.27
CA TRP B 162 2.36 32.86 -25.69
C TRP B 162 0.93 32.73 -26.19
N ASN B 163 0.39 33.82 -26.72
CA ASN B 163 -0.99 33.88 -27.22
C ASN B 163 -1.98 33.42 -26.16
N SER B 164 -1.83 33.97 -24.96
CA SER B 164 -2.78 33.75 -23.86
C SER B 164 -2.91 32.29 -23.45
N GLY B 165 -1.98 31.42 -23.86
CA GLY B 165 -2.02 30.02 -23.52
C GLY B 165 -2.45 29.10 -24.66
N SER B 166 -3.12 29.64 -25.68
CA SER B 166 -3.61 28.81 -26.78
C SER B 166 -2.48 28.21 -27.60
N LEU B 167 -1.28 28.79 -27.53
CA LEU B 167 -0.09 28.34 -28.24
C LEU B 167 0.85 27.78 -27.18
N SER B 168 0.82 26.46 -27.00
CA SER B 168 1.42 25.83 -25.83
C SER B 168 2.56 24.87 -26.14
N SER B 169 2.56 24.22 -27.31
CA SER B 169 3.68 23.35 -27.66
C SER B 169 4.82 24.13 -28.28
N GLY B 170 6.03 23.64 -28.06
CA GLY B 170 7.26 24.24 -28.57
C GLY B 170 7.70 25.51 -27.87
N VAL B 171 7.49 25.61 -26.56
CA VAL B 171 7.92 26.76 -25.76
C VAL B 171 9.00 26.29 -24.79
N HIS B 172 10.04 27.12 -24.61
CA HIS B 172 11.08 26.88 -23.62
C HIS B 172 11.26 28.16 -22.81
N THR B 173 10.98 28.11 -21.52
CA THR B 173 11.26 29.23 -20.62
C THR B 173 12.38 28.83 -19.68
N PHE B 174 13.45 29.64 -19.67
CA PHE B 174 14.72 29.34 -18.99
C PHE B 174 14.73 29.90 -17.57
N PRO B 175 15.30 29.15 -16.63
CA PRO B 175 15.43 29.66 -15.25
C PRO B 175 16.03 31.05 -15.21
N ALA B 176 15.61 31.82 -14.22
CA ALA B 176 16.12 33.17 -14.07
C ALA B 176 17.56 33.15 -13.57
N VAL B 177 18.31 34.15 -13.99
CA VAL B 177 19.67 34.37 -13.51
C VAL B 177 19.62 35.63 -12.67
N LEU B 178 20.57 35.76 -11.74
CA LEU B 178 20.61 36.93 -10.87
C LEU B 178 21.76 37.80 -11.36
N GLN B 179 21.45 39.05 -11.70
CA GLN B 179 22.42 40.00 -12.20
C GLN B 179 22.32 41.26 -11.36
N SER B 180 23.39 41.57 -10.64
CA SER B 180 23.48 42.81 -9.86
C SER B 180 22.20 43.07 -9.08
N ASP B 181 21.70 42.03 -8.43
CA ASP B 181 20.54 42.05 -7.52
C ASP B 181 19.20 42.14 -8.24
N LEU B 182 19.16 42.02 -9.56
CA LEU B 182 17.93 41.89 -10.32
C LEU B 182 17.98 40.59 -11.11
N TYR B 183 16.81 40.08 -11.48
CA TYR B 183 16.73 38.82 -12.21
C TYR B 183 16.53 39.04 -13.70
N THR B 184 17.06 38.10 -14.49
CA THR B 184 16.90 38.09 -15.94
C THR B 184 16.65 36.67 -16.40
N LEU B 185 15.67 36.49 -17.29
CA LEU B 185 15.38 35.19 -17.89
C LEU B 185 15.02 35.39 -19.36
N SER B 186 14.91 34.27 -20.08
CA SER B 186 14.56 34.29 -21.49
C SER B 186 13.56 33.20 -21.81
N SER B 187 12.77 33.42 -22.87
CA SER B 187 11.81 32.44 -23.34
C SER B 187 11.95 32.27 -24.85
N SER B 188 11.70 31.04 -25.33
CA SER B 188 11.70 30.74 -26.76
C SER B 188 10.36 30.17 -27.20
N VAL B 189 10.04 30.38 -28.47
CA VAL B 189 8.85 29.82 -29.11
C VAL B 189 9.20 29.42 -30.53
N THR B 190 8.78 28.22 -30.93
CA THR B 190 9.05 27.69 -32.26
C THR B 190 7.73 27.53 -33.03
N VAL B 191 7.69 28.07 -34.24
CA VAL B 191 6.51 27.97 -35.10
C VAL B 191 6.96 27.74 -36.53
N PRO B 192 6.12 27.06 -37.32
CA PRO B 192 6.40 26.94 -38.76
C PRO B 192 6.55 28.33 -39.40
N SER B 193 7.52 28.44 -40.31
CA SER B 193 7.63 29.66 -41.10
C SER B 193 6.36 29.95 -41.89
N SER B 194 5.51 28.94 -42.09
CA SER B 194 4.25 29.12 -42.82
C SER B 194 3.18 29.75 -41.95
N THR B 195 3.46 30.01 -40.67
CA THR B 195 2.52 30.67 -39.77
C THR B 195 3.03 32.00 -39.25
N TRP B 196 4.33 32.27 -39.31
CA TRP B 196 4.96 33.53 -38.97
C TRP B 196 5.94 33.85 -40.09
N PRO B 197 6.03 35.11 -40.54
CA PRO B 197 5.30 36.31 -40.09
C PRO B 197 3.88 36.44 -40.62
N SER B 198 3.33 35.41 -41.26
CA SER B 198 2.02 35.57 -41.90
C SER B 198 0.96 35.96 -40.88
N GLU B 199 1.08 35.46 -39.65
CA GLU B 199 0.28 35.94 -38.52
C GLU B 199 1.23 36.17 -37.35
N THR B 200 0.87 37.11 -36.48
CA THR B 200 1.68 37.44 -35.32
C THR B 200 1.27 36.65 -34.09
N VAL B 201 2.25 36.19 -33.33
CA VAL B 201 2.03 35.56 -32.03
C VAL B 201 2.83 36.36 -31.01
N THR B 202 2.31 36.50 -29.79
CA THR B 202 2.85 37.48 -28.85
C THR B 202 3.23 36.85 -27.52
N CYS B 203 4.42 37.22 -27.02
CA CYS B 203 4.78 36.85 -25.65
C CYS B 203 4.05 37.74 -24.65
N ASN B 204 3.48 37.11 -23.64
CA ASN B 204 2.83 37.80 -22.52
C ASN B 204 3.66 37.59 -21.25
N VAL B 205 4.15 38.69 -20.70
CA VAL B 205 4.96 38.68 -19.48
C VAL B 205 4.14 39.28 -18.35
N ALA B 206 4.07 38.57 -17.23
CA ALA B 206 3.38 39.04 -16.03
C ALA B 206 4.35 39.09 -14.87
N HIS B 207 4.35 40.21 -14.14
CA HIS B 207 5.14 40.40 -12.92
C HIS B 207 4.15 40.72 -11.81
N PRO B 208 3.53 39.71 -11.21
CA PRO B 208 2.46 39.98 -10.23
C PRO B 208 2.87 40.94 -9.11
N ALA B 209 4.11 40.87 -8.62
CA ALA B 209 4.53 41.77 -7.55
C ALA B 209 4.34 43.23 -7.93
N SER B 210 4.45 43.56 -9.23
CA SER B 210 4.22 44.91 -9.71
C SER B 210 2.90 45.06 -10.46
N SER B 211 2.01 44.07 -10.37
CA SER B 211 0.72 44.12 -11.05
C SER B 211 0.91 44.54 -12.51
N THR B 212 1.80 43.84 -13.20
CA THR B 212 2.22 44.19 -14.55
C THR B 212 1.92 43.03 -15.48
N LYS B 213 1.28 43.33 -16.61
CA LYS B 213 1.11 42.40 -17.71
C LYS B 213 1.41 43.14 -19.00
N VAL B 214 2.27 42.55 -19.85
CA VAL B 214 2.70 43.17 -21.08
C VAL B 214 2.61 42.18 -22.23
N ASP B 215 2.10 42.64 -23.37
CA ASP B 215 2.03 41.87 -24.60
C ASP B 215 2.99 42.48 -25.61
N LYS B 216 3.75 41.62 -26.30
CA LYS B 216 4.72 42.07 -27.29
C LYS B 216 4.55 41.31 -28.60
N LYS B 217 4.47 42.05 -29.72
CA LYS B 217 4.41 41.45 -31.03
C LYS B 217 5.80 41.09 -31.53
N ILE B 218 5.92 39.96 -32.22
CA ILE B 218 7.17 39.51 -32.81
C ILE B 218 7.15 39.85 -34.29
N VAL B 219 7.90 40.85 -34.70
CA VAL B 219 8.03 41.14 -36.13
C VAL B 219 9.28 41.99 -36.31
N PRO B 220 10.16 41.67 -37.28
CA PRO B 220 11.34 42.49 -37.57
C PRO B 220 11.01 43.85 -38.16
N ASP C 1 33.21 15.41 11.31
CA ASP C 1 31.98 14.80 10.71
C ASP C 1 32.29 13.44 10.08
N ILE C 2 31.24 12.64 9.87
CA ILE C 2 31.32 11.44 9.05
C ILE C 2 30.94 11.83 7.63
N VAL C 3 31.88 11.70 6.72
CA VAL C 3 31.73 12.18 5.35
C VAL C 3 31.11 11.08 4.52
N LEU C 4 30.09 11.42 3.73
CA LEU C 4 29.43 10.47 2.84
C LEU C 4 29.74 10.89 1.40
N THR C 5 30.32 9.97 0.63
CA THR C 5 30.68 10.21 -0.76
C THR C 5 29.66 9.48 -1.64
N GLN C 6 28.72 10.25 -2.20
CA GLN C 6 27.67 9.71 -3.06
C GLN C 6 28.14 9.77 -4.50
N SER C 7 27.85 8.71 -5.26
CA SER C 7 28.26 8.66 -6.65
C SER C 7 27.30 7.82 -7.49
N PRO C 8 27.05 8.22 -8.75
CA PRO C 8 27.50 9.46 -9.38
C PRO C 8 26.63 10.67 -9.03
N ALA C 9 27.13 11.87 -9.36
CA ALA C 9 26.34 13.08 -9.18
C ALA C 9 25.21 13.17 -10.19
N SER C 10 25.37 12.53 -11.34
CA SER C 10 24.35 12.48 -12.38
C SER C 10 24.23 11.06 -12.88
N LEU C 11 23.02 10.68 -13.26
CA LEU C 11 22.77 9.33 -13.74
C LEU C 11 21.55 9.34 -14.64
N ALA C 12 21.71 8.80 -15.84
CA ALA C 12 20.64 8.75 -16.83
C ALA C 12 20.35 7.29 -17.16
N VAL C 13 19.08 6.93 -17.20
CA VAL C 13 18.65 5.53 -17.24
C VAL C 13 17.46 5.42 -18.17
N SER C 14 17.50 4.44 -19.06
CA SER C 14 16.36 4.18 -19.92
C SER C 14 15.24 3.53 -19.14
N LEU C 15 14.00 3.72 -19.61
CA LEU C 15 12.86 3.09 -18.97
C LEU C 15 13.07 1.58 -18.91
N GLY C 16 12.86 1.01 -17.73
CA GLY C 16 13.01 -0.41 -17.51
C GLY C 16 14.38 -0.82 -17.01
N GLN C 17 15.37 0.06 -17.14
CA GLN C 17 16.76 -0.28 -16.89
C GLN C 17 17.08 -0.14 -15.41
N ARG C 18 18.27 -0.64 -15.04
CA ARG C 18 18.73 -0.64 -13.66
C ARG C 18 19.50 0.63 -13.35
N ALA C 19 19.19 1.24 -12.21
CA ALA C 19 19.91 2.39 -11.68
C ALA C 19 20.56 2.00 -10.36
N THR C 20 21.85 2.28 -10.21
CA THR C 20 22.62 1.96 -9.01
C THR C 20 23.32 3.21 -8.51
N ILE C 21 23.07 3.56 -7.25
CA ILE C 21 23.69 4.70 -6.61
C ILE C 21 24.49 4.20 -5.41
N SER C 22 25.69 4.73 -5.22
CA SER C 22 26.61 4.28 -4.18
C SER C 22 26.83 5.40 -3.18
N CYS C 23 27.07 4.99 -1.93
CA CYS C 23 27.39 5.91 -0.85
C CYS C 23 28.46 5.23 0.00
N ARG C 24 29.61 5.88 0.13
CA ARG C 24 30.71 5.35 0.93
C ARG C 24 30.95 6.29 2.10
N ALA C 25 31.10 5.73 3.30
CA ALA C 25 31.29 6.53 4.50
C ALA C 25 32.75 6.47 4.94
N SER C 26 33.24 7.57 5.51
CA SER C 26 34.62 7.65 5.95
C SER C 26 34.87 6.80 7.19
N GLU C 27 33.82 6.27 7.80
CA GLU C 27 33.90 5.52 9.04
C GLU C 27 32.65 4.66 9.10
N SER C 28 32.73 3.56 9.87
CA SER C 28 31.59 2.67 9.95
C SER C 28 30.38 3.39 10.53
N VAL C 29 29.21 3.10 9.99
CA VAL C 29 27.96 3.65 10.52
C VAL C 29 27.14 2.56 11.21
N ASP C 30 27.76 1.44 11.55
CA ASP C 30 27.09 0.37 12.28
C ASP C 30 27.19 0.65 13.76
N ASN C 31 26.10 0.39 14.47
CA ASN C 31 26.09 0.48 15.93
C ASN C 31 24.92 -0.35 16.41
N TYR C 32 25.18 -1.20 17.39
CA TYR C 32 24.15 -2.05 17.99
C TYR C 32 23.57 -3.05 16.99
N GLY C 33 24.37 -3.44 16.00
CA GLY C 33 23.88 -4.32 14.96
C GLY C 33 23.00 -3.66 13.93
N ILE C 34 22.87 -2.34 13.97
CA ILE C 34 22.07 -1.58 13.01
C ILE C 34 23.02 -0.72 12.19
N SER C 35 22.67 -0.50 10.92
CA SER C 35 23.42 0.39 10.04
C SER C 35 22.59 1.65 9.82
N PHE C 36 23.16 2.79 10.17
CA PHE C 36 22.37 4.03 10.22
C PHE C 36 22.48 4.80 8.93
N MET C 37 22.46 4.07 7.81
CA MET C 37 22.40 4.63 6.48
C MET C 37 20.95 4.69 5.99
N ASN C 38 20.54 5.84 5.48
CA ASN C 38 19.17 6.02 5.00
C ASN C 38 19.17 6.73 3.65
N TRP C 39 18.10 6.50 2.88
CA TRP C 39 18.00 7.01 1.53
C TRP C 39 16.73 7.83 1.37
N PHE C 40 16.82 8.89 0.56
CA PHE C 40 15.70 9.81 0.39
C PHE C 40 15.56 10.20 -1.07
N GLN C 41 14.31 10.46 -1.45
CA GLN C 41 13.95 11.02 -2.74
C GLN C 41 13.34 12.40 -2.52
N GLN C 42 13.70 13.35 -3.40
CA GLN C 42 13.10 14.68 -3.37
C GLN C 42 12.84 15.14 -4.79
N LYS C 43 11.58 15.36 -5.11
CA LYS C 43 11.22 15.96 -6.38
C LYS C 43 11.10 17.48 -6.24
N PRO C 44 11.14 18.19 -7.36
CA PRO C 44 11.05 19.66 -7.33
C PRO C 44 9.83 20.17 -6.57
N GLY C 45 10.08 21.10 -5.65
CA GLY C 45 9.03 21.79 -4.92
C GLY C 45 8.40 21.02 -3.79
N GLN C 46 8.86 19.81 -3.53
CA GLN C 46 8.33 18.95 -2.49
C GLN C 46 9.40 18.72 -1.43
N PRO C 47 9.00 18.35 -0.22
CA PRO C 47 9.98 17.89 0.76
C PRO C 47 10.55 16.54 0.34
N PRO C 48 11.63 16.10 0.97
CA PRO C 48 12.13 14.74 0.70
C PRO C 48 11.19 13.68 1.25
N LYS C 49 11.32 12.48 0.69
CA LYS C 49 10.53 11.32 1.12
C LYS C 49 11.48 10.18 1.48
N LEU C 50 11.22 9.55 2.61
CA LEU C 50 12.03 8.42 3.05
C LEU C 50 11.76 7.20 2.16
N LEU C 51 12.84 6.63 1.61
CA LEU C 51 12.76 5.40 0.82
C LEU C 51 13.21 4.17 1.59
N ILE C 52 14.31 4.28 2.33
CA ILE C 52 14.99 3.12 2.91
C ILE C 52 15.56 3.58 4.23
N TYR C 53 15.29 2.84 5.30
CA TYR C 53 15.86 3.16 6.60
C TYR C 53 16.69 2.00 7.11
N ALA C 54 17.72 2.33 7.89
CA ALA C 54 18.62 1.33 8.49
C ALA C 54 19.21 0.42 7.41
N ALA C 55 19.51 1.02 6.27
CA ALA C 55 20.21 0.44 5.13
C ALA C 55 19.44 -0.56 4.27
N SER C 56 18.36 -1.16 4.78
CA SER C 56 17.77 -2.29 4.07
C SER C 56 16.24 -2.35 4.09
N ASN C 57 15.57 -1.44 4.75
CA ASN C 57 14.17 -1.63 5.14
C ASN C 57 13.28 -0.70 4.33
N GLN C 58 12.26 -1.27 3.70
CA GLN C 58 11.35 -0.45 2.92
C GLN C 58 10.66 0.54 3.84
N GLY C 59 10.56 1.76 3.39
CA GLY C 59 9.69 2.69 4.07
C GLY C 59 8.24 2.41 3.73
N SER C 60 7.34 2.95 4.53
CA SER C 60 5.93 2.71 4.28
C SER C 60 5.58 3.18 2.88
N GLY C 61 4.88 2.35 2.13
CA GLY C 61 4.43 2.74 0.81
C GLY C 61 5.52 3.03 -0.20
N VAL C 62 6.71 2.46 -0.04
CA VAL C 62 7.76 2.60 -1.02
C VAL C 62 7.69 1.41 -1.96
N PRO C 63 7.52 1.61 -3.27
CA PRO C 63 7.36 0.47 -4.19
C PRO C 63 8.56 -0.46 -4.15
N ALA C 64 8.32 -1.70 -4.62
CA ALA C 64 9.32 -2.76 -4.48
C ALA C 64 10.56 -2.52 -5.34
N ARG C 65 10.43 -1.78 -6.44
CA ARG C 65 11.58 -1.56 -7.32
C ARG C 65 12.72 -0.83 -6.61
N PHE C 66 12.44 -0.13 -5.50
CA PHE C 66 13.50 0.44 -4.67
C PHE C 66 13.96 -0.57 -3.64
N SER C 67 15.27 -0.64 -3.43
CA SER C 67 15.86 -1.59 -2.49
C SER C 67 17.21 -1.06 -2.05
N GLY C 68 17.52 -1.23 -0.77
CA GLY C 68 18.76 -0.73 -0.20
C GLY C 68 19.64 -1.86 0.28
N SER C 69 20.95 -1.69 0.10
CA SER C 69 21.94 -2.72 0.31
C SER C 69 23.15 -2.13 1.00
N GLY C 70 23.88 -2.95 1.75
CA GLY C 70 25.17 -2.58 2.28
C GLY C 70 25.25 -2.70 3.79
N SER C 71 26.45 -2.37 4.30
CA SER C 71 26.80 -2.45 5.71
C SER C 71 28.16 -1.78 5.87
N GLY C 72 28.48 -1.38 7.10
CA GLY C 72 29.77 -0.80 7.38
C GLY C 72 30.03 0.56 6.74
N THR C 73 30.87 0.61 5.71
CA THR C 73 31.18 1.86 5.03
C THR C 73 30.66 1.94 3.59
N ASP C 74 30.15 0.84 3.02
CA ASP C 74 29.66 0.82 1.65
C ASP C 74 28.18 0.49 1.60
N PHE C 75 27.42 1.25 0.81
CA PHE C 75 25.99 1.08 0.71
C PHE C 75 25.54 1.44 -0.70
N SER C 76 24.32 1.01 -1.04
CA SER C 76 23.85 1.12 -2.41
C SER C 76 22.33 1.19 -2.43
N LEU C 77 21.82 2.03 -3.31
CA LEU C 77 20.40 2.13 -3.64
C LEU C 77 20.23 1.61 -5.05
N ASN C 78 19.40 0.58 -5.22
CA ASN C 78 19.07 0.05 -6.53
C ASN C 78 17.61 0.31 -6.87
N ILE C 79 17.38 0.81 -8.08
CA ILE C 79 16.04 0.98 -8.63
C ILE C 79 15.94 0.09 -9.86
N HIS C 80 14.95 -0.81 -9.87
CA HIS C 80 14.77 -1.66 -11.04
C HIS C 80 13.41 -2.36 -11.03
N PRO C 81 12.64 -2.29 -12.13
CA PRO C 81 12.89 -1.51 -13.34
C PRO C 81 12.65 -0.01 -13.18
N MET C 82 13.47 0.79 -13.85
CA MET C 82 13.31 2.24 -13.80
C MET C 82 11.97 2.62 -14.44
N GLU C 83 11.24 3.51 -13.77
CA GLU C 83 10.00 4.03 -14.33
C GLU C 83 10.05 5.54 -14.48
N GLU C 84 9.13 6.05 -15.30
CA GLU C 84 9.16 7.46 -15.70
C GLU C 84 9.02 8.38 -14.49
N ASP C 85 8.22 7.99 -13.51
CA ASP C 85 7.95 8.85 -12.37
C ASP C 85 9.08 8.80 -11.32
N ASP C 86 10.22 8.21 -11.67
CA ASP C 86 11.34 8.07 -10.75
C ASP C 86 12.45 9.11 -10.97
N THR C 87 12.29 10.02 -11.92
CA THR C 87 13.26 11.10 -12.09
C THR C 87 13.16 12.06 -10.90
N ALA C 88 14.27 12.24 -10.20
CA ALA C 88 14.26 12.98 -8.94
C ALA C 88 15.70 13.12 -8.46
N MET C 89 15.86 13.81 -7.33
CA MET C 89 17.12 13.82 -6.60
C MET C 89 17.11 12.71 -5.56
N TYR C 90 18.26 12.07 -5.37
CA TYR C 90 18.40 11.01 -4.39
C TYR C 90 19.58 11.32 -3.49
N PHE C 91 19.37 11.14 -2.18
CA PHE C 91 20.35 11.47 -1.16
C PHE C 91 20.54 10.28 -0.22
N CYS C 92 21.79 10.02 0.15
CA CYS C 92 22.06 9.18 1.30
C CYS C 92 22.25 10.06 2.54
N GLN C 93 22.24 9.41 3.71
CA GLN C 93 22.18 10.13 4.98
C GLN C 93 22.53 9.19 6.13
N GLN C 94 23.39 9.64 7.05
CA GLN C 94 23.78 8.84 8.21
C GLN C 94 23.36 9.54 9.51
N SER C 95 22.93 8.72 10.48
CA SER C 95 22.52 9.17 11.81
C SER C 95 23.30 8.44 12.91
N LYS C 96 24.49 7.93 12.61
CA LYS C 96 25.24 7.19 13.62
C LYS C 96 25.86 8.11 14.66
N GLU C 97 26.27 9.31 14.25
CA GLU C 97 27.03 10.22 15.08
C GLU C 97 26.62 11.65 14.75
N VAL C 98 26.59 12.50 15.75
CA VAL C 98 26.37 13.92 15.53
C VAL C 98 27.67 14.54 15.05
N PRO C 99 27.65 15.42 14.02
CA PRO C 99 26.47 15.90 13.30
C PRO C 99 25.97 14.95 12.20
N TRP C 100 24.66 14.82 12.09
CA TRP C 100 24.06 14.05 10.99
C TRP C 100 24.40 14.71 9.65
N THR C 101 24.71 13.87 8.66
CA THR C 101 25.20 14.35 7.38
C THR C 101 24.48 13.69 6.20
N PHE C 102 24.42 14.44 5.11
CA PHE C 102 23.82 14.02 3.86
C PHE C 102 24.93 13.75 2.84
N GLY C 103 24.70 12.79 1.96
CA GLY C 103 25.52 12.65 0.78
C GLY C 103 25.33 13.85 -0.14
N GLY C 104 26.17 13.93 -1.16
CA GLY C 104 26.12 15.07 -2.05
C GLY C 104 24.97 15.06 -3.03
N GLY C 105 24.19 13.99 -3.06
CA GLY C 105 23.03 13.89 -3.92
C GLY C 105 23.35 13.27 -5.28
N THR C 106 22.32 12.70 -5.88
CA THR C 106 22.37 12.15 -7.23
C THR C 106 21.13 12.60 -7.98
N LYS C 107 21.32 13.23 -9.15
CA LYS C 107 20.20 13.63 -9.99
C LYS C 107 19.93 12.51 -10.99
N LEU C 108 18.74 11.94 -10.93
CA LEU C 108 18.37 10.80 -11.76
C LEU C 108 17.52 11.30 -12.93
N GLU C 109 17.99 11.06 -14.14
CA GLU C 109 17.40 11.62 -15.34
C GLU C 109 17.11 10.50 -16.34
N ILE C 110 16.28 10.79 -17.32
CA ILE C 110 15.93 9.80 -18.33
C ILE C 110 16.97 9.85 -19.44
N LYS C 111 17.34 8.69 -19.95
CA LYS C 111 18.34 8.60 -21.00
C LYS C 111 17.66 8.58 -22.36
N ARG C 112 18.30 9.21 -23.34
CA ARG C 112 17.81 9.15 -24.71
C ARG C 112 19.01 9.25 -25.65
N ALA C 113 18.74 9.05 -26.92
CA ALA C 113 19.80 9.11 -27.90
C ALA C 113 20.32 10.53 -28.05
N ASP C 114 21.57 10.66 -28.44
CA ASP C 114 22.18 11.96 -28.60
C ASP C 114 21.45 12.73 -29.68
N ALA C 115 21.38 14.04 -29.50
CA ALA C 115 20.67 14.90 -30.45
C ALA C 115 21.43 16.22 -30.54
N ALA C 116 21.58 16.72 -31.75
CA ALA C 116 22.37 17.93 -31.91
C ALA C 116 21.54 19.16 -31.55
N PRO C 117 22.16 20.18 -30.96
CA PRO C 117 21.41 21.39 -30.60
C PRO C 117 20.93 22.11 -31.85
N THR C 118 19.72 22.67 -31.75
CA THR C 118 19.24 23.66 -32.71
C THR C 118 19.64 25.04 -32.19
N VAL C 119 20.41 25.78 -32.98
CA VAL C 119 21.03 27.02 -32.52
C VAL C 119 20.41 28.21 -33.23
N SER C 120 20.13 29.27 -32.46
CA SER C 120 19.51 30.48 -32.97
C SER C 120 20.11 31.68 -32.26
N ILE C 121 20.44 32.71 -33.02
CA ILE C 121 21.01 33.93 -32.49
C ILE C 121 20.05 35.06 -32.80
N PHE C 122 20.04 36.08 -31.94
CA PHE C 122 19.07 37.16 -32.04
C PHE C 122 19.79 38.47 -31.78
N PRO C 123 19.69 39.46 -32.67
CA PRO C 123 20.34 40.75 -32.42
C PRO C 123 19.62 41.53 -31.34
N PRO C 124 20.25 42.55 -30.78
CA PRO C 124 19.55 43.40 -29.81
C PRO C 124 18.30 44.01 -30.42
N SER C 125 17.26 44.12 -29.59
CA SER C 125 16.09 44.89 -29.98
C SER C 125 16.42 46.36 -30.13
N SER C 126 15.77 47.01 -31.11
CA SER C 126 15.84 48.46 -31.20
C SER C 126 15.40 49.12 -29.90
N GLU C 127 14.46 48.52 -29.18
CA GLU C 127 13.97 49.12 -27.94
C GLU C 127 15.07 49.19 -26.90
N GLN C 128 15.89 48.15 -26.81
CA GLN C 128 16.92 48.12 -25.78
C GLN C 128 17.95 49.20 -26.06
N LEU C 129 18.34 49.32 -27.33
CA LEU C 129 19.30 50.35 -27.71
C LEU C 129 18.74 51.75 -27.45
N THR C 130 17.46 51.95 -27.72
CA THR C 130 16.82 53.24 -27.47
C THR C 130 16.80 53.62 -25.99
N SER C 131 16.86 52.63 -25.10
CA SER C 131 16.91 52.85 -23.66
C SER C 131 18.33 52.78 -23.12
N GLY C 132 19.29 52.36 -23.94
CA GLY C 132 20.65 52.15 -23.51
C GLY C 132 20.92 50.67 -23.32
N GLY C 133 22.09 50.20 -23.73
CA GLY C 133 22.45 48.82 -23.52
C GLY C 133 22.04 47.93 -24.69
N ALA C 134 22.73 46.79 -24.80
CA ALA C 134 22.48 45.87 -25.91
C ALA C 134 22.85 44.46 -25.49
N SER C 135 21.83 43.60 -25.35
CA SER C 135 22.02 42.18 -25.09
C SER C 135 21.81 41.40 -26.38
N VAL C 136 22.75 40.53 -26.72
CA VAL C 136 22.60 39.57 -27.81
C VAL C 136 22.39 38.20 -27.18
N VAL C 137 21.37 37.47 -27.67
CA VAL C 137 20.89 36.25 -27.04
C VAL C 137 21.02 35.10 -28.02
N CYS C 138 21.55 33.98 -27.54
CA CYS C 138 21.77 32.77 -28.32
C CYS C 138 21.09 31.61 -27.61
N PHE C 139 20.19 30.91 -28.32
CA PHE C 139 19.52 29.74 -27.79
C PHE C 139 20.19 28.47 -28.31
N LEU C 140 20.29 27.46 -27.44
CA LEU C 140 20.84 26.15 -27.79
C LEU C 140 19.77 25.14 -27.35
N ASN C 141 18.89 24.76 -28.26
CA ASN C 141 17.64 24.12 -27.90
C ASN C 141 17.63 22.63 -28.19
N ASN C 142 16.98 21.89 -27.31
CA ASN C 142 16.65 20.48 -27.51
C ASN C 142 17.88 19.67 -27.90
N PHE C 143 18.85 19.62 -26.99
CA PHE C 143 20.03 18.80 -27.17
C PHE C 143 20.16 17.82 -26.01
N TYR C 144 20.93 16.75 -26.25
CA TYR C 144 21.23 15.75 -25.25
C TYR C 144 22.58 15.12 -25.61
N PRO C 145 23.48 14.92 -24.63
CA PRO C 145 23.41 15.17 -23.19
C PRO C 145 23.71 16.60 -22.76
N LYS C 146 23.58 16.87 -21.46
CA LYS C 146 23.52 18.23 -20.94
C LYS C 146 24.84 18.97 -21.02
N ASP C 147 25.97 18.28 -21.24
CA ASP C 147 27.26 18.95 -21.28
C ASP C 147 27.43 19.66 -22.63
N ILE C 148 27.76 20.95 -22.56
CA ILE C 148 27.91 21.77 -23.77
C ILE C 148 28.79 22.96 -23.40
N ASN C 149 29.47 23.52 -24.40
CA ASN C 149 30.32 24.68 -24.22
C ASN C 149 29.91 25.77 -25.20
N VAL C 150 29.89 27.00 -24.72
CA VAL C 150 29.50 28.17 -25.51
C VAL C 150 30.70 29.08 -25.74
N LYS C 151 30.82 29.58 -26.97
CA LYS C 151 31.87 30.52 -27.34
C LYS C 151 31.20 31.72 -28.02
N TRP C 152 31.25 32.89 -27.38
CA TRP C 152 30.99 34.13 -28.08
C TRP C 152 32.30 34.68 -28.65
N LYS C 153 32.25 35.18 -29.88
CA LYS C 153 33.35 35.95 -30.43
C LYS C 153 32.79 37.21 -31.09
N ILE C 154 33.48 38.33 -30.90
CA ILE C 154 33.15 39.59 -31.53
C ILE C 154 34.37 40.04 -32.33
N ASP C 155 34.17 40.26 -33.63
CA ASP C 155 35.26 40.66 -34.52
C ASP C 155 36.38 39.63 -34.53
N GLY C 156 36.03 38.36 -34.34
CA GLY C 156 36.98 37.27 -34.39
C GLY C 156 37.64 36.91 -33.07
N SER C 157 37.44 37.69 -32.02
CA SER C 157 38.06 37.44 -30.72
C SER C 157 36.99 37.03 -29.72
N GLU C 158 37.32 36.06 -28.87
CA GLU C 158 36.33 35.53 -27.93
C GLU C 158 36.14 36.47 -26.75
N ARG C 159 34.95 36.43 -26.17
CA ARG C 159 34.56 37.31 -25.08
C ARG C 159 34.15 36.45 -23.88
N GLN C 160 34.75 36.74 -22.73
CA GLN C 160 34.55 35.99 -21.49
C GLN C 160 33.68 36.70 -20.48
N ASN C 161 33.82 38.01 -20.37
CA ASN C 161 33.08 38.81 -19.39
C ASN C 161 31.82 39.40 -20.01
N GLY C 162 30.79 39.56 -19.18
CA GLY C 162 29.50 40.02 -19.63
C GLY C 162 28.59 38.98 -20.23
N VAL C 163 28.85 37.69 -20.00
CA VAL C 163 28.05 36.61 -20.55
C VAL C 163 27.42 35.87 -19.38
N LEU C 164 26.12 35.61 -19.47
CA LEU C 164 25.38 34.87 -18.45
C LEU C 164 24.64 33.73 -19.12
N ASN C 165 24.78 32.53 -18.55
CA ASN C 165 24.15 31.35 -19.10
C ASN C 165 23.16 30.77 -18.09
N SER C 166 22.13 30.12 -18.63
CA SER C 166 21.10 29.47 -17.82
C SER C 166 20.70 28.19 -18.53
N TRP C 167 20.62 27.10 -17.78
CA TRP C 167 20.27 25.79 -18.32
C TRP C 167 18.88 25.40 -17.85
N THR C 168 18.14 24.74 -18.72
CA THR C 168 16.83 24.23 -18.37
C THR C 168 16.96 22.82 -17.81
N ASP C 169 15.99 22.42 -16.99
CA ASP C 169 15.90 21.04 -16.57
C ASP C 169 15.39 20.18 -17.72
N GLN C 170 15.63 18.87 -17.61
CA GLN C 170 15.18 17.94 -18.63
C GLN C 170 13.69 18.11 -18.92
N ASP C 171 13.34 18.08 -20.20
CA ASP C 171 11.96 18.18 -20.64
C ASP C 171 11.26 16.84 -20.47
N SER C 172 10.06 16.86 -19.90
CA SER C 172 9.30 15.63 -19.68
C SER C 172 8.65 15.12 -20.95
N LYS C 173 8.73 15.90 -22.03
CA LYS C 173 8.17 15.59 -23.34
C LYS C 173 9.23 15.21 -24.36
N ASP C 174 10.39 15.89 -24.31
CA ASP C 174 11.46 15.69 -25.27
C ASP C 174 12.68 14.97 -24.68
N SER C 175 12.82 14.96 -23.37
CA SER C 175 13.95 14.36 -22.67
C SER C 175 15.26 15.07 -22.99
N THR C 176 15.17 16.29 -23.54
CA THR C 176 16.33 17.04 -23.99
C THR C 176 16.61 18.21 -23.05
N TYR C 177 17.67 18.94 -23.36
CA TYR C 177 18.10 20.09 -22.59
C TYR C 177 18.24 21.30 -23.51
N SER C 178 18.14 22.48 -22.91
CA SER C 178 18.27 23.74 -23.65
C SER C 178 19.16 24.66 -22.83
N MET C 179 19.67 25.71 -23.49
CA MET C 179 20.50 26.68 -22.79
C MET C 179 20.31 28.06 -23.40
N SER C 180 20.45 29.08 -22.55
CA SER C 180 20.46 30.48 -22.97
C SER C 180 21.83 31.07 -22.68
N SER C 181 22.39 31.76 -23.66
CA SER C 181 23.60 32.56 -23.47
C SER C 181 23.30 34.00 -23.84
N THR C 182 23.57 34.93 -22.91
CA THR C 182 23.22 36.33 -23.10
C THR C 182 24.44 37.21 -22.81
N LEU C 183 24.95 37.86 -23.84
CA LEU C 183 26.06 38.81 -23.73
C LEU C 183 25.49 40.22 -23.73
N THR C 184 25.82 41.00 -22.69
CA THR C 184 25.25 42.34 -22.52
C THR C 184 26.39 43.36 -22.49
N LEU C 185 26.43 44.22 -23.49
CA LEU C 185 27.39 45.30 -23.63
C LEU C 185 26.66 46.64 -23.62
N THR C 186 27.43 47.72 -23.59
CA THR C 186 26.84 49.05 -23.72
C THR C 186 26.58 49.36 -25.19
N LYS C 187 25.74 50.37 -25.43
CA LYS C 187 25.36 50.69 -26.80
C LYS C 187 26.54 51.23 -27.58
N ASP C 188 27.48 51.88 -26.90
CA ASP C 188 28.66 52.39 -27.56
C ASP C 188 29.55 51.25 -28.04
N GLU C 189 29.61 50.16 -27.29
CA GLU C 189 30.43 49.02 -27.66
C GLU C 189 29.79 48.18 -28.74
N TYR C 190 28.48 47.91 -28.64
CA TYR C 190 27.79 47.19 -29.71
C TYR C 190 27.99 47.89 -31.05
N GLU C 191 27.57 49.15 -31.15
CA GLU C 191 27.73 49.90 -32.39
C GLU C 191 29.19 50.13 -32.76
N ARG C 192 30.14 49.76 -31.90
CA ARG C 192 31.56 49.89 -32.23
C ARG C 192 32.08 48.70 -33.02
N HIS C 193 31.37 47.57 -33.01
CA HIS C 193 31.75 46.39 -33.79
C HIS C 193 30.58 45.95 -34.66
N ASN C 194 30.92 45.20 -35.71
CA ASN C 194 29.93 44.78 -36.71
C ASN C 194 29.46 43.35 -36.50
N SER C 195 30.37 42.38 -36.51
CA SER C 195 29.99 40.96 -36.55
C SER C 195 29.99 40.36 -35.16
N TYR C 196 28.95 39.58 -34.87
CA TYR C 196 28.75 38.94 -33.57
C TYR C 196 28.49 37.47 -33.83
N THR C 197 29.24 36.60 -33.15
CA THR C 197 29.17 35.18 -33.43
C THR C 197 28.94 34.39 -32.15
N CYS C 198 28.12 33.34 -32.28
CA CYS C 198 27.79 32.41 -31.22
C CYS C 198 28.12 31.02 -31.74
N GLU C 199 28.91 30.26 -30.98
CA GLU C 199 29.37 28.95 -31.41
C GLU C 199 29.09 27.92 -30.34
N ALA C 200 28.54 26.77 -30.75
CA ALA C 200 28.20 25.70 -29.83
C ALA C 200 29.08 24.50 -30.13
N THR C 201 29.63 23.90 -29.08
CA THR C 201 30.43 22.68 -29.18
C THR C 201 29.76 21.61 -28.33
N HIS C 202 29.34 20.53 -28.97
CA HIS C 202 28.63 19.44 -28.31
C HIS C 202 29.28 18.13 -28.75
N LYS C 203 29.28 17.14 -27.85
CA LYS C 203 29.93 15.88 -28.19
C LYS C 203 29.35 15.26 -29.46
N THR C 204 28.15 15.68 -29.85
CA THR C 204 27.47 15.06 -30.99
C THR C 204 28.17 15.38 -32.31
N SER C 205 29.00 16.41 -32.34
CA SER C 205 29.80 16.74 -33.50
C SER C 205 31.16 17.27 -33.05
N THR C 206 32.17 17.09 -33.89
CA THR C 206 33.51 17.56 -33.56
C THR C 206 33.73 19.00 -34.03
N SER C 207 32.98 19.46 -35.06
CA SER C 207 33.05 20.86 -35.49
C SER C 207 31.93 21.65 -34.84
N PRO C 208 32.21 22.82 -34.28
CA PRO C 208 31.13 23.61 -33.65
C PRO C 208 30.02 24.00 -34.61
N ILE C 209 28.81 24.11 -34.07
CA ILE C 209 27.71 24.75 -34.77
C ILE C 209 27.84 26.26 -34.56
N VAL C 210 27.78 27.03 -35.64
CA VAL C 210 28.09 28.45 -35.61
C VAL C 210 26.98 29.23 -36.29
N LYS C 211 26.48 30.26 -35.61
CA LYS C 211 25.62 31.27 -36.20
C LYS C 211 26.16 32.65 -35.88
N SER C 212 25.98 33.59 -36.81
CA SER C 212 26.50 34.95 -36.66
C SER C 212 25.56 35.91 -37.37
N PHE C 213 25.78 37.21 -37.14
CA PHE C 213 25.08 38.24 -37.88
C PHE C 213 25.93 39.51 -37.93
N ASN C 214 25.65 40.34 -38.92
CA ASN C 214 26.26 41.65 -39.05
C ASN C 214 25.20 42.72 -38.86
N ARG C 215 25.60 43.85 -38.28
CA ARG C 215 24.67 44.95 -38.06
C ARG C 215 24.30 45.63 -39.37
N ASN C 216 25.20 45.61 -40.36
CA ASN C 216 24.91 46.16 -41.68
C ASN C 216 25.37 45.17 -42.75
N ASP D 1 -6.37 -36.71 8.55
CA ASP D 1 -6.26 -35.24 8.27
C ASP D 1 -5.73 -34.48 9.48
N ILE D 2 -5.23 -33.27 9.24
CA ILE D 2 -4.88 -32.34 10.31
C ILE D 2 -6.13 -31.48 10.52
N VAL D 3 -6.76 -31.62 11.68
CA VAL D 3 -8.05 -30.99 11.93
C VAL D 3 -7.80 -29.65 12.57
N LEU D 4 -8.51 -28.63 12.10
CA LEU D 4 -8.39 -27.28 12.63
C LEU D 4 -9.67 -26.94 13.37
N THR D 5 -9.52 -26.60 14.64
CA THR D 5 -10.64 -26.23 15.51
C THR D 5 -10.62 -24.72 15.67
N GLN D 6 -11.47 -24.05 14.91
CA GLN D 6 -11.55 -22.60 14.93
C GLN D 6 -12.61 -22.16 15.94
N SER D 7 -12.31 -21.10 16.70
CA SER D 7 -13.24 -20.61 17.70
C SER D 7 -13.10 -19.11 17.87
N PRO D 8 -14.19 -18.39 18.12
CA PRO D 8 -15.59 -18.86 18.08
C PRO D 8 -16.17 -18.91 16.67
N ALA D 9 -17.34 -19.55 16.51
CA ALA D 9 -18.00 -19.55 15.21
C ALA D 9 -18.59 -18.19 14.86
N SER D 10 -18.98 -17.42 15.87
CA SER D 10 -19.51 -16.08 15.67
C SER D 10 -18.87 -15.16 16.68
N LEU D 11 -18.68 -13.89 16.30
CA LEU D 11 -18.03 -12.95 17.19
C LEU D 11 -18.52 -11.54 16.87
N ALA D 12 -18.93 -10.81 17.90
CA ALA D 12 -19.48 -9.47 17.75
C ALA D 12 -18.59 -8.46 18.48
N VAL D 13 -18.29 -7.37 17.81
CA VAL D 13 -17.23 -6.46 18.24
C VAL D 13 -17.64 -5.02 17.96
N SER D 14 -17.43 -4.15 18.94
CA SER D 14 -17.66 -2.73 18.78
C SER D 14 -16.54 -2.10 17.97
N LEU D 15 -16.87 -1.01 17.29
CA LEU D 15 -15.85 -0.28 16.53
C LEU D 15 -14.72 0.14 17.46
N GLY D 16 -13.49 -0.11 17.03
CA GLY D 16 -12.32 0.24 17.78
C GLY D 16 -11.79 -0.85 18.69
N GLN D 17 -12.61 -1.86 18.96
CA GLN D 17 -12.34 -2.88 19.97
C GLN D 17 -11.46 -3.97 19.39
N ARG D 18 -10.99 -4.85 20.27
CA ARG D 18 -10.13 -5.96 19.90
C ARG D 18 -10.97 -7.19 19.57
N ALA D 19 -10.64 -7.85 18.45
CA ALA D 19 -11.22 -9.12 18.06
C ALA D 19 -10.11 -10.16 18.00
N THR D 20 -10.31 -11.29 18.67
CA THR D 20 -9.33 -12.36 18.75
C THR D 20 -9.98 -13.64 18.26
N ILE D 21 -9.39 -14.25 17.24
CA ILE D 21 -9.86 -15.51 16.67
C ILE D 21 -8.77 -16.55 16.87
N SER D 22 -9.17 -17.76 17.27
CA SER D 22 -8.23 -18.82 17.59
C SER D 22 -8.39 -19.99 16.63
N CYS D 23 -7.28 -20.65 16.37
CA CYS D 23 -7.22 -21.85 15.54
C CYS D 23 -6.26 -22.83 16.20
N ARG D 24 -6.76 -24.02 16.54
CA ARG D 24 -5.96 -25.05 17.17
C ARG D 24 -5.88 -26.29 16.28
N ALA D 25 -4.68 -26.82 16.09
CA ALA D 25 -4.45 -27.94 15.19
C ALA D 25 -4.20 -29.23 15.97
N SER D 26 -4.65 -30.34 15.38
CA SER D 26 -4.51 -31.65 16.01
C SER D 26 -3.07 -32.15 16.02
N GLU D 27 -2.18 -31.51 15.29
CA GLU D 27 -0.78 -31.89 15.22
C GLU D 27 -0.02 -30.64 14.80
N SER D 28 1.27 -30.64 15.08
CA SER D 28 2.10 -29.51 14.71
C SER D 28 2.06 -29.30 13.20
N VAL D 29 2.02 -28.04 12.79
CA VAL D 29 2.10 -27.66 11.39
C VAL D 29 3.43 -26.97 11.09
N ASP D 30 4.42 -27.19 11.93
CA ASP D 30 5.76 -26.66 11.70
C ASP D 30 6.55 -27.64 10.87
N ASN D 31 7.31 -27.11 9.92
CA ASN D 31 8.22 -27.93 9.13
C ASN D 31 9.26 -26.99 8.53
N TYR D 32 10.53 -27.38 8.64
CA TYR D 32 11.62 -26.61 8.04
C TYR D 32 11.75 -25.23 8.66
N GLY D 33 11.37 -25.10 9.93
CA GLY D 33 11.39 -23.82 10.59
C GLY D 33 10.25 -22.88 10.22
N ILE D 34 9.30 -23.34 9.42
CA ILE D 34 8.15 -22.55 9.01
C ILE D 34 6.89 -23.17 9.61
N SER D 35 5.93 -22.32 9.95
CA SER D 35 4.62 -22.74 10.42
C SER D 35 3.62 -22.53 9.29
N PHE D 36 2.94 -23.60 8.87
CA PHE D 36 2.15 -23.55 7.65
C PHE D 36 0.69 -23.24 7.96
N MET D 37 0.49 -22.35 8.92
CA MET D 37 -0.82 -21.82 9.27
C MET D 37 -1.06 -20.50 8.52
N ASN D 38 -2.23 -20.38 7.91
CA ASN D 38 -2.57 -19.19 7.14
C ASN D 38 -4.00 -18.74 7.44
N TRP D 39 -4.24 -17.45 7.26
CA TRP D 39 -5.52 -16.83 7.60
C TRP D 39 -6.12 -16.11 6.40
N PHE D 40 -7.44 -16.17 6.27
CA PHE D 40 -8.13 -15.60 5.12
C PHE D 40 -9.38 -14.86 5.54
N GLN D 41 -9.71 -13.83 4.76
CA GLN D 41 -10.96 -13.08 4.87
C GLN D 41 -11.80 -13.33 3.63
N GLN D 42 -13.11 -13.48 3.81
CA GLN D 42 -14.03 -13.63 2.69
C GLN D 42 -15.30 -12.83 2.96
N LYS D 43 -15.55 -11.85 2.12
CA LYS D 43 -16.83 -11.14 2.15
C LYS D 43 -17.83 -11.77 1.19
N PRO D 44 -19.12 -11.49 1.39
CA PRO D 44 -20.15 -12.09 0.53
C PRO D 44 -19.92 -11.82 -0.94
N GLY D 45 -20.01 -12.89 -1.74
CA GLY D 45 -19.97 -12.81 -3.18
C GLY D 45 -18.58 -12.65 -3.77
N GLN D 46 -17.55 -12.66 -2.94
CA GLN D 46 -16.17 -12.53 -3.37
C GLN D 46 -15.40 -13.80 -3.09
N PRO D 47 -14.31 -14.03 -3.80
CA PRO D 47 -13.40 -15.10 -3.39
C PRO D 47 -12.72 -14.72 -2.09
N PRO D 48 -12.08 -15.65 -1.40
CA PRO D 48 -11.32 -15.28 -0.20
C PRO D 48 -10.07 -14.49 -0.55
N LYS D 49 -9.59 -13.75 0.46
CA LYS D 49 -8.41 -12.90 0.34
C LYS D 49 -7.41 -13.26 1.44
N LEU D 50 -6.14 -13.42 1.06
CA LEU D 50 -5.10 -13.76 2.01
C LEU D 50 -4.74 -12.58 2.91
N LEU D 51 -4.79 -12.82 4.22
CA LEU D 51 -4.40 -11.84 5.22
C LEU D 51 -3.00 -12.10 5.79
N ILE D 52 -2.71 -13.35 6.12
CA ILE D 52 -1.53 -13.73 6.89
C ILE D 52 -1.07 -15.08 6.37
N TYR D 53 0.22 -15.19 6.06
CA TYR D 53 0.80 -16.45 5.63
C TYR D 53 1.93 -16.82 6.57
N ALA D 54 2.16 -18.13 6.70
CA ALA D 54 3.23 -18.67 7.54
C ALA D 54 3.13 -18.15 8.97
N ALA D 55 1.89 -17.98 9.43
CA ALA D 55 1.48 -17.67 10.80
C ALA D 55 1.74 -16.24 11.26
N SER D 56 2.65 -15.50 10.62
CA SER D 56 3.09 -14.23 11.19
C SER D 56 3.31 -13.11 10.17
N ASN D 57 3.15 -13.38 8.89
CA ASN D 57 3.66 -12.50 7.86
C ASN D 57 2.51 -11.83 7.15
N GLN D 58 2.56 -10.50 7.07
CA GLN D 58 1.49 -9.76 6.43
C GLN D 58 1.45 -10.09 4.95
N GLY D 59 0.26 -10.29 4.42
CA GLY D 59 0.10 -10.36 2.99
C GLY D 59 0.18 -8.97 2.38
N SER D 60 0.37 -8.93 1.08
CA SER D 60 0.50 -7.65 0.39
C SER D 60 -0.75 -6.80 0.60
N GLY D 61 -0.54 -5.54 0.96
CA GLY D 61 -1.63 -4.60 1.10
C GLY D 61 -2.65 -4.95 2.16
N VAL D 62 -2.26 -5.72 3.17
CA VAL D 62 -3.13 -6.03 4.29
C VAL D 62 -2.86 -5.01 5.40
N PRO D 63 -3.86 -4.26 5.85
CA PRO D 63 -3.59 -3.20 6.83
C PRO D 63 -2.96 -3.74 8.10
N ALA D 64 -2.31 -2.84 8.83
CA ALA D 64 -1.52 -3.24 10.00
C ALA D 64 -2.39 -3.75 11.14
N ARG D 65 -3.66 -3.33 11.22
CA ARG D 65 -4.50 -3.77 12.33
C ARG D 65 -4.68 -5.28 12.34
N PHE D 66 -4.44 -5.98 11.23
CA PHE D 66 -4.44 -7.44 11.21
C PHE D 66 -3.05 -7.97 11.55
N SER D 67 -3.00 -9.00 12.38
CA SER D 67 -1.73 -9.57 12.82
C SER D 67 -1.94 -11.00 13.28
N GLY D 68 -0.99 -11.88 12.94
CA GLY D 68 -1.09 -13.29 13.25
C GLY D 68 0.00 -13.76 14.19
N SER D 69 -0.34 -14.69 15.07
CA SER D 69 0.54 -15.14 16.13
C SER D 69 0.42 -16.65 16.31
N GLY D 70 1.49 -17.27 16.77
CA GLY D 70 1.49 -18.66 17.18
C GLY D 70 2.52 -19.50 16.46
N SER D 71 2.55 -20.78 16.82
CA SER D 71 3.45 -21.80 16.29
C SER D 71 2.96 -23.14 16.84
N GLY D 72 3.37 -24.22 16.18
CA GLY D 72 3.01 -25.56 16.61
C GLY D 72 1.55 -25.89 16.42
N THR D 73 0.77 -25.93 17.51
CA THR D 73 -0.64 -26.27 17.44
C THR D 73 -1.57 -25.12 17.81
N ASP D 74 -1.06 -24.00 18.32
CA ASP D 74 -1.91 -22.89 18.74
C ASP D 74 -1.59 -21.63 17.94
N PHE D 75 -2.64 -20.95 17.47
CA PHE D 75 -2.48 -19.76 16.64
C PHE D 75 -3.67 -18.83 16.85
N SER D 76 -3.48 -17.57 16.43
CA SER D 76 -4.42 -16.51 16.72
C SER D 76 -4.35 -15.43 15.65
N LEU D 77 -5.52 -14.90 15.29
CA LEU D 77 -5.66 -13.75 14.42
C LEU D 77 -6.20 -12.61 15.27
N ASN D 78 -5.48 -11.50 15.32
CA ASN D 78 -5.94 -10.33 16.06
C ASN D 78 -6.22 -9.16 15.12
N ILE D 79 -7.38 -8.54 15.31
CA ILE D 79 -7.76 -7.30 14.64
C ILE D 79 -7.92 -6.25 15.72
N HIS D 80 -7.19 -5.14 15.59
CA HIS D 80 -7.32 -4.03 16.52
C HIS D 80 -6.66 -2.78 15.96
N PRO D 81 -7.34 -1.63 15.93
CA PRO D 81 -8.77 -1.41 16.26
C PRO D 81 -9.72 -1.87 15.17
N MET D 82 -10.87 -2.40 15.59
CA MET D 82 -11.88 -2.89 14.65
C MET D 82 -12.49 -1.75 13.85
N GLU D 83 -12.63 -1.96 12.54
CA GLU D 83 -13.31 -0.99 11.69
C GLU D 83 -14.52 -1.63 11.01
N GLU D 84 -15.42 -0.76 10.52
CA GLU D 84 -16.68 -1.24 9.96
C GLU D 84 -16.46 -2.22 8.82
N ASP D 85 -15.40 -1.99 8.06
CA ASP D 85 -15.12 -2.74 6.85
C ASP D 85 -14.48 -4.10 7.12
N ASP D 86 -14.44 -4.54 8.38
CA ASP D 86 -13.83 -5.81 8.73
C ASP D 86 -14.86 -6.92 8.97
N THR D 87 -16.15 -6.60 8.87
CA THR D 87 -17.19 -7.62 9.03
C THR D 87 -17.17 -8.58 7.85
N ALA D 88 -16.95 -9.87 8.14
CA ALA D 88 -16.71 -10.86 7.11
C ALA D 88 -16.58 -12.26 7.73
N MET D 89 -16.36 -13.26 6.89
CA MET D 89 -15.93 -14.57 7.37
C MET D 89 -14.41 -14.61 7.43
N TYR D 90 -13.88 -15.29 8.44
CA TYR D 90 -12.44 -15.47 8.59
C TYR D 90 -12.15 -16.95 8.73
N PHE D 91 -11.13 -17.42 8.00
CA PHE D 91 -10.77 -18.83 7.99
C PHE D 91 -9.28 -19.00 8.26
N CYS D 92 -8.96 -20.00 9.08
CA CYS D 92 -7.59 -20.50 9.13
C CYS D 92 -7.45 -21.69 8.19
N GLN D 93 -6.19 -22.07 7.94
CA GLN D 93 -5.87 -23.02 6.87
C GLN D 93 -4.44 -23.52 7.04
N GLN D 94 -4.22 -24.83 6.90
CA GLN D 94 -2.88 -25.40 6.98
C GLN D 94 -2.48 -26.06 5.66
N SER D 95 -1.18 -25.96 5.35
CA SER D 95 -0.60 -26.55 4.15
C SER D 95 0.57 -27.47 4.50
N LYS D 96 0.61 -27.97 5.73
CA LYS D 96 1.75 -28.77 6.15
C LYS D 96 1.71 -30.17 5.55
N GLU D 97 0.51 -30.72 5.41
CA GLU D 97 0.31 -32.11 5.04
C GLU D 97 -0.92 -32.18 4.14
N VAL D 98 -0.87 -33.05 3.14
CA VAL D 98 -2.05 -33.31 2.30
C VAL D 98 -2.94 -34.24 3.13
N PRO D 99 -4.26 -34.02 3.17
CA PRO D 99 -4.99 -32.98 2.44
C PRO D 99 -4.98 -31.64 3.14
N TRP D 100 -4.81 -30.55 2.38
CA TRP D 100 -4.92 -29.22 2.93
C TRP D 100 -6.34 -28.98 3.46
N THR D 101 -6.43 -28.38 4.63
CA THR D 101 -7.69 -28.26 5.36
C THR D 101 -7.92 -26.82 5.84
N PHE D 102 -9.21 -26.49 5.98
CA PHE D 102 -9.65 -25.19 6.46
C PHE D 102 -10.23 -25.32 7.87
N GLY D 103 -10.08 -24.27 8.66
CA GLY D 103 -10.86 -24.15 9.88
C GLY D 103 -12.34 -23.98 9.55
N GLY D 104 -13.18 -24.08 10.58
CA GLY D 104 -14.61 -23.99 10.35
C GLY D 104 -15.15 -22.60 10.11
N GLY D 105 -14.30 -21.59 10.25
CA GLY D 105 -14.66 -20.21 10.00
C GLY D 105 -15.21 -19.49 11.22
N THR D 106 -15.06 -18.17 11.20
CA THR D 106 -15.62 -17.26 12.20
C THR D 106 -16.29 -16.10 11.47
N LYS D 107 -17.55 -15.84 11.80
CA LYS D 107 -18.27 -14.70 11.25
C LYS D 107 -18.11 -13.51 12.20
N LEU D 108 -17.52 -12.43 11.70
CA LEU D 108 -17.24 -11.25 12.51
C LEU D 108 -18.31 -10.20 12.23
N GLU D 109 -19.03 -9.81 13.27
CA GLU D 109 -20.20 -8.94 13.15
C GLU D 109 -20.04 -7.81 14.15
N ILE D 110 -20.81 -6.76 13.94
CA ILE D 110 -20.75 -5.58 14.80
C ILE D 110 -21.68 -5.76 15.99
N LYS D 111 -21.23 -5.29 17.14
CA LYS D 111 -21.98 -5.41 18.38
C LYS D 111 -22.84 -4.18 18.60
N ARG D 112 -24.01 -4.39 19.18
CA ARG D 112 -24.90 -3.29 19.51
C ARG D 112 -25.74 -3.68 20.72
N ALA D 113 -26.49 -2.71 21.23
CA ALA D 113 -27.33 -2.97 22.38
C ALA D 113 -28.46 -3.93 22.02
N ASP D 114 -28.90 -4.69 23.01
CA ASP D 114 -29.94 -5.69 22.81
C ASP D 114 -31.26 -5.02 22.46
N ALA D 115 -32.05 -5.69 21.62
CA ALA D 115 -33.34 -5.17 21.20
C ALA D 115 -34.33 -6.30 21.01
N ALA D 116 -35.56 -6.10 21.50
CA ALA D 116 -36.55 -7.16 21.43
C ALA D 116 -37.18 -7.22 20.04
N PRO D 117 -37.52 -8.41 19.55
CA PRO D 117 -38.11 -8.51 18.21
C PRO D 117 -39.47 -7.83 18.15
N THR D 118 -39.73 -7.20 17.00
CA THR D 118 -41.07 -6.80 16.61
C THR D 118 -41.69 -7.98 15.87
N VAL D 119 -42.83 -8.47 16.36
CA VAL D 119 -43.43 -9.71 15.89
C VAL D 119 -44.73 -9.39 15.18
N SER D 120 -44.96 -10.04 14.03
CA SER D 120 -46.13 -9.83 13.20
C SER D 120 -46.56 -11.15 12.58
N ILE D 121 -47.85 -11.42 12.60
CA ILE D 121 -48.42 -12.64 12.01
C ILE D 121 -49.40 -12.25 10.92
N PHE D 122 -49.54 -13.13 9.92
CA PHE D 122 -50.35 -12.85 8.72
C PHE D 122 -51.14 -14.10 8.31
N PRO D 123 -52.45 -13.97 8.11
CA PRO D 123 -53.24 -15.14 7.67
C PRO D 123 -52.99 -15.46 6.21
N PRO D 124 -53.36 -16.67 5.76
CA PRO D 124 -53.30 -16.97 4.33
C PRO D 124 -54.20 -16.04 3.52
N SER D 125 -53.74 -15.69 2.33
CA SER D 125 -54.61 -15.08 1.34
C SER D 125 -55.62 -16.10 0.82
N SER D 126 -56.82 -15.61 0.50
CA SER D 126 -57.78 -16.44 -0.23
C SER D 126 -57.17 -17.01 -1.50
N GLU D 127 -56.21 -16.30 -2.12
CA GLU D 127 -55.62 -16.78 -3.36
C GLU D 127 -54.91 -18.10 -3.15
N GLN D 128 -54.23 -18.24 -2.01
CA GLN D 128 -53.39 -19.40 -1.80
C GLN D 128 -54.21 -20.66 -1.64
N LEU D 129 -55.25 -20.61 -0.81
CA LEU D 129 -56.11 -21.78 -0.64
C LEU D 129 -56.83 -22.15 -1.93
N THR D 130 -57.19 -21.15 -2.75
CA THR D 130 -57.88 -21.46 -4.00
C THR D 130 -57.08 -22.41 -4.88
N SER D 131 -55.75 -22.45 -4.70
CA SER D 131 -54.88 -23.40 -5.38
C SER D 131 -54.54 -24.61 -4.54
N GLY D 132 -54.97 -24.62 -3.27
CA GLY D 132 -54.63 -25.69 -2.34
C GLY D 132 -53.53 -25.23 -1.40
N GLY D 133 -53.62 -25.61 -0.14
CA GLY D 133 -52.58 -25.26 0.80
C GLY D 133 -52.86 -23.95 1.52
N ALA D 134 -52.19 -23.79 2.67
CA ALA D 134 -52.40 -22.60 3.50
C ALA D 134 -51.10 -22.33 4.25
N SER D 135 -50.42 -21.25 3.88
CA SER D 135 -49.21 -20.80 4.57
C SER D 135 -49.57 -19.64 5.48
N VAL D 136 -49.18 -19.75 6.75
CA VAL D 136 -49.27 -18.67 7.72
C VAL D 136 -47.86 -18.19 8.01
N VAL D 137 -47.67 -16.87 8.01
CA VAL D 137 -46.34 -16.25 8.02
C VAL D 137 -46.20 -15.39 9.27
N CYS D 138 -45.06 -15.53 9.95
CA CYS D 138 -44.74 -14.77 11.15
C CYS D 138 -43.39 -14.09 10.94
N PHE D 139 -43.35 -12.77 11.08
CA PHE D 139 -42.10 -12.02 10.99
C PHE D 139 -41.62 -11.63 12.39
N LEU D 140 -40.31 -11.76 12.60
CA LEU D 140 -39.64 -11.43 13.86
C LEU D 140 -38.50 -10.50 13.49
N ASN D 141 -38.75 -9.19 13.54
CA ASN D 141 -37.90 -8.20 12.89
C ASN D 141 -37.08 -7.38 13.88
N ASN D 142 -35.87 -7.03 13.44
CA ASN D 142 -35.02 -6.04 14.09
C ASN D 142 -34.77 -6.36 15.56
N PHE D 143 -34.15 -7.51 15.81
CA PHE D 143 -33.77 -7.89 17.16
C PHE D 143 -32.27 -8.16 17.22
N TYR D 144 -31.73 -8.10 18.44
CA TYR D 144 -30.33 -8.40 18.70
C TYR D 144 -30.27 -8.90 20.14
N PRO D 145 -29.51 -9.97 20.43
CA PRO D 145 -28.65 -10.71 19.51
C PRO D 145 -29.41 -11.74 18.69
N LYS D 146 -28.70 -12.39 17.75
CA LYS D 146 -29.32 -13.15 16.67
C LYS D 146 -29.97 -14.46 17.11
N ASP D 147 -29.70 -14.94 18.32
CA ASP D 147 -30.27 -16.21 18.77
C ASP D 147 -31.71 -16.01 19.20
N ILE D 148 -32.61 -16.84 18.68
CA ILE D 148 -34.03 -16.73 18.95
C ILE D 148 -34.68 -18.08 18.68
N ASN D 149 -35.82 -18.32 19.33
CA ASN D 149 -36.62 -19.52 19.12
C ASN D 149 -38.05 -19.09 18.82
N VAL D 150 -38.66 -19.68 17.81
CA VAL D 150 -40.03 -19.35 17.41
C VAL D 150 -40.90 -20.60 17.63
N LYS D 151 -42.08 -20.41 18.23
CA LYS D 151 -43.05 -21.47 18.45
C LYS D 151 -44.42 -21.03 17.93
N TRP D 152 -44.97 -21.81 17.01
CA TRP D 152 -46.36 -21.71 16.58
C TRP D 152 -47.28 -22.44 17.55
N LYS D 153 -48.50 -21.91 17.68
CA LYS D 153 -49.57 -22.54 18.44
C LYS D 153 -50.78 -22.79 17.53
N ILE D 154 -51.36 -23.98 17.65
CA ILE D 154 -52.59 -24.35 16.97
C ILE D 154 -53.58 -24.81 18.03
N ASP D 155 -54.72 -24.12 18.12
CA ASP D 155 -55.76 -24.51 19.08
C ASP D 155 -55.20 -24.59 20.49
N GLY D 156 -54.20 -23.76 20.80
CA GLY D 156 -53.59 -23.75 22.10
C GLY D 156 -52.48 -24.75 22.26
N SER D 157 -52.29 -25.63 21.28
CA SER D 157 -51.29 -26.70 21.32
C SER D 157 -50.16 -26.34 20.38
N GLU D 158 -48.93 -26.67 20.78
CA GLU D 158 -47.79 -26.23 20.00
C GLU D 158 -47.67 -27.02 18.71
N ARG D 159 -47.23 -26.35 17.66
CA ARG D 159 -46.98 -26.98 16.38
C ARG D 159 -45.65 -26.48 15.86
N GLN D 160 -44.76 -27.39 15.48
CA GLN D 160 -43.52 -26.98 14.84
C GLN D 160 -43.26 -27.71 13.55
N ASN D 161 -43.82 -28.90 13.36
CA ASN D 161 -43.58 -29.66 12.14
C ASN D 161 -44.30 -29.03 10.97
N GLY D 162 -43.67 -29.09 9.79
CA GLY D 162 -44.17 -28.41 8.62
C GLY D 162 -43.84 -26.93 8.55
N VAL D 163 -42.84 -26.47 9.30
CA VAL D 163 -42.47 -25.06 9.39
C VAL D 163 -41.07 -24.86 8.82
N LEU D 164 -40.90 -23.77 8.08
CA LEU D 164 -39.64 -23.41 7.46
C LEU D 164 -39.24 -22.03 7.95
N ASN D 165 -37.99 -21.89 8.38
CA ASN D 165 -37.47 -20.65 8.93
C ASN D 165 -36.34 -20.12 8.05
N SER D 166 -36.20 -18.79 8.04
CA SER D 166 -35.16 -18.12 7.27
C SER D 166 -34.66 -16.91 8.06
N TRP D 167 -33.34 -16.76 8.13
CA TRP D 167 -32.70 -15.69 8.87
C TRP D 167 -32.01 -14.70 7.94
N THR D 168 -32.03 -13.42 8.30
CA THR D 168 -31.29 -12.41 7.55
C THR D 168 -29.89 -12.28 8.12
N ASP D 169 -28.95 -11.85 7.26
CA ASP D 169 -27.64 -11.44 7.76
C ASP D 169 -27.77 -10.10 8.47
N GLN D 170 -26.76 -9.78 9.28
CA GLN D 170 -26.75 -8.52 10.01
C GLN D 170 -27.05 -7.34 9.10
N ASP D 171 -27.91 -6.44 9.57
CA ASP D 171 -28.24 -5.25 8.82
C ASP D 171 -27.12 -4.22 8.94
N SER D 172 -26.71 -3.67 7.80
CA SER D 172 -25.59 -2.74 7.79
C SER D 172 -25.96 -1.36 8.27
N LYS D 173 -27.25 -1.10 8.46
CA LYS D 173 -27.74 0.20 8.88
C LYS D 173 -28.20 0.22 10.32
N ASP D 174 -28.82 -0.88 10.78
CA ASP D 174 -29.37 -1.03 12.11
C ASP D 174 -28.58 -1.99 12.98
N SER D 175 -27.76 -2.86 12.39
CA SER D 175 -26.98 -3.87 13.09
C SER D 175 -27.84 -4.96 13.72
N THR D 176 -29.09 -5.10 13.29
CA THR D 176 -30.02 -6.03 13.91
C THR D 176 -30.23 -7.24 13.01
N TYR D 177 -31.02 -8.20 13.50
CA TYR D 177 -31.31 -9.42 12.77
C TYR D 177 -32.82 -9.61 12.68
N SER D 178 -33.25 -10.32 11.64
CA SER D 178 -34.64 -10.64 11.45
C SER D 178 -34.76 -12.09 11.01
N MET D 179 -35.95 -12.65 11.19
CA MET D 179 -36.22 -13.99 10.67
C MET D 179 -37.70 -14.11 10.32
N SER D 180 -37.98 -14.94 9.31
CA SER D 180 -39.34 -15.30 8.93
C SER D 180 -39.54 -16.78 9.21
N SER D 181 -40.66 -17.11 9.84
CA SER D 181 -41.08 -18.49 10.03
C SER D 181 -42.44 -18.69 9.36
N THR D 182 -42.52 -19.71 8.50
CA THR D 182 -43.69 -19.92 7.64
C THR D 182 -44.18 -21.35 7.78
N LEU D 183 -45.39 -21.52 8.31
CA LEU D 183 -46.00 -22.83 8.49
C LEU D 183 -46.93 -23.12 7.32
N THR D 184 -46.73 -24.27 6.67
CA THR D 184 -47.48 -24.66 5.50
C THR D 184 -48.23 -25.94 5.80
N LEU D 185 -49.56 -25.86 5.83
CA LEU D 185 -50.45 -26.98 6.03
C LEU D 185 -51.27 -27.12 4.75
N THR D 186 -52.05 -28.19 4.66
CA THR D 186 -53.00 -28.25 3.56
C THR D 186 -54.24 -27.45 3.95
N LYS D 187 -55.08 -27.15 2.97
CA LYS D 187 -56.24 -26.33 3.28
C LYS D 187 -57.22 -27.06 4.20
N ASP D 188 -57.24 -28.39 4.15
CA ASP D 188 -58.11 -29.13 5.06
C ASP D 188 -57.66 -28.96 6.50
N GLU D 189 -56.35 -28.91 6.74
CA GLU D 189 -55.90 -28.78 8.12
C GLU D 189 -56.13 -27.37 8.62
N TYR D 190 -55.84 -26.37 7.79
CA TYR D 190 -56.12 -24.98 8.13
C TYR D 190 -57.58 -24.82 8.53
N GLU D 191 -58.50 -25.17 7.64
CA GLU D 191 -59.93 -25.03 7.89
C GLU D 191 -60.44 -25.93 9.01
N ARG D 192 -59.64 -26.87 9.51
CA ARG D 192 -60.10 -27.71 10.63
C ARG D 192 -59.92 -27.03 11.99
N HIS D 193 -59.11 -25.98 12.07
CA HIS D 193 -58.86 -25.26 13.32
C HIS D 193 -59.19 -23.78 13.15
N ASN D 194 -59.43 -23.10 14.28
CA ASN D 194 -59.88 -21.71 14.25
C ASN D 194 -58.76 -20.69 14.51
N SER D 195 -58.12 -20.74 15.68
CA SER D 195 -57.22 -19.67 16.11
C SER D 195 -55.76 -20.06 15.90
N TYR D 196 -54.96 -19.12 15.40
CA TYR D 196 -53.54 -19.34 15.10
C TYR D 196 -52.68 -18.25 15.73
N THR D 197 -51.66 -18.67 16.49
CA THR D 197 -50.81 -17.76 17.26
C THR D 197 -49.33 -18.07 17.03
N CYS D 198 -48.52 -17.02 17.08
CA CYS D 198 -47.06 -17.10 16.92
C CYS D 198 -46.38 -16.44 18.12
N GLU D 199 -45.44 -17.15 18.75
CA GLU D 199 -44.74 -16.64 19.93
C GLU D 199 -43.24 -16.79 19.81
N ALA D 200 -42.53 -15.72 20.18
CA ALA D 200 -41.07 -15.64 20.10
C ALA D 200 -40.47 -15.55 21.49
N THR D 201 -39.35 -16.26 21.70
CA THR D 201 -38.62 -16.21 22.96
C THR D 201 -37.22 -15.67 22.70
N HIS D 202 -36.90 -14.54 23.34
CA HIS D 202 -35.64 -13.84 23.16
C HIS D 202 -35.08 -13.45 24.52
N LYS D 203 -33.74 -13.41 24.63
CA LYS D 203 -33.12 -13.07 25.91
C LYS D 203 -33.55 -11.70 26.42
N THR D 204 -34.08 -10.85 25.53
CA THR D 204 -34.42 -9.48 25.88
C THR D 204 -35.61 -9.39 26.82
N SER D 205 -36.42 -10.44 26.87
CA SER D 205 -37.61 -10.49 27.70
C SER D 205 -37.74 -11.89 28.27
N THR D 206 -38.36 -11.98 29.44
CA THR D 206 -38.59 -13.26 30.07
C THR D 206 -39.90 -13.90 29.63
N SER D 207 -40.89 -13.07 29.24
CA SER D 207 -42.17 -13.52 28.70
C SER D 207 -42.17 -13.45 27.18
N PRO D 208 -42.63 -14.49 26.47
CA PRO D 208 -42.66 -14.43 25.01
C PRO D 208 -43.51 -13.28 24.47
N ILE D 209 -43.09 -12.77 23.31
CA ILE D 209 -43.91 -11.82 22.54
C ILE D 209 -44.89 -12.60 21.68
N VAL D 210 -46.16 -12.14 21.67
CA VAL D 210 -47.26 -12.91 21.10
C VAL D 210 -48.06 -12.06 20.11
N LYS D 211 -48.31 -12.62 18.93
CA LYS D 211 -49.31 -12.11 18.01
C LYS D 211 -50.23 -13.26 17.59
N SER D 212 -51.51 -12.97 17.40
CA SER D 212 -52.46 -14.00 17.05
C SER D 212 -53.60 -13.41 16.22
N PHE D 213 -54.37 -14.31 15.60
CA PHE D 213 -55.63 -13.99 14.97
C PHE D 213 -56.46 -15.25 14.86
N ASN D 214 -57.78 -15.07 14.78
CA ASN D 214 -58.72 -16.16 14.56
C ASN D 214 -59.43 -15.93 13.24
N ARG D 215 -59.87 -17.03 12.62
CA ARG D 215 -60.53 -16.95 11.33
C ARG D 215 -61.87 -16.20 11.46
N ASN D 216 -62.39 -15.80 10.30
CA ASN D 216 -63.70 -15.15 10.22
C ASN D 216 -64.55 -15.78 9.12
N VAL E 2 -1.57 -10.72 -12.62
CA VAL E 2 -1.88 -12.12 -12.33
C VAL E 2 -3.39 -12.34 -12.21
N GLN E 3 -3.97 -13.16 -13.09
CA GLN E 3 -5.41 -13.32 -13.16
C GLN E 3 -5.81 -14.77 -13.43
N LEU E 4 -6.80 -15.25 -12.68
CA LEU E 4 -7.51 -16.48 -12.99
C LEU E 4 -8.97 -16.12 -13.31
N GLN E 5 -9.46 -16.59 -14.45
CA GLN E 5 -10.80 -16.24 -14.92
C GLN E 5 -11.56 -17.51 -15.22
N GLN E 6 -12.69 -17.68 -14.55
CA GLN E 6 -13.45 -18.92 -14.61
C GLN E 6 -14.61 -18.80 -15.60
N SER E 7 -15.10 -19.97 -16.03
CA SER E 7 -16.24 -20.07 -16.92
C SER E 7 -17.54 -19.85 -16.17
N GLY E 8 -18.60 -19.59 -16.93
CA GLY E 8 -19.89 -19.23 -16.39
C GLY E 8 -20.59 -20.36 -15.65
N ALA E 9 -21.70 -19.98 -15.01
CA ALA E 9 -22.51 -20.89 -14.23
C ALA E 9 -23.04 -22.04 -15.09
N GLU E 10 -23.47 -23.10 -14.41
CA GLU E 10 -23.96 -24.32 -15.03
C GLU E 10 -25.19 -24.77 -14.26
N LEU E 11 -26.25 -25.12 -14.97
CA LEU E 11 -27.46 -25.68 -14.38
C LEU E 11 -27.74 -26.97 -15.13
N VAL E 12 -27.64 -28.10 -14.43
CA VAL E 12 -27.66 -29.41 -15.06
C VAL E 12 -28.49 -30.38 -14.22
N LYS E 13 -28.96 -31.44 -14.88
CA LYS E 13 -29.75 -32.46 -14.22
C LYS E 13 -28.87 -33.50 -13.53
N PRO E 14 -29.37 -34.11 -12.45
CA PRO E 14 -28.64 -35.23 -11.82
C PRO E 14 -28.20 -36.27 -12.83
N GLY E 15 -26.94 -36.70 -12.70
CA GLY E 15 -26.34 -37.69 -13.54
C GLY E 15 -25.39 -37.12 -14.57
N ALA E 16 -25.50 -35.82 -14.84
CA ALA E 16 -24.72 -35.16 -15.87
C ALA E 16 -23.29 -34.91 -15.39
N SER E 17 -22.50 -34.29 -16.27
CA SER E 17 -21.14 -33.90 -15.97
C SER E 17 -20.93 -32.45 -16.38
N VAL E 18 -20.01 -31.78 -15.71
CA VAL E 18 -19.59 -30.44 -16.09
C VAL E 18 -18.07 -30.42 -16.10
N LYS E 19 -17.53 -29.46 -16.84
CA LYS E 19 -16.09 -29.24 -16.91
C LYS E 19 -15.87 -27.75 -16.74
N ILE E 20 -15.32 -27.35 -15.60
CA ILE E 20 -15.14 -25.94 -15.27
C ILE E 20 -13.72 -25.56 -15.66
N SER E 21 -13.57 -24.38 -16.25
CA SER E 21 -12.30 -23.94 -16.77
C SER E 21 -11.75 -22.79 -15.94
N CYS E 22 -10.41 -22.72 -15.89
CA CYS E 22 -9.69 -21.71 -15.13
C CYS E 22 -8.49 -21.31 -16.01
N LYS E 23 -8.60 -20.15 -16.66
CA LYS E 23 -7.60 -19.67 -17.61
C LYS E 23 -6.66 -18.69 -16.92
N ALA E 24 -5.37 -19.03 -16.87
CA ALA E 24 -4.39 -18.25 -16.13
C ALA E 24 -3.64 -17.29 -17.04
N SER E 25 -3.22 -16.17 -16.46
CA SER E 25 -2.42 -15.19 -17.19
C SER E 25 -1.53 -14.42 -16.22
N GLY E 26 -0.52 -13.75 -16.79
CA GLY E 26 0.37 -12.92 -16.03
C GLY E 26 1.38 -13.64 -15.18
N TYR E 27 1.65 -14.92 -15.46
CA TYR E 27 2.66 -15.68 -14.73
C TYR E 27 2.84 -17.01 -15.43
N ALA E 28 3.88 -17.74 -15.02
CA ALA E 28 4.27 -19.00 -15.68
C ALA E 28 3.34 -20.11 -15.24
N PHE E 29 2.42 -20.49 -16.13
CA PHE E 29 1.43 -21.50 -15.81
C PHE E 29 2.07 -22.80 -15.34
N SER E 30 3.22 -23.16 -15.90
CA SER E 30 3.83 -24.46 -15.66
C SER E 30 4.69 -24.50 -14.41
N SER E 31 4.65 -23.47 -13.58
CA SER E 31 5.50 -23.39 -12.41
C SER E 31 4.77 -23.23 -11.09
N TYR E 32 3.43 -23.22 -11.10
CA TYR E 32 2.65 -23.04 -9.89
C TYR E 32 1.51 -24.05 -9.82
N TRP E 33 1.18 -24.45 -8.60
CA TRP E 33 0.06 -25.34 -8.37
C TRP E 33 -1.25 -24.58 -8.50
N VAL E 34 -2.24 -25.22 -9.11
CA VAL E 34 -3.60 -24.70 -9.18
C VAL E 34 -4.50 -25.56 -8.31
N ASN E 35 -5.14 -24.93 -7.33
CA ASN E 35 -6.03 -25.58 -6.37
C ASN E 35 -7.48 -25.33 -6.73
N TRP E 36 -8.36 -26.23 -6.28
CA TRP E 36 -9.80 -26.10 -6.43
C TRP E 36 -10.49 -26.19 -5.07
N VAL E 37 -11.51 -25.35 -4.87
CA VAL E 37 -12.16 -25.18 -3.57
C VAL E 37 -13.67 -25.12 -3.75
N LYS E 38 -14.39 -25.81 -2.87
CA LYS E 38 -15.86 -25.85 -2.89
C LYS E 38 -16.42 -25.11 -1.69
N GLN E 39 -17.41 -24.22 -1.94
CA GLN E 39 -18.06 -23.44 -0.88
C GLN E 39 -19.57 -23.51 -1.05
N ARG E 40 -20.25 -24.05 -0.05
CA ARG E 40 -21.70 -24.02 0.02
C ARG E 40 -22.20 -23.10 1.14
N PRO E 41 -23.43 -22.60 1.03
CA PRO E 41 -24.01 -21.79 2.10
C PRO E 41 -23.93 -22.49 3.45
N GLY E 42 -23.62 -21.70 4.48
CA GLY E 42 -23.59 -22.23 5.83
C GLY E 42 -22.54 -23.28 6.07
N LYS E 43 -21.63 -23.48 5.13
CA LYS E 43 -20.52 -24.39 5.30
C LYS E 43 -19.22 -23.61 5.10
N GLY E 44 -18.13 -24.22 5.54
CA GLY E 44 -16.84 -23.58 5.41
C GLY E 44 -16.37 -23.66 3.98
N LEU E 45 -15.06 -23.85 3.82
CA LEU E 45 -14.46 -24.09 2.53
C LEU E 45 -13.92 -25.52 2.55
N GLU E 46 -13.99 -26.17 1.38
CA GLU E 46 -13.48 -27.52 1.20
C GLU E 46 -12.43 -27.49 0.10
N TRP E 47 -11.28 -28.11 0.37
CA TRP E 47 -10.23 -28.31 -0.61
C TRP E 47 -10.49 -29.61 -1.36
N ILE E 48 -10.49 -29.54 -2.70
CA ILE E 48 -10.81 -30.68 -3.55
C ILE E 48 -9.56 -31.42 -3.98
N GLY E 49 -8.50 -30.67 -4.27
CA GLY E 49 -7.29 -31.21 -4.83
C GLY E 49 -6.52 -30.13 -5.57
N GLN E 50 -5.37 -30.53 -6.12
CA GLN E 50 -4.49 -29.60 -6.83
C GLN E 50 -3.77 -30.31 -7.97
N ILE E 51 -3.24 -29.52 -8.89
CA ILE E 51 -2.52 -30.04 -10.06
C ILE E 51 -1.34 -29.13 -10.35
N TYR E 52 -0.22 -29.72 -10.76
CA TYR E 52 0.98 -28.97 -11.13
C TYR E 52 1.16 -29.03 -12.64
N PRO E 53 0.79 -27.98 -13.38
CA PRO E 53 0.72 -28.10 -14.85
C PRO E 53 2.03 -28.51 -15.50
N GLY E 54 3.16 -28.16 -14.91
CA GLY E 54 4.44 -28.49 -15.53
C GLY E 54 4.54 -29.95 -15.94
N ASP E 55 4.15 -30.86 -15.03
CA ASP E 55 4.32 -32.29 -15.26
C ASP E 55 3.07 -33.11 -14.94
N GLY E 56 1.91 -32.47 -14.76
CA GLY E 56 0.67 -33.20 -14.53
C GLY E 56 0.50 -33.82 -13.17
N ASP E 57 1.45 -33.62 -12.25
CA ASP E 57 1.30 -34.13 -10.89
C ASP E 57 0.00 -33.63 -10.27
N THR E 58 -0.63 -34.48 -9.44
CA THR E 58 -1.89 -34.15 -8.79
C THR E 58 -1.88 -34.64 -7.35
N ASN E 59 -2.63 -33.93 -6.49
CA ASN E 59 -2.96 -34.36 -5.14
C ASN E 59 -4.45 -34.16 -4.94
N TYR E 60 -5.12 -35.19 -4.41
CA TYR E 60 -6.56 -35.15 -4.21
C TYR E 60 -6.91 -35.24 -2.73
N ASN E 61 -8.05 -34.65 -2.41
CA ASN E 61 -8.78 -34.96 -1.19
C ASN E 61 -9.59 -36.22 -1.45
N GLY E 62 -9.32 -37.28 -0.68
CA GLY E 62 -9.95 -38.56 -0.96
C GLY E 62 -11.45 -38.46 -1.10
N LYS E 63 -12.07 -37.51 -0.39
CA LYS E 63 -13.50 -37.28 -0.52
C LYS E 63 -13.93 -36.96 -1.95
N PHE E 64 -13.02 -36.50 -2.81
CA PHE E 64 -13.40 -36.11 -4.16
C PHE E 64 -12.79 -36.97 -5.27
N LYS E 65 -12.06 -38.04 -4.95
CA LYS E 65 -11.45 -38.85 -6.01
C LYS E 65 -12.50 -39.44 -6.93
N GLY E 66 -12.27 -39.33 -8.22
CA GLY E 66 -13.19 -39.84 -9.22
C GLY E 66 -14.46 -39.06 -9.35
N LYS E 67 -14.75 -38.16 -8.42
CA LYS E 67 -15.83 -37.19 -8.53
C LYS E 67 -15.34 -35.94 -9.24
N ALA E 68 -14.17 -35.45 -8.83
CA ALA E 68 -13.44 -34.40 -9.52
C ALA E 68 -12.27 -35.00 -10.27
N THR E 69 -12.02 -34.50 -11.49
CA THR E 69 -10.89 -34.94 -12.30
C THR E 69 -10.17 -33.69 -12.78
N LEU E 70 -8.92 -33.52 -12.35
CA LEU E 70 -8.16 -32.31 -12.60
C LEU E 70 -7.23 -32.51 -13.78
N THR E 71 -7.18 -31.53 -14.67
CA THR E 71 -6.26 -31.58 -15.80
C THR E 71 -5.77 -30.18 -16.12
N ALA E 72 -4.83 -30.09 -17.04
CA ALA E 72 -4.21 -28.83 -17.39
C ALA E 72 -3.80 -28.89 -18.85
N ASP E 73 -3.97 -27.79 -19.55
CA ASP E 73 -3.66 -27.70 -20.98
C ASP E 73 -2.64 -26.58 -21.18
N LYS E 74 -1.41 -26.96 -21.53
CA LYS E 74 -0.34 -25.97 -21.65
C LYS E 74 -0.53 -25.08 -22.87
N SER E 75 -1.14 -25.59 -23.94
CA SER E 75 -1.35 -24.77 -25.11
C SER E 75 -2.14 -23.50 -24.76
N SER E 76 -3.18 -23.62 -23.93
CA SER E 76 -4.04 -22.49 -23.60
C SER E 76 -3.77 -21.89 -22.22
N SER E 77 -2.93 -22.53 -21.40
CA SER E 77 -2.72 -22.10 -20.01
C SER E 77 -4.05 -22.14 -19.26
N THR E 78 -4.76 -23.25 -19.42
CA THR E 78 -6.09 -23.45 -18.85
C THR E 78 -6.11 -24.71 -17.99
N ALA E 79 -6.62 -24.57 -16.78
CA ALA E 79 -6.81 -25.69 -15.87
C ALA E 79 -8.30 -26.04 -15.84
N TYR E 80 -8.60 -27.33 -15.94
CA TYR E 80 -9.97 -27.81 -15.93
C TYR E 80 -10.26 -28.64 -14.69
N MET E 81 -11.52 -28.62 -14.27
CA MET E 81 -12.06 -29.56 -13.29
C MET E 81 -13.35 -30.13 -13.85
N GLN E 82 -13.40 -31.45 -14.02
CA GLN E 82 -14.61 -32.14 -14.48
C GLN E 82 -15.27 -32.81 -13.28
N LEU E 83 -16.57 -32.56 -13.12
CA LEU E 83 -17.37 -33.14 -12.05
C LEU E 83 -18.35 -34.14 -12.67
N SER E 84 -18.32 -35.38 -12.19
CA SER E 84 -19.10 -36.48 -12.75
C SER E 84 -20.22 -36.93 -11.82
N SER E 85 -21.23 -37.57 -12.41
CA SER E 85 -22.29 -38.26 -11.67
C SER E 85 -22.92 -37.32 -10.65
N LEU E 86 -23.39 -36.19 -11.16
CA LEU E 86 -23.74 -35.07 -10.30
C LEU E 86 -24.96 -35.37 -9.46
N THR E 87 -24.97 -34.79 -8.26
CA THR E 87 -26.09 -34.89 -7.33
C THR E 87 -26.37 -33.50 -6.78
N SER E 88 -27.41 -33.41 -5.94
CA SER E 88 -27.74 -32.12 -5.36
C SER E 88 -26.71 -31.67 -4.34
N GLU E 89 -25.92 -32.60 -3.80
CA GLU E 89 -24.82 -32.24 -2.90
C GLU E 89 -23.67 -31.56 -3.63
N ASP E 90 -23.63 -31.63 -4.95
CA ASP E 90 -22.59 -30.96 -5.72
C ASP E 90 -22.92 -29.49 -5.99
N SER E 91 -24.16 -29.07 -5.77
CA SER E 91 -24.52 -27.67 -5.96
C SER E 91 -23.69 -26.80 -5.02
N ALA E 92 -22.95 -25.87 -5.59
CA ALA E 92 -21.98 -25.10 -4.81
C ALA E 92 -21.39 -24.02 -5.69
N VAL E 93 -20.57 -23.18 -5.07
CA VAL E 93 -19.66 -22.29 -5.77
C VAL E 93 -18.28 -22.94 -5.73
N TYR E 94 -17.62 -23.00 -6.87
CA TYR E 94 -16.31 -23.61 -6.99
C TYR E 94 -15.31 -22.54 -7.45
N PHE E 95 -14.18 -22.46 -6.74
CA PHE E 95 -13.12 -21.52 -7.03
C PHE E 95 -11.88 -22.29 -7.49
N CYS E 96 -11.13 -21.71 -8.42
CA CYS E 96 -9.75 -22.11 -8.62
C CYS E 96 -8.85 -21.08 -7.96
N ALA E 97 -7.70 -21.53 -7.47
CA ALA E 97 -6.78 -20.64 -6.79
C ALA E 97 -5.35 -21.12 -6.98
N ARG E 98 -4.46 -20.17 -7.26
CA ARG E 98 -3.03 -20.42 -7.31
C ARG E 98 -2.44 -20.40 -5.91
N SER E 99 -1.48 -21.30 -5.66
CA SER E 99 -0.72 -21.30 -4.42
C SER E 99 0.77 -21.17 -4.73
N ARG E 100 1.53 -20.71 -3.74
CA ARG E 100 2.97 -20.57 -3.84
C ARG E 100 3.63 -21.54 -2.87
N GLY E 101 4.95 -21.60 -2.90
CA GLY E 101 5.70 -22.63 -2.20
C GLY E 101 5.89 -22.38 -0.71
N TYR E 102 6.86 -23.10 -0.14
CA TYR E 102 7.07 -23.05 1.31
C TYR E 102 7.32 -21.63 1.80
N PHE E 103 8.06 -20.83 1.02
CA PHE E 103 8.41 -19.50 1.50
C PHE E 103 7.19 -18.61 1.64
N TYR E 104 6.10 -18.97 0.96
CA TYR E 104 4.85 -18.24 1.02
C TYR E 104 3.81 -19.01 1.85
N GLY E 105 4.26 -19.95 2.67
CA GLY E 105 3.38 -20.75 3.48
C GLY E 105 2.53 -21.73 2.70
N SER E 106 2.91 -22.07 1.47
CA SER E 106 2.16 -23.02 0.65
C SER E 106 0.68 -22.64 0.53
N THR E 107 0.39 -21.33 0.58
CA THR E 107 -0.97 -20.84 0.64
C THR E 107 -1.45 -20.27 -0.70
N TYR E 108 -2.77 -20.09 -0.80
CA TYR E 108 -3.36 -19.47 -1.99
C TYR E 108 -3.03 -17.98 -2.01
N ASP E 109 -2.85 -17.44 -3.23
CA ASP E 109 -2.58 -16.01 -3.37
C ASP E 109 -3.33 -15.33 -4.51
N SER E 110 -4.19 -16.03 -5.23
CA SER E 110 -4.89 -15.40 -6.35
C SER E 110 -6.04 -16.30 -6.76
N TRP E 111 -7.26 -15.76 -6.73
CA TRP E 111 -8.47 -16.57 -6.84
C TRP E 111 -9.24 -16.20 -8.11
N GLY E 112 -9.75 -17.22 -8.79
CA GLY E 112 -10.81 -17.03 -9.78
C GLY E 112 -12.03 -16.39 -9.15
N GLN E 113 -12.98 -15.96 -10.00
CA GLN E 113 -14.17 -15.28 -9.50
C GLN E 113 -15.24 -16.25 -9.03
N GLY E 114 -15.03 -17.55 -9.18
CA GLY E 114 -15.99 -18.55 -8.76
C GLY E 114 -16.90 -18.99 -9.90
N THR E 115 -17.41 -20.21 -9.79
CA THR E 115 -18.33 -20.78 -10.75
C THR E 115 -19.44 -21.45 -9.98
N THR E 116 -20.68 -21.10 -10.27
CA THR E 116 -21.83 -21.62 -9.55
C THR E 116 -22.39 -22.82 -10.31
N LEU E 117 -22.49 -23.95 -9.62
CA LEU E 117 -23.13 -25.15 -10.15
C LEU E 117 -24.45 -25.35 -9.40
N THR E 118 -25.51 -25.63 -10.14
CA THR E 118 -26.80 -25.95 -9.55
C THR E 118 -27.28 -27.26 -10.16
N VAL E 119 -27.59 -28.23 -9.30
CA VAL E 119 -28.01 -29.55 -9.72
C VAL E 119 -29.41 -29.77 -9.17
N SER E 120 -30.38 -29.93 -10.07
CA SER E 120 -31.77 -30.12 -9.69
C SER E 120 -32.49 -30.80 -10.84
N SER E 121 -33.45 -31.65 -10.48
CA SER E 121 -34.24 -32.39 -11.45
C SER E 121 -35.55 -31.71 -11.80
N ALA E 122 -35.70 -30.43 -11.50
CA ALA E 122 -36.99 -29.74 -11.62
C ALA E 122 -36.84 -28.66 -12.68
N LYS E 123 -37.88 -28.50 -13.48
CA LYS E 123 -37.88 -27.54 -14.57
C LYS E 123 -38.33 -26.16 -14.11
N THR E 124 -37.82 -25.15 -14.82
CA THR E 124 -38.18 -23.76 -14.60
C THR E 124 -39.65 -23.60 -14.28
N THR E 125 -39.95 -22.98 -13.14
CA THR E 125 -41.31 -22.75 -12.73
C THR E 125 -41.47 -21.31 -12.29
N PRO E 126 -42.51 -20.59 -12.72
CA PRO E 126 -42.66 -19.18 -12.34
C PRO E 126 -43.16 -19.05 -10.91
N PRO E 127 -42.82 -17.95 -10.23
CA PRO E 127 -43.24 -17.80 -8.84
C PRO E 127 -44.73 -17.51 -8.75
N SER E 128 -45.29 -17.90 -7.61
CA SER E 128 -46.65 -17.52 -7.22
C SER E 128 -46.54 -16.49 -6.13
N VAL E 129 -47.32 -15.41 -6.24
CA VAL E 129 -47.22 -14.28 -5.34
C VAL E 129 -48.52 -14.16 -4.56
N TYR E 130 -48.40 -14.12 -3.23
CA TYR E 130 -49.54 -14.06 -2.31
C TYR E 130 -49.28 -12.89 -1.37
N PRO E 131 -50.26 -12.03 -1.12
CA PRO E 131 -50.03 -10.89 -0.22
C PRO E 131 -50.03 -11.35 1.23
N LEU E 132 -49.70 -10.39 2.11
CA LEU E 132 -49.67 -10.63 3.56
C LEU E 132 -50.33 -9.44 4.24
N ALA E 133 -51.57 -9.62 4.70
CA ALA E 133 -52.30 -8.56 5.38
C ALA E 133 -52.48 -8.89 6.85
N PRO E 134 -52.44 -7.88 7.75
CA PRO E 134 -52.69 -8.06 9.19
C PRO E 134 -54.08 -8.62 9.50
N SER E 142 -48.24 4.94 15.44
CA SER E 142 -48.21 3.49 15.31
C SER E 142 -47.69 3.09 13.93
N MET E 143 -46.95 2.00 13.87
CA MET E 143 -46.42 1.44 12.64
C MET E 143 -47.18 0.15 12.29
N VAL E 144 -47.39 -0.07 10.99
CA VAL E 144 -48.04 -1.27 10.50
C VAL E 144 -47.04 -2.02 9.61
N THR E 145 -47.02 -3.34 9.76
CA THR E 145 -46.12 -4.20 9.00
C THR E 145 -46.91 -4.93 7.92
N LEU E 146 -46.31 -4.98 6.74
CA LEU E 146 -46.95 -5.54 5.56
C LEU E 146 -46.00 -6.54 4.94
N GLY E 147 -46.50 -7.37 4.04
CA GLY E 147 -45.68 -8.43 3.50
C GLY E 147 -46.05 -8.81 2.09
N CYS E 148 -45.18 -9.64 1.51
CA CYS E 148 -45.33 -10.13 0.16
C CYS E 148 -44.73 -11.52 0.12
N LEU E 149 -45.53 -12.52 -0.20
CA LEU E 149 -45.09 -13.92 -0.16
C LEU E 149 -44.83 -14.37 -1.60
N VAL E 150 -43.62 -14.88 -1.85
CA VAL E 150 -43.23 -15.32 -3.18
C VAL E 150 -42.88 -16.79 -3.07
N LYS E 151 -43.79 -17.66 -3.50
CA LYS E 151 -43.70 -19.09 -3.22
C LYS E 151 -43.59 -19.89 -4.51
N GLY E 152 -42.94 -21.04 -4.42
CA GLY E 152 -42.84 -21.98 -5.53
C GLY E 152 -42.24 -21.44 -6.83
N TYR E 153 -40.93 -21.29 -6.88
CA TYR E 153 -40.26 -20.87 -8.11
C TYR E 153 -38.94 -21.62 -8.24
N PHE E 154 -38.43 -21.62 -9.48
CA PHE E 154 -37.12 -22.19 -9.81
C PHE E 154 -36.71 -21.62 -11.16
N PRO E 155 -35.44 -21.28 -11.38
CA PRO E 155 -34.30 -21.28 -10.44
C PRO E 155 -34.28 -20.03 -9.53
N GLU E 156 -33.14 -19.78 -8.88
CA GLU E 156 -33.16 -19.02 -7.64
C GLU E 156 -33.27 -17.50 -7.68
N PRO E 157 -32.55 -16.79 -8.54
CA PRO E 157 -32.55 -15.32 -8.43
C PRO E 157 -33.95 -14.74 -8.51
N VAL E 158 -34.33 -14.00 -7.45
CA VAL E 158 -35.55 -13.19 -7.43
C VAL E 158 -35.24 -11.86 -6.76
N THR E 159 -36.02 -10.84 -7.10
CA THR E 159 -35.84 -9.47 -6.60
C THR E 159 -37.18 -8.89 -6.18
N VAL E 160 -37.31 -8.52 -4.91
CA VAL E 160 -38.50 -7.86 -4.39
C VAL E 160 -38.19 -6.38 -4.16
N THR E 161 -39.06 -5.50 -4.66
CA THR E 161 -39.01 -4.07 -4.39
C THR E 161 -40.40 -3.60 -3.95
N TRP E 162 -40.48 -2.38 -3.44
CA TRP E 162 -41.73 -1.80 -2.96
C TRP E 162 -41.95 -0.44 -3.60
N ASN E 163 -43.11 -0.28 -4.26
CA ASN E 163 -43.45 0.94 -4.99
C ASN E 163 -42.36 1.29 -6.00
N SER E 164 -42.00 0.30 -6.81
CA SER E 164 -41.03 0.47 -7.88
C SER E 164 -39.66 0.87 -7.36
N GLY E 165 -39.43 0.71 -6.05
CA GLY E 165 -38.17 1.04 -5.42
C GLY E 165 -38.17 2.34 -4.66
N SER E 166 -39.13 3.23 -4.94
CA SER E 166 -39.13 4.55 -4.32
C SER E 166 -39.41 4.49 -2.82
N LEU E 167 -40.07 3.46 -2.32
CA LEU E 167 -40.34 3.34 -0.89
C LEU E 167 -39.54 2.16 -0.34
N SER E 168 -38.27 2.41 -0.01
CA SER E 168 -37.41 1.33 0.43
C SER E 168 -36.40 1.76 1.50
N SER E 169 -36.83 2.60 2.46
CA SER E 169 -35.90 2.93 3.54
C SER E 169 -35.93 1.89 4.66
N GLY E 170 -37.00 1.11 4.76
CA GLY E 170 -37.20 0.15 5.83
C GLY E 170 -37.63 -1.25 5.42
N VAL E 171 -37.06 -1.84 4.37
CA VAL E 171 -37.50 -3.15 3.88
C VAL E 171 -36.55 -4.27 4.27
N HIS E 172 -37.14 -5.44 4.54
CA HIS E 172 -36.44 -6.68 4.84
C HIS E 172 -36.89 -7.76 3.86
N THR E 173 -35.97 -8.30 3.08
CA THR E 173 -36.23 -9.46 2.23
C THR E 173 -35.46 -10.66 2.78
N PHE E 174 -36.16 -11.77 3.04
CA PHE E 174 -35.54 -12.91 3.72
C PHE E 174 -34.97 -13.90 2.70
N PRO E 175 -33.80 -14.48 2.96
CA PRO E 175 -33.26 -15.52 2.05
C PRO E 175 -34.26 -16.63 1.72
N ALA E 176 -34.13 -17.18 0.51
CA ALA E 176 -35.02 -18.23 0.06
C ALA E 176 -34.76 -19.57 0.76
N VAL E 177 -35.82 -20.35 0.89
CA VAL E 177 -35.77 -21.71 1.39
C VAL E 177 -36.08 -22.66 0.24
N LEU E 178 -35.62 -23.91 0.36
CA LEU E 178 -35.83 -24.94 -0.65
C LEU E 178 -36.86 -25.93 -0.16
N GLN E 179 -37.96 -26.08 -0.89
CA GLN E 179 -39.01 -27.01 -0.54
C GLN E 179 -39.42 -27.80 -1.78
N SER E 180 -39.30 -29.12 -1.72
CA SER E 180 -39.70 -30.01 -2.81
C SER E 180 -39.16 -29.52 -4.14
N ASP E 181 -37.89 -29.14 -4.15
CA ASP E 181 -37.14 -28.72 -5.33
C ASP E 181 -37.54 -27.32 -5.82
N LEU E 182 -38.37 -26.61 -5.07
CA LEU E 182 -38.70 -25.23 -5.39
C LEU E 182 -38.34 -24.32 -4.22
N TYR E 183 -38.13 -23.03 -4.54
CA TYR E 183 -37.75 -22.02 -3.56
C TYR E 183 -38.93 -21.15 -3.14
N THR E 184 -38.87 -20.68 -1.89
CA THR E 184 -39.83 -19.73 -1.35
C THR E 184 -39.11 -18.71 -0.48
N LEU E 185 -39.48 -17.44 -0.62
CA LEU E 185 -38.97 -16.39 0.25
C LEU E 185 -40.10 -15.41 0.55
N SER E 186 -39.84 -14.51 1.50
CA SER E 186 -40.80 -13.50 1.89
C SER E 186 -40.08 -12.16 2.04
N SER E 187 -40.84 -11.08 1.88
CA SER E 187 -40.34 -9.73 2.04
C SER E 187 -41.29 -8.97 2.96
N SER E 188 -40.73 -8.11 3.82
CA SER E 188 -41.53 -7.27 4.70
C SER E 188 -41.23 -5.79 4.45
N VAL E 189 -42.23 -4.96 4.72
CA VAL E 189 -42.08 -3.50 4.69
C VAL E 189 -42.93 -2.93 5.82
N THR E 190 -42.37 -2.03 6.61
CA THR E 190 -43.09 -1.39 7.70
C THR E 190 -43.18 0.11 7.43
N VAL E 191 -44.40 0.65 7.52
CA VAL E 191 -44.65 2.07 7.28
C VAL E 191 -45.66 2.59 8.30
N PRO E 192 -45.63 3.90 8.55
CA PRO E 192 -46.63 4.49 9.45
C PRO E 192 -48.06 4.17 9.04
N SER E 193 -48.90 3.92 10.05
CA SER E 193 -50.33 3.73 9.80
C SER E 193 -50.98 4.91 9.12
N SER E 194 -50.35 6.09 9.15
CA SER E 194 -50.89 7.28 8.51
C SER E 194 -50.71 7.26 6.99
N THR E 195 -50.08 6.21 6.45
CA THR E 195 -49.92 6.05 5.02
C THR E 195 -50.63 4.84 4.45
N TRP E 196 -51.00 3.86 5.28
CA TRP E 196 -51.75 2.70 4.83
C TRP E 196 -52.91 2.46 5.78
N PRO E 197 -54.12 2.11 5.26
CA PRO E 197 -54.44 1.91 3.85
C PRO E 197 -54.69 3.20 3.07
N SER E 198 -54.40 4.36 3.68
CA SER E 198 -54.71 5.64 3.05
C SER E 198 -53.99 5.80 1.71
N GLU E 199 -52.82 5.18 1.58
CA GLU E 199 -52.13 5.09 0.31
C GLU E 199 -51.84 3.63 -0.01
N THR E 200 -51.80 3.32 -1.30
CA THR E 200 -51.53 1.96 -1.76
C THR E 200 -50.04 1.81 -1.98
N VAL E 201 -49.47 0.72 -1.50
CA VAL E 201 -48.09 0.35 -1.80
C VAL E 201 -48.08 -1.09 -2.31
N THR E 202 -47.21 -1.37 -3.27
CA THR E 202 -47.22 -2.63 -3.99
C THR E 202 -45.83 -3.25 -3.98
N CYS E 203 -45.76 -4.56 -3.67
CA CYS E 203 -44.53 -5.31 -3.90
C CYS E 203 -44.42 -5.66 -5.38
N ASN E 204 -43.21 -5.48 -5.92
CA ASN E 204 -42.88 -5.84 -7.29
C ASN E 204 -41.93 -7.03 -7.26
N VAL E 205 -42.38 -8.16 -7.82
CA VAL E 205 -41.59 -9.39 -7.83
C VAL E 205 -41.12 -9.65 -9.26
N ALA E 206 -39.81 -9.90 -9.41
CA ALA E 206 -39.23 -10.25 -10.69
C ALA E 206 -38.51 -11.60 -10.59
N HIS E 207 -38.81 -12.50 -11.54
CA HIS E 207 -38.10 -13.78 -11.69
C HIS E 207 -37.58 -13.85 -13.12
N PRO E 208 -36.42 -13.23 -13.40
CA PRO E 208 -35.94 -13.17 -14.79
C PRO E 208 -35.80 -14.51 -15.49
N ALA E 209 -35.41 -15.58 -14.80
CA ALA E 209 -35.26 -16.87 -15.46
C ALA E 209 -36.54 -17.28 -16.19
N SER E 210 -37.70 -16.87 -15.67
CA SER E 210 -38.98 -17.08 -16.34
C SER E 210 -39.52 -15.79 -16.93
N SER E 211 -38.68 -14.76 -17.03
CA SER E 211 -39.05 -13.47 -17.60
C SER E 211 -40.34 -12.92 -16.98
N THR E 212 -40.35 -12.82 -15.66
CA THR E 212 -41.58 -12.52 -14.92
C THR E 212 -41.46 -11.22 -14.13
N LYS E 213 -42.47 -10.37 -14.26
CA LYS E 213 -42.67 -9.20 -13.41
C LYS E 213 -44.13 -9.15 -12.99
N VAL E 214 -44.37 -9.06 -11.68
CA VAL E 214 -45.71 -9.05 -11.10
C VAL E 214 -45.78 -7.96 -10.04
N ASP E 215 -46.86 -7.20 -10.04
CA ASP E 215 -47.16 -6.23 -8.99
C ASP E 215 -48.38 -6.72 -8.22
N LYS E 216 -48.33 -6.64 -6.89
CA LYS E 216 -49.45 -6.99 -6.05
C LYS E 216 -49.72 -5.88 -5.04
N LYS E 217 -50.97 -5.42 -4.99
CA LYS E 217 -51.41 -4.45 -4.01
C LYS E 217 -51.72 -5.14 -2.69
N ILE E 218 -51.48 -4.41 -1.60
CA ILE E 218 -51.75 -4.93 -0.26
C ILE E 218 -53.17 -4.48 0.10
N VAL E 219 -54.11 -5.43 0.02
CA VAL E 219 -55.50 -5.16 0.35
C VAL E 219 -55.78 -5.49 1.81
N PRO E 220 -56.48 -4.60 2.54
CA PRO E 220 -56.92 -4.93 3.91
C PRO E 220 -57.99 -6.02 3.94
N ASP F 31 -39.49 0.67 26.41
CA ASP F 31 -39.44 1.86 27.29
C ASP F 31 -38.62 1.50 28.55
N PRO F 32 -39.00 0.49 29.32
CA PRO F 32 -38.10 -0.02 30.36
C PRO F 32 -37.24 -1.21 29.92
N THR F 33 -37.40 -1.68 28.69
CA THR F 33 -36.62 -2.79 28.15
C THR F 33 -35.32 -2.36 27.48
N VAL F 34 -34.97 -1.08 27.54
CA VAL F 34 -33.93 -0.53 26.67
C VAL F 34 -32.55 -0.83 27.24
N HIS F 35 -31.60 -1.07 26.35
CA HIS F 35 -30.20 -1.32 26.67
C HIS F 35 -29.34 -0.24 26.00
N TRP F 36 -28.49 0.40 26.80
CA TRP F 36 -27.52 1.38 26.29
C TRP F 36 -26.12 0.81 26.42
N LEU F 37 -25.39 0.75 25.30
CA LEU F 37 -24.03 0.22 25.26
C LEU F 37 -23.05 1.33 24.93
N PHE F 38 -22.22 1.70 25.91
CA PHE F 38 -21.20 2.73 25.75
C PHE F 38 -19.86 2.09 25.37
N THR F 39 -19.24 2.62 24.32
CA THR F 39 -17.97 2.12 23.82
C THR F 39 -16.96 3.26 23.75
N THR F 40 -15.85 3.00 23.06
CA THR F 40 -14.88 4.03 22.70
C THR F 40 -15.25 4.79 21.44
N CYS F 41 -16.40 4.48 20.84
CA CYS F 41 -16.87 5.14 19.63
C CYS F 41 -15.87 5.04 18.49
N GLY F 42 -14.99 4.05 18.52
CA GLY F 42 -14.01 3.84 17.47
C GLY F 42 -12.62 4.32 17.80
N ALA F 43 -12.42 4.88 18.97
CA ALA F 43 -11.18 5.55 19.35
C ALA F 43 -10.26 4.57 20.09
N SER F 44 -8.98 4.89 20.10
CA SER F 44 -7.95 4.05 20.68
C SER F 44 -6.82 4.95 21.17
N GLY F 45 -6.02 4.44 22.09
CA GLY F 45 -4.83 5.15 22.53
C GLY F 45 -5.06 6.09 23.71
N PRO F 46 -4.15 7.06 23.87
CA PRO F 46 -4.19 7.90 25.08
C PRO F 46 -5.23 9.00 25.06
N HIS F 47 -5.81 9.34 23.90
CA HIS F 47 -6.84 10.35 23.80
C HIS F 47 -8.20 9.72 23.51
N GLY F 48 -9.24 10.31 24.09
CA GLY F 48 -10.58 9.80 23.92
C GLY F 48 -11.30 10.39 22.73
N PRO F 49 -12.55 10.00 22.54
CA PRO F 49 -13.22 10.22 21.25
C PRO F 49 -13.88 11.60 21.13
N THR F 50 -14.25 11.92 19.90
CA THR F 50 -14.95 13.15 19.58
C THR F 50 -16.46 12.91 19.46
N GLN F 51 -17.21 14.02 19.56
CA GLN F 51 -18.64 13.99 19.32
C GLN F 51 -18.97 13.25 18.02
N ALA F 52 -18.15 13.45 16.98
CA ALA F 52 -18.48 12.87 15.68
C ALA F 52 -18.17 11.38 15.62
N GLN F 53 -17.21 10.91 16.40
CA GLN F 53 -16.96 9.48 16.47
C GLN F 53 -18.12 8.77 17.15
N CYS F 54 -18.58 9.30 18.30
CA CYS F 54 -19.71 8.70 18.99
C CYS F 54 -21.00 8.85 18.20
N ASN F 55 -21.19 9.98 17.53
CA ASN F 55 -22.39 10.11 16.71
C ASN F 55 -22.38 9.09 15.58
N ASN F 56 -21.20 8.69 15.11
CA ASN F 56 -21.13 7.69 14.05
C ASN F 56 -21.38 6.29 14.60
N ALA F 57 -20.75 5.96 15.74
CA ALA F 57 -20.87 4.63 16.30
C ALA F 57 -22.27 4.37 16.85
N TYR F 58 -22.97 5.43 17.26
CA TYR F 58 -24.26 5.28 17.92
C TYR F 58 -25.45 5.61 17.03
N GLN F 59 -25.22 6.00 15.78
CA GLN F 59 -26.34 6.25 14.87
C GLN F 59 -27.25 5.02 14.79
N ASN F 60 -28.56 5.28 14.65
CA ASN F 60 -29.57 4.24 14.57
C ASN F 60 -29.54 3.33 15.79
N SER F 61 -29.59 3.94 16.97
CA SER F 61 -29.78 3.25 18.24
C SER F 61 -30.58 4.14 19.17
N ASN F 62 -31.02 3.62 20.32
CA ASN F 62 -31.40 4.53 21.41
C ASN F 62 -30.22 4.75 22.33
N LEU F 63 -29.20 5.41 21.81
CA LEU F 63 -28.12 5.92 22.64
C LEU F 63 -27.73 7.25 22.00
N SER F 64 -27.77 8.30 22.80
CA SER F 64 -27.32 9.62 22.40
C SER F 64 -26.48 10.19 23.53
N VAL F 65 -25.36 10.81 23.18
CA VAL F 65 -24.49 11.40 24.19
C VAL F 65 -23.94 12.72 23.67
N GLU F 66 -23.44 13.50 24.61
CA GLU F 66 -22.75 14.75 24.34
C GLU F 66 -21.30 14.58 24.77
N VAL F 67 -20.38 14.95 23.91
CA VAL F 67 -18.96 14.79 24.20
C VAL F 67 -18.29 16.14 24.15
N GLY F 68 -17.68 16.53 25.26
CA GLY F 68 -16.93 17.77 25.30
C GLY F 68 -15.71 17.72 24.40
N SER F 69 -15.28 18.91 23.97
CA SER F 69 -14.17 19.04 23.04
C SER F 69 -12.90 19.59 23.69
N GLU F 70 -12.99 20.12 24.90
CA GLU F 70 -11.89 20.87 25.46
C GLU F 70 -12.02 20.92 26.97
N GLY F 71 -10.89 21.06 27.64
CA GLY F 71 -10.84 21.10 29.08
C GLY F 71 -10.77 19.72 29.67
N PRO F 72 -11.13 19.59 30.95
CA PRO F 72 -11.01 18.29 31.61
C PRO F 72 -12.12 17.31 31.27
N LEU F 73 -13.18 17.76 30.60
CA LEU F 73 -14.30 16.88 30.30
C LEU F 73 -14.19 16.30 28.90
N LYS F 74 -13.05 16.49 28.24
CA LYS F 74 -12.88 16.13 26.85
C LYS F 74 -12.78 14.61 26.72
N GLY F 75 -13.50 14.06 25.76
CA GLY F 75 -13.53 12.64 25.52
C GLY F 75 -14.45 11.84 26.41
N ILE F 76 -15.20 12.51 27.28
CA ILE F 76 -16.05 11.85 28.27
C ILE F 76 -17.48 12.03 27.81
N GLN F 77 -18.28 10.96 27.90
CA GLN F 77 -19.61 10.93 27.31
C GLN F 77 -20.66 11.26 28.34
N ILE F 78 -21.62 12.10 27.95
CA ILE F 78 -22.66 12.59 28.84
C ILE F 78 -24.00 12.03 28.39
N TRP F 79 -24.66 11.33 29.30
CA TRP F 79 -25.91 10.66 29.04
C TRP F 79 -27.01 11.26 29.91
N LYS F 80 -28.24 11.16 29.43
CA LYS F 80 -29.41 11.68 30.12
C LYS F 80 -30.30 10.55 30.59
N VAL F 81 -30.60 10.53 31.87
CA VAL F 81 -31.40 9.43 32.43
C VAL F 81 -32.86 9.66 32.02
N PRO F 82 -33.52 8.67 31.41
CA PRO F 82 -34.84 8.93 30.82
C PRO F 82 -35.98 8.83 31.81
N ALA F 83 -35.78 8.14 32.92
CA ALA F 83 -36.85 7.90 33.87
C ALA F 83 -36.28 7.74 35.27
N THR F 84 -37.11 8.04 36.26
CA THR F 84 -36.77 7.71 37.64
C THR F 84 -36.96 6.22 37.83
N ASP F 85 -35.89 5.51 38.18
CA ASP F 85 -35.97 4.05 38.23
C ASP F 85 -34.64 3.51 38.74
N THR F 86 -34.61 2.20 38.98
CA THR F 86 -33.39 1.50 39.34
C THR F 86 -32.76 0.89 38.10
N TYR F 87 -31.44 1.04 37.98
CA TYR F 87 -30.72 0.58 36.80
C TYR F 87 -29.55 -0.31 37.17
N SER F 88 -29.26 -1.26 36.30
CA SER F 88 -27.98 -1.96 36.31
C SER F 88 -26.93 -1.09 35.65
N ILE F 89 -25.74 -1.07 36.22
CA ILE F 89 -24.58 -0.41 35.61
C ILE F 89 -23.41 -1.36 35.74
N SER F 90 -22.84 -1.76 34.61
CA SER F 90 -21.68 -2.65 34.56
C SER F 90 -20.51 -1.89 33.97
N GLY F 91 -19.46 -1.70 34.77
CA GLY F 91 -18.24 -1.08 34.32
C GLY F 91 -17.18 -2.12 34.01
N TYR F 92 -16.51 -1.94 32.87
CA TYR F 92 -15.34 -2.73 32.51
C TYR F 92 -14.19 -1.82 32.15
N GLY F 93 -13.06 -1.97 32.84
CA GLY F 93 -11.87 -1.23 32.49
C GLY F 93 -11.10 -1.92 31.37
N ALA F 94 -10.03 -1.25 30.94
CA ALA F 94 -9.27 -1.69 29.79
C ALA F 94 -8.03 -2.48 30.21
N ALA F 95 -7.64 -3.40 29.35
CA ALA F 95 -6.42 -4.17 29.57
C ALA F 95 -5.18 -3.31 29.33
N GLY F 96 -4.10 -3.67 30.01
CA GLY F 96 -2.80 -3.08 29.73
C GLY F 96 -2.16 -3.68 28.50
N GLY F 97 -1.06 -3.06 28.07
CA GLY F 97 -0.36 -3.52 26.90
C GLY F 97 0.47 -4.78 27.15
N LYS F 98 0.84 -5.43 26.05
CA LYS F 98 1.77 -6.55 26.05
C LYS F 98 3.21 -6.05 26.15
N GLY F 99 4.06 -6.87 26.75
CA GLY F 99 5.47 -6.60 26.82
C GLY F 99 6.24 -7.02 25.58
N GLY F 100 7.41 -7.62 25.78
CA GLY F 100 8.38 -7.82 24.73
C GLY F 100 8.24 -9.09 23.91
N LYS F 101 7.12 -9.80 24.03
CA LYS F 101 6.94 -11.08 23.36
C LYS F 101 5.49 -11.25 22.91
N ASN F 102 5.30 -11.67 21.66
CA ASN F 102 3.95 -11.88 21.15
C ASN F 102 3.16 -12.87 21.99
N THR F 103 3.84 -13.71 22.78
CA THR F 103 3.16 -14.78 23.49
C THR F 103 2.55 -14.34 24.80
N MET F 104 2.99 -13.21 25.35
CA MET F 104 2.52 -12.74 26.64
C MET F 104 1.03 -12.45 26.60
N MET F 105 0.34 -12.73 27.69
CA MET F 105 -1.03 -12.25 27.79
C MET F 105 -1.03 -10.87 28.44
N ARG F 106 -2.07 -10.12 28.16
CA ARG F 106 -2.25 -8.81 28.76
C ARG F 106 -2.83 -8.95 30.17
N SER F 107 -2.72 -7.87 30.94
CA SER F 107 -3.39 -7.79 32.24
C SER F 107 -4.78 -7.24 31.98
N HIS F 108 -5.79 -8.09 32.14
CA HIS F 108 -7.14 -7.76 31.70
C HIS F 108 -7.80 -6.74 32.64
N GLY F 109 -8.61 -5.87 32.02
CA GLY F 109 -9.30 -4.85 32.78
C GLY F 109 -10.33 -5.43 33.74
N VAL F 110 -10.63 -4.66 34.77
CA VAL F 110 -11.46 -5.12 35.87
C VAL F 110 -12.91 -4.78 35.56
N SER F 111 -13.81 -5.69 35.93
CA SER F 111 -15.25 -5.47 35.80
C SER F 111 -15.86 -5.18 37.17
N VAL F 112 -16.84 -4.26 37.20
CA VAL F 112 -17.50 -3.83 38.43
C VAL F 112 -18.99 -3.68 38.13
N LEU F 113 -19.81 -4.49 38.80
CA LEU F 113 -21.25 -4.58 38.53
C LEU F 113 -22.04 -4.01 39.70
N GLY F 114 -22.85 -2.99 39.45
CA GLY F 114 -23.65 -2.39 40.51
C GLY F 114 -25.07 -2.07 40.09
N ILE F 115 -25.88 -1.84 41.11
CA ILE F 115 -27.28 -1.46 40.98
C ILE F 115 -27.45 -0.09 41.61
N PHE F 116 -28.06 0.84 40.87
CA PHE F 116 -28.13 2.22 41.32
C PHE F 116 -29.51 2.78 41.04
N ASN F 117 -30.03 3.55 41.98
CA ASN F 117 -31.25 4.32 41.78
C ASN F 117 -30.89 5.71 41.27
N LEU F 118 -31.50 6.09 40.16
CA LEU F 118 -31.21 7.36 39.50
C LEU F 118 -32.52 8.11 39.27
N GLU F 119 -32.43 9.43 39.18
CA GLU F 119 -33.57 10.32 39.17
C GLU F 119 -33.69 10.91 37.76
N LYS F 120 -34.92 10.94 37.24
CA LYS F 120 -35.13 11.37 35.86
C LYS F 120 -34.34 12.65 35.57
N ASP F 121 -33.68 12.66 34.43
CA ASP F 121 -32.93 13.77 33.86
C ASP F 121 -31.57 14.00 34.54
N ASP F 122 -31.17 13.17 35.51
CA ASP F 122 -29.79 13.26 35.96
C ASP F 122 -28.85 13.04 34.77
N MET F 123 -27.73 13.73 34.78
CA MET F 123 -26.71 13.54 33.76
C MET F 123 -25.68 12.56 34.29
N LEU F 124 -25.38 11.52 33.53
CA LEU F 124 -24.30 10.61 33.87
C LEU F 124 -23.10 10.90 32.98
N TYR F 125 -21.93 10.99 33.59
CA TYR F 125 -20.69 11.21 32.87
C TYR F 125 -19.94 9.89 32.78
N ILE F 126 -19.54 9.52 31.58
CA ILE F 126 -19.01 8.19 31.32
C ILE F 126 -17.73 8.29 30.51
N LEU F 127 -16.69 7.62 31.00
CA LEU F 127 -15.37 7.58 30.35
C LEU F 127 -15.04 6.11 30.16
N VAL F 128 -14.97 5.67 28.92
CA VAL F 128 -14.71 4.27 28.62
C VAL F 128 -13.20 4.12 28.44
N GLY F 129 -12.58 3.31 29.28
CA GLY F 129 -11.14 3.18 29.26
C GLY F 129 -10.65 2.52 27.99
N GLN F 130 -9.45 2.91 27.58
CA GLN F 130 -8.83 2.46 26.35
C GLN F 130 -7.58 1.66 26.69
N GLN F 131 -7.32 0.64 25.87
CA GLN F 131 -6.25 -0.30 26.16
C GLN F 131 -4.91 0.39 26.20
N GLY F 132 -4.04 -0.08 27.08
CA GLY F 132 -2.67 0.36 27.06
C GLY F 132 -2.00 -0.10 25.79
N GLU F 133 -1.02 0.68 25.34
CA GLU F 133 -0.37 0.37 24.08
C GLU F 133 0.49 -0.88 24.20
N ASP F 134 0.37 -1.76 23.22
CA ASP F 134 1.19 -2.96 23.18
C ASP F 134 2.59 -2.64 22.69
N ALA F 135 3.59 -3.32 23.27
CA ALA F 135 4.95 -3.25 22.74
C ALA F 135 5.14 -4.25 21.60
N CYS F 136 4.47 -5.40 21.69
CA CYS F 136 4.36 -6.37 20.62
C CYS F 136 2.88 -6.64 20.36
N PRO F 137 2.47 -6.78 19.09
CA PRO F 137 3.31 -6.81 17.88
C PRO F 137 3.65 -5.41 17.40
N SER F 138 4.63 -5.29 16.50
CA SER F 138 5.00 -4.01 15.94
C SER F 138 5.03 -4.07 14.41
N THR F 139 4.70 -2.93 13.80
CA THR F 139 4.82 -2.79 12.36
C THR F 139 6.24 -2.51 11.89
N ASN F 140 7.15 -2.18 12.80
CA ASN F 140 8.57 -2.05 12.51
C ASN F 140 9.22 -3.43 12.49
N GLN F 141 9.79 -3.85 11.36
CA GLN F 141 10.32 -5.20 11.32
C GLN F 141 11.59 -5.40 12.14
N LEU F 142 12.21 -4.33 12.66
CA LEU F 142 13.37 -4.55 13.51
C LEU F 142 12.95 -4.85 14.93
N ILE F 143 11.80 -4.31 15.34
CA ILE F 143 11.22 -4.61 16.64
C ILE F 143 10.46 -5.92 16.60
N GLN F 144 9.85 -6.26 15.46
CA GLN F 144 9.11 -7.50 15.36
C GLN F 144 10.03 -8.71 15.50
N LYS F 145 11.26 -8.62 14.97
CA LYS F 145 12.25 -9.66 15.24
C LYS F 145 12.33 -9.95 16.74
N VAL F 146 12.51 -8.90 17.54
CA VAL F 146 12.59 -9.08 19.00
C VAL F 146 11.32 -9.73 19.52
N CYS F 147 10.17 -9.39 18.92
CA CYS F 147 8.88 -9.84 19.44
C CYS F 147 8.67 -11.34 19.26
N ILE F 148 9.45 -11.96 18.37
CA ILE F 148 9.31 -13.38 18.06
C ILE F 148 10.46 -14.22 18.58
N GLY F 149 11.53 -13.59 19.07
CA GLY F 149 12.71 -14.34 19.50
C GLY F 149 13.41 -15.06 18.36
N GLU F 166 21.01 2.22 29.49
CA GLU F 166 21.56 1.52 28.32
C GLU F 166 20.44 1.10 27.36
N TRP F 167 19.72 0.04 27.73
CA TRP F 167 18.52 -0.37 27.01
C TRP F 167 17.29 0.11 27.75
N ALA F 168 16.32 0.64 27.00
CA ALA F 168 15.06 1.05 27.59
C ALA F 168 13.96 0.85 26.56
N GLY F 169 12.86 0.25 27.00
CA GLY F 169 11.67 0.13 26.21
C GLY F 169 11.15 -1.30 26.25
N GLY F 170 10.05 -1.50 25.52
CA GLY F 170 9.46 -2.82 25.42
C GLY F 170 8.37 -3.11 26.42
N GLY F 171 8.23 -2.29 27.47
CA GLY F 171 7.20 -2.54 28.47
C GLY F 171 5.86 -2.00 27.99
N GLY F 172 4.80 -2.74 28.31
CA GLY F 172 3.49 -2.31 27.88
C GLY F 172 2.99 -1.12 28.67
N GLY F 173 2.14 -0.33 28.04
CA GLY F 173 1.54 0.77 28.73
C GLY F 173 0.30 0.36 29.52
N GLY F 174 -0.05 1.21 30.49
CA GLY F 174 -1.11 0.86 31.41
C GLY F 174 -2.47 1.07 30.77
N GLY F 175 -3.41 0.20 31.14
CA GLY F 175 -4.75 0.31 30.63
C GLY F 175 -5.56 1.35 31.39
N GLY F 176 -6.37 2.09 30.65
CA GLY F 176 -7.17 3.14 31.28
C GLY F 176 -8.37 2.55 32.00
N ALA F 177 -8.70 3.15 33.14
CA ALA F 177 -9.91 2.76 33.85
C ALA F 177 -11.16 3.31 33.16
N THR F 178 -12.29 2.76 33.56
CA THR F 178 -13.61 3.22 33.11
C THR F 178 -14.30 3.91 34.29
N TYR F 179 -14.81 5.10 34.04
CA TYR F 179 -15.37 5.96 35.07
C TYR F 179 -16.83 6.21 34.75
N VAL F 180 -17.68 6.13 35.77
CA VAL F 180 -19.08 6.49 35.68
C VAL F 180 -19.36 7.34 36.92
N PHE F 181 -19.61 8.63 36.74
CA PHE F 181 -19.79 9.54 37.86
C PHE F 181 -20.88 10.54 37.54
N LYS F 182 -21.18 11.41 38.51
CA LYS F 182 -22.25 12.39 38.37
C LYS F 182 -21.85 13.63 39.15
N MET F 183 -22.43 14.77 38.76
CA MET F 183 -22.23 16.02 39.47
C MET F 183 -23.29 16.21 40.56
N LYS F 184 -22.83 16.71 41.71
CA LYS F 184 -23.68 17.01 42.85
C LYS F 184 -23.14 18.29 43.49
N ASP F 185 -23.89 19.38 43.35
CA ASP F 185 -23.50 20.66 43.94
C ASP F 185 -22.22 21.20 43.32
N GLY F 186 -21.98 20.88 42.04
CA GLY F 186 -20.79 21.29 41.36
C GLY F 186 -19.58 20.38 41.51
N VAL F 187 -19.66 19.35 42.33
CA VAL F 187 -18.53 18.44 42.59
C VAL F 187 -18.82 17.10 41.93
N PRO F 188 -17.88 16.54 41.17
CA PRO F 188 -18.09 15.20 40.62
C PRO F 188 -18.11 14.15 41.73
N VAL F 189 -19.00 13.17 41.57
CA VAL F 189 -19.17 12.08 42.55
C VAL F 189 -19.07 10.74 41.82
N PRO F 190 -18.25 9.81 42.28
CA PRO F 190 -18.10 8.56 41.54
C PRO F 190 -19.14 7.51 41.91
N LEU F 191 -19.56 6.75 40.91
CA LEU F 191 -20.48 5.64 41.07
C LEU F 191 -19.81 4.30 40.84
N ILE F 192 -19.18 4.14 39.69
CA ILE F 192 -18.42 2.94 39.34
C ILE F 192 -17.10 3.38 38.74
N ILE F 193 -15.99 2.89 39.27
CA ILE F 193 -14.71 3.00 38.61
C ILE F 193 -14.14 1.59 38.45
N ALA F 194 -13.96 1.17 37.21
CA ALA F 194 -13.49 -0.17 36.85
C ALA F 194 -12.04 -0.04 36.43
N ALA F 195 -11.14 -0.46 37.32
CA ALA F 195 -9.70 -0.22 37.13
C ALA F 195 -9.21 -0.79 35.80
N GLY F 196 -8.18 -0.16 35.27
CA GLY F 196 -7.49 -0.67 34.11
C GLY F 196 -6.33 -1.59 34.48
N GLY F 197 -5.82 -2.29 33.47
CA GLY F 197 -4.77 -3.28 33.68
C GLY F 197 -3.37 -2.69 33.56
N GLY F 198 -2.51 -3.10 34.49
CA GLY F 198 -1.12 -2.71 34.40
C GLY F 198 -0.46 -3.21 33.13
N GLY F 199 0.58 -2.50 32.69
CA GLY F 199 1.33 -2.93 31.53
C GLY F 199 2.34 -4.02 31.87
N ARG F 200 2.63 -4.86 30.90
CA ARG F 200 3.58 -5.95 31.12
C ARG F 200 5.00 -5.47 30.82
N ALA F 201 5.96 -5.96 31.60
CA ALA F 201 7.35 -5.59 31.43
C ALA F 201 7.93 -6.19 30.16
N TYR F 202 8.99 -5.56 29.66
CA TYR F 202 9.64 -6.07 28.46
C TYR F 202 9.99 -7.54 28.60
N GLY F 203 10.66 -7.88 29.70
CA GLY F 203 11.04 -9.26 29.95
C GLY F 203 10.20 -9.95 31.01
N ALA F 204 8.89 -9.69 31.01
CA ALA F 204 8.00 -10.38 31.93
C ALA F 204 8.01 -11.87 31.63
N LYS F 205 8.22 -12.67 32.67
CA LYS F 205 8.48 -14.10 32.46
C LYS F 205 7.28 -14.98 32.75
N THR F 206 6.37 -14.57 33.63
CA THR F 206 5.22 -15.39 34.01
C THR F 206 3.94 -14.57 33.90
N ASP F 207 2.86 -15.23 33.47
CA ASP F 207 1.54 -14.62 33.40
C ASP F 207 0.87 -14.61 34.79
N THR F 208 1.54 -13.95 35.73
CA THR F 208 1.09 -13.87 37.12
C THR F 208 0.48 -12.49 37.35
N PHE F 209 -0.68 -12.44 38.00
CA PHE F 209 -1.38 -11.18 38.22
C PHE F 209 -1.93 -11.15 39.64
N HIS F 210 -2.23 -9.94 40.09
CA HIS F 210 -2.56 -9.60 41.47
C HIS F 210 -4.06 -9.70 41.73
N PRO F 211 -4.45 -9.81 42.99
CA PRO F 211 -5.87 -9.88 43.32
C PRO F 211 -6.53 -8.53 43.09
N GLU F 212 -7.82 -8.56 42.79
CA GLU F 212 -8.54 -7.34 42.43
C GLU F 212 -8.80 -6.50 43.67
N ARG F 213 -8.66 -5.19 43.53
CA ARG F 213 -8.85 -4.27 44.64
C ARG F 213 -10.05 -3.38 44.38
N LEU F 214 -10.92 -3.24 45.38
CA LEU F 214 -12.14 -2.47 45.26
C LEU F 214 -12.33 -1.64 46.52
N GLU F 215 -12.49 -0.33 46.35
CA GLU F 215 -12.69 0.58 47.46
C GLU F 215 -14.11 1.12 47.41
N ASN F 216 -14.66 1.43 48.59
CA ASN F 216 -16.01 1.95 48.72
C ASN F 216 -16.08 3.02 49.82
N ASN F 217 -15.05 3.86 49.91
CA ASN F 217 -14.86 4.79 51.02
C ASN F 217 -14.32 6.09 50.43
N SER F 218 -15.19 7.08 50.28
CA SER F 218 -14.79 8.34 49.65
C SER F 218 -13.70 9.04 50.43
N SER F 219 -13.63 8.79 51.74
CA SER F 219 -12.63 9.45 52.59
C SER F 219 -11.22 9.10 52.19
N VAL F 220 -11.02 7.94 51.56
CA VAL F 220 -9.72 7.58 51.04
C VAL F 220 -9.45 8.41 49.79
N LEU F 221 -8.24 8.94 49.69
CA LEU F 221 -7.90 9.84 48.59
C LEU F 221 -7.63 9.02 47.33
N GLY F 222 -8.22 9.46 46.21
CA GLY F 222 -8.04 8.81 44.94
C GLY F 222 -6.83 9.35 44.20
N LEU F 223 -5.64 8.98 44.67
CA LEU F 223 -4.40 9.53 44.16
C LEU F 223 -3.80 8.68 43.03
N ASN F 224 -2.88 9.31 42.30
CA ASN F 224 -2.08 8.62 41.30
C ASN F 224 -1.18 7.56 41.95
N GLY F 225 -0.87 6.52 41.17
CA GLY F 225 0.16 5.60 41.58
C GLY F 225 1.57 6.17 41.46
N ASN F 226 2.50 5.49 42.11
CA ASN F 226 3.90 5.86 42.02
C ASN F 226 4.41 5.71 40.59
N SER F 227 5.29 6.63 40.18
CA SER F 227 5.99 6.56 38.92
C SER F 227 7.48 6.35 39.15
N GLY F 228 8.10 5.63 38.21
CA GLY F 228 9.54 5.52 38.14
C GLY F 228 10.02 5.94 36.76
N ALA F 229 10.71 5.05 36.06
CA ALA F 229 10.91 5.27 34.63
C ALA F 229 9.59 5.12 33.88
N ALA F 230 8.71 4.24 34.35
CA ALA F 230 7.39 4.06 33.77
C ALA F 230 6.36 4.83 34.58
N GLY F 231 5.29 5.24 33.91
CA GLY F 231 4.26 6.05 34.54
C GLY F 231 3.34 5.20 35.38
N GLY F 232 3.07 5.68 36.60
CA GLY F 232 1.97 5.15 37.38
C GLY F 232 0.64 5.49 36.72
N GLY F 233 -0.43 4.88 37.24
CA GLY F 233 -1.75 5.12 36.70
C GLY F 233 -2.37 6.40 37.23
N GLY F 234 -3.16 7.04 36.37
CA GLY F 234 -3.98 8.15 36.82
C GLY F 234 -5.04 7.68 37.80
N GLY F 235 -5.24 8.46 38.86
CA GLY F 235 -6.27 8.22 39.84
C GLY F 235 -7.52 9.05 39.58
N TRP F 236 -8.28 9.30 40.65
CA TRP F 236 -9.51 10.07 40.54
C TRP F 236 -9.27 11.58 40.72
N ASN F 237 -8.34 11.97 41.58
CA ASN F 237 -8.12 13.40 41.81
C ASN F 237 -6.70 13.63 42.32
N ASP F 238 -5.85 14.21 41.46
CA ASP F 238 -4.45 14.39 41.80
C ASP F 238 -3.89 15.48 40.89
N ASN F 239 -2.63 15.85 41.11
CA ASN F 239 -1.93 16.82 40.28
C ASN F 239 -0.75 16.10 39.61
N THR F 240 -0.98 15.63 38.38
CA THR F 240 0.08 15.03 37.59
C THR F 240 1.03 16.12 37.10
N SER F 241 2.34 15.85 37.16
CA SER F 241 3.32 16.76 36.58
C SER F 241 4.34 16.07 35.69
N LEU F 242 4.52 14.76 35.81
CA LEU F 242 5.38 14.02 34.91
C LEU F 242 4.68 13.75 33.58
N LEU F 243 5.49 13.70 32.52
CA LEU F 243 4.98 13.57 31.16
C LEU F 243 4.46 12.16 30.89
N TRP F 244 5.06 11.15 31.51
CA TRP F 244 4.72 9.76 31.25
C TRP F 244 3.73 9.19 32.26
N ALA F 245 3.45 9.94 33.33
CA ALA F 245 2.49 9.49 34.33
C ALA F 245 1.07 9.64 33.82
N GLY F 246 0.22 8.70 34.20
CA GLY F 246 -1.19 8.79 33.85
C GLY F 246 -1.88 9.92 34.61
N LYS F 247 -2.77 10.61 33.90
CA LYS F 247 -3.48 11.75 34.44
C LYS F 247 -4.72 11.30 35.21
N SER F 248 -4.93 11.93 36.38
CA SER F 248 -6.16 11.72 37.14
C SER F 248 -7.39 12.13 36.34
N LEU F 249 -8.53 11.52 36.69
CA LEU F 249 -9.77 11.78 35.96
C LEU F 249 -10.11 13.27 35.91
N GLN F 250 -10.06 13.93 37.07
CA GLN F 250 -10.44 15.33 37.09
C GLN F 250 -9.48 16.22 36.34
N GLU F 251 -8.36 15.67 35.85
CA GLU F 251 -7.46 16.39 34.97
C GLU F 251 -7.70 16.11 33.50
N GLY F 252 -8.60 15.19 33.16
CA GLY F 252 -8.85 14.79 31.79
C GLY F 252 -8.47 13.37 31.45
N ALA F 253 -7.70 12.71 32.31
CA ALA F 253 -7.41 11.29 32.22
C ALA F 253 -6.61 10.90 30.97
N THR F 254 -5.98 11.85 30.28
CA THR F 254 -5.14 11.49 29.14
C THR F 254 -4.03 10.52 29.56
N GLY F 255 -3.79 9.53 28.72
CA GLY F 255 -2.82 8.51 29.06
C GLY F 255 -1.40 9.00 28.95
N GLY F 256 -0.55 8.48 29.84
CA GLY F 256 0.85 8.86 29.89
C GLY F 256 1.59 8.77 28.57
N HIS F 257 2.56 9.67 28.41
CA HIS F 257 3.57 9.51 27.39
C HIS F 257 4.42 8.28 27.70
N SER F 258 5.13 7.81 26.68
CA SER F 258 6.09 6.75 26.93
C SER F 258 7.36 7.37 27.50
N CYS F 259 8.27 6.53 27.80
CA CYS F 259 9.42 6.83 28.63
C CYS F 259 10.46 7.60 27.82
N PRO F 260 11.10 8.63 28.40
CA PRO F 260 12.11 9.37 27.64
C PRO F 260 13.40 8.60 27.42
N GLN F 261 13.75 7.65 28.31
CA GLN F 261 14.88 6.77 28.02
C GLN F 261 14.61 5.97 26.77
N ALA F 262 13.37 5.50 26.59
CA ALA F 262 13.00 4.78 25.39
C ALA F 262 12.93 5.72 24.18
N MET F 263 12.20 6.83 24.31
CA MET F 263 11.83 7.61 23.14
C MET F 263 12.97 8.50 22.65
N LYS F 264 13.90 8.90 23.52
CA LYS F 264 15.02 9.71 23.04
C LYS F 264 16.01 8.89 22.22
N LYS F 265 16.13 7.58 22.48
CA LYS F 265 17.15 6.76 21.84
C LYS F 265 16.59 5.69 20.91
N TRP F 266 15.81 4.75 21.42
CA TRP F 266 15.47 3.55 20.65
C TRP F 266 14.15 3.66 19.92
N GLY F 267 13.22 4.48 20.42
CA GLY F 267 12.03 4.82 19.68
C GLY F 267 10.85 3.90 19.88
N TRP F 268 10.92 2.96 20.80
CA TRP F 268 9.86 1.98 21.06
C TRP F 268 8.81 2.61 21.97
N GLU F 269 7.67 3.02 21.39
CA GLU F 269 6.67 3.83 22.08
C GLU F 269 5.54 2.96 22.61
N THR F 270 5.32 3.00 23.92
CA THR F 270 4.21 2.27 24.57
C THR F 270 3.51 3.24 25.51
N ARG F 271 2.44 3.88 25.05
CA ARG F 271 1.72 4.84 25.87
C ARG F 271 0.61 4.18 26.67
N GLY F 272 0.25 4.81 27.79
CA GLY F 272 -0.94 4.45 28.52
C GLY F 272 -2.21 4.88 27.77
N GLY F 273 -3.32 4.27 28.17
CA GLY F 273 -4.60 4.54 27.56
C GLY F 273 -5.48 5.54 28.30
N PHE F 274 -6.29 6.25 27.53
CA PHE F 274 -7.48 6.89 28.08
C PHE F 274 -8.31 5.87 28.87
N GLY F 275 -8.56 6.10 30.16
CA GLY F 275 -8.07 7.22 30.94
C GLY F 275 -7.28 6.77 32.15
N GLY F 276 -6.10 7.36 32.32
CA GLY F 276 -5.26 7.12 33.46
C GLY F 276 -4.07 6.21 33.20
N GLY F 277 -4.09 5.47 32.09
CA GLY F 277 -3.00 4.58 31.73
C GLY F 277 -1.63 5.17 31.87
N GLY F 278 -0.78 4.52 32.68
CA GLY F 278 0.60 4.92 32.79
C GLY F 278 1.38 4.61 31.53
N GLY F 279 2.43 5.38 31.30
CA GLY F 279 3.23 5.29 30.08
C GLY F 279 3.91 3.97 29.79
N GLY F 280 4.91 3.59 30.56
CA GLY F 280 5.67 2.41 30.20
C GLY F 280 7.07 2.73 29.69
N CYS F 281 8.01 1.88 30.10
CA CYS F 281 9.44 1.91 29.77
C CYS F 281 9.80 0.43 29.61
N SER F 282 11.03 0.03 29.93
CA SER F 282 11.24 -1.39 30.15
C SER F 282 10.23 -1.92 31.16
N SER F 283 10.07 -1.23 32.29
CA SER F 283 9.00 -1.54 33.22
C SER F 283 7.64 -1.25 32.59
N GLY F 284 6.63 -1.98 33.05
CA GLY F 284 5.28 -1.73 32.59
C GLY F 284 4.63 -0.55 33.28
N GLY F 285 3.62 0.00 32.60
CA GLY F 285 2.95 1.17 33.10
C GLY F 285 1.75 0.84 33.96
N GLY F 286 1.40 1.76 34.85
CA GLY F 286 0.33 1.50 35.78
C GLY F 286 -1.04 1.76 35.19
N GLY F 287 -2.02 1.00 35.66
CA GLY F 287 -3.38 1.13 35.17
C GLY F 287 -4.15 2.18 35.96
N GLY F 288 -5.14 2.77 35.29
CA GLY F 288 -5.94 3.79 35.93
C GLY F 288 -6.89 3.21 36.94
N GLY F 289 -7.25 4.02 37.93
CA GLY F 289 -8.32 3.66 38.83
C GLY F 289 -8.83 4.85 39.60
N TYR F 290 -9.57 4.54 40.67
CA TYR F 290 -9.77 5.51 41.74
C TYR F 290 -8.44 5.87 42.38
N ILE F 291 -7.63 4.85 42.66
CA ILE F 291 -6.20 5.00 42.96
C ILE F 291 -5.44 4.36 41.81
N GLY F 292 -4.51 5.11 41.23
CA GLY F 292 -3.75 4.58 40.11
C GLY F 292 -2.81 3.48 40.53
N GLY F 293 -2.61 2.51 39.64
CA GLY F 293 -1.68 1.43 39.91
C GLY F 293 -0.24 1.90 39.94
N ASN F 294 0.55 1.26 40.80
CA ASN F 294 1.95 1.64 40.96
C ASN F 294 2.81 1.07 39.85
N ALA F 295 3.82 1.84 39.48
CA ALA F 295 4.88 1.40 38.59
C ALA F 295 6.17 1.27 39.40
N ALA F 296 7.06 0.41 38.92
CA ALA F 296 8.30 0.21 39.64
C ALA F 296 9.01 1.54 39.79
N SER F 297 9.88 1.64 40.79
CA SER F 297 10.53 2.92 41.06
C SER F 297 11.70 3.17 40.12
N ASN F 298 12.30 2.12 39.59
CA ASN F 298 13.34 2.14 38.59
C ASN F 298 12.80 1.58 37.27
N ASN F 299 13.70 1.35 36.32
CA ASN F 299 13.36 0.76 35.02
C ASN F 299 13.62 -0.74 34.97
N ASP F 300 13.09 -1.49 35.93
CA ASP F 300 13.35 -2.92 36.00
C ASP F 300 12.60 -3.66 34.89
N PRO F 301 13.27 -4.45 34.07
CA PRO F 301 12.59 -5.06 32.91
C PRO F 301 11.74 -6.27 33.23
N GLU F 302 11.67 -6.71 34.49
CA GLU F 302 10.84 -7.85 34.88
C GLU F 302 9.61 -7.44 35.67
N MET F 303 9.33 -6.14 35.79
CA MET F 303 8.39 -5.62 36.76
C MET F 303 7.15 -5.08 36.04
N ASP F 304 6.05 -5.81 36.13
CA ASP F 304 4.79 -5.40 35.53
C ASP F 304 4.21 -4.20 36.28
N GLY F 305 3.55 -3.32 35.53
CA GLY F 305 2.74 -2.30 36.17
C GLY F 305 1.57 -2.93 36.92
N GLU F 306 1.21 -2.33 38.05
CA GLU F 306 0.08 -2.82 38.81
C GLU F 306 -1.23 -2.31 38.24
N ASP F 307 -2.28 -3.12 38.41
CA ASP F 307 -3.63 -2.68 38.07
C ASP F 307 -4.05 -1.57 39.02
N GLY F 308 -5.12 -0.87 38.64
CA GLY F 308 -5.65 0.16 39.49
C GLY F 308 -6.60 -0.39 40.53
N VAL F 309 -6.99 0.48 41.46
CA VAL F 309 -8.00 0.16 42.45
C VAL F 309 -9.36 0.59 41.93
N SER F 310 -10.32 -0.32 41.93
CA SER F 310 -11.66 0.00 41.48
C SER F 310 -12.46 0.65 42.61
N PHE F 311 -13.64 1.16 42.26
CA PHE F 311 -14.47 1.88 43.22
C PHE F 311 -15.93 1.64 42.92
N ILE F 312 -16.71 1.45 43.99
CA ILE F 312 -18.16 1.30 43.94
C ILE F 312 -18.74 2.16 45.06
N SER F 313 -19.64 3.07 44.71
CA SER F 313 -20.26 3.91 45.71
C SER F 313 -20.99 3.04 46.75
N PRO F 314 -20.83 3.32 48.04
CA PRO F 314 -21.56 2.52 49.04
C PRO F 314 -23.05 2.76 49.03
N LEU F 315 -23.52 3.89 48.50
CA LEU F 315 -24.95 4.09 48.35
C LEU F 315 -25.56 3.15 47.32
N GLY F 316 -24.75 2.59 46.42
CA GLY F 316 -25.23 1.59 45.48
C GLY F 316 -24.91 0.18 45.98
N ILE F 317 -25.47 -0.82 45.27
CA ILE F 317 -25.39 -2.22 45.66
C ILE F 317 -24.46 -2.95 44.71
N LEU F 318 -23.37 -3.50 45.24
CA LEU F 318 -22.52 -4.39 44.44
C LEU F 318 -23.21 -5.73 44.20
N TYR F 319 -23.05 -6.27 42.98
CA TYR F 319 -23.72 -7.50 42.57
C TYR F 319 -22.84 -8.73 42.65
N THR F 320 -21.53 -8.59 42.47
CA THR F 320 -20.60 -9.71 42.41
C THR F 320 -19.21 -9.16 42.60
N PRO F 321 -18.28 -9.94 43.17
CA PRO F 321 -16.95 -9.39 43.41
C PRO F 321 -16.33 -8.92 42.10
N ALA F 322 -15.43 -7.96 42.20
CA ALA F 322 -14.78 -7.41 41.02
C ALA F 322 -13.87 -8.47 40.40
N LEU F 323 -13.75 -8.44 39.08
CA LEU F 323 -13.14 -9.56 38.36
C LEU F 323 -12.56 -9.09 37.03
N LYS F 324 -11.29 -9.44 36.80
CA LYS F 324 -10.61 -9.13 35.55
C LYS F 324 -11.14 -9.99 34.40
N VAL F 325 -11.72 -9.34 33.38
CA VAL F 325 -12.18 -10.06 32.20
C VAL F 325 -11.80 -9.42 30.86
N MET F 326 -11.59 -8.10 30.84
CA MET F 326 -11.52 -7.38 29.57
C MET F 326 -10.14 -7.53 28.94
N GLU F 327 -10.12 -8.00 27.68
CA GLU F 327 -8.89 -8.16 26.92
C GLU F 327 -8.56 -6.99 26.00
N GLY F 328 -9.46 -6.02 25.85
CA GLY F 328 -9.21 -4.88 24.99
C GLY F 328 -9.52 -3.54 25.62
N HIS F 329 -10.32 -2.73 24.95
CA HIS F 329 -10.87 -1.53 25.56
C HIS F 329 -11.88 -1.88 26.65
N GLY F 330 -12.32 -0.85 27.37
CA GLY F 330 -13.37 -0.98 28.35
C GLY F 330 -14.74 -0.87 27.71
N GLU F 331 -15.75 -0.81 28.56
CA GLU F 331 -17.15 -0.87 28.13
C GLU F 331 -18.02 -0.50 29.33
N VAL F 332 -19.15 0.11 29.04
CA VAL F 332 -20.19 0.33 30.05
C VAL F 332 -21.53 -0.14 29.49
N ASN F 333 -22.31 -0.80 30.34
CA ASN F 333 -23.62 -1.31 29.98
C ASN F 333 -24.64 -0.83 31.00
N ILE F 334 -25.80 -0.36 30.52
CA ILE F 334 -26.83 0.18 31.38
C ILE F 334 -28.18 -0.36 30.91
N LYS F 335 -28.91 -1.01 31.82
CA LYS F 335 -30.25 -1.47 31.55
C LYS F 335 -31.13 -1.07 32.71
N HIS F 336 -32.44 -1.09 32.49
CA HIS F 336 -33.35 -1.01 33.62
C HIS F 336 -33.25 -2.29 34.44
N TYR F 337 -33.36 -2.15 35.75
CA TYR F 337 -33.27 -3.28 36.66
C TYR F 337 -34.69 -3.80 36.88
N LEU F 338 -34.85 -5.11 36.80
CA LEU F 338 -36.18 -5.72 36.77
C LEU F 338 -36.65 -5.99 38.19
N ASN F 339 -37.81 -5.47 38.53
CA ASN F 339 -38.26 -5.63 39.88
C ASN F 339 -39.78 -5.58 40.05
C1 NAG G . 37.05 3.47 -44.40
C2 NAG G . 36.92 2.02 -43.91
C3 NAG G . 38.02 1.15 -44.51
C4 NAG G . 38.03 1.26 -46.03
C5 NAG G . 38.14 2.72 -46.44
C6 NAG G . 38.01 2.93 -47.94
C7 NAG G . 35.90 1.53 -41.74
C8 NAG G . 36.12 1.46 -40.25
N2 NAG G . 36.94 1.93 -42.47
O3 NAG G . 37.85 -0.22 -44.11
O4 NAG G . 39.13 0.53 -46.56
O5 NAG G . 37.09 3.50 -45.84
O6 NAG G . 36.77 2.45 -48.42
O7 NAG G . 34.83 1.22 -42.25
H1 NAG G . 37.88 3.85 -44.05
H2 NAG G . 36.05 1.68 -44.23
H3 NAG G . 38.87 1.45 -44.18
H4 NAG G . 37.19 0.89 -46.39
H5 NAG G . 38.99 3.06 -46.14
H61 NAG G . 38.74 2.44 -48.38
H62 NAG G . 38.10 3.88 -48.14
H81 NAG G . 35.34 1.06 -39.83
H82 NAG G . 36.24 2.37 -39.91
H83 NAG G . 36.91 0.94 -40.07
HN2 NAG G . 37.71 2.18 -42.03
HO3 NAG G . 38.54 -0.47 -43.61
HO4 NAG G . 38.96 0.28 -47.40
HO6 NAG G . 36.84 2.26 -49.30
C1 NAG H . 17.16 13.67 -34.47
C2 NAG H . 16.66 14.39 -33.22
C3 NAG H . 17.05 15.86 -33.31
C4 NAG H . 18.55 16.00 -33.56
C5 NAG H . 19.02 15.10 -34.71
C6 NAG H . 20.52 15.10 -34.91
C7 NAG H . 14.54 14.63 -32.01
C8 NAG H . 13.07 14.36 -32.03
N2 NAG H . 15.22 14.23 -33.08
O3 NAG H . 16.70 16.56 -32.11
O4 NAG H . 18.87 17.34 -33.89
O5 NAG H . 18.60 13.74 -34.50
O6 NAG H . 21.19 14.31 -33.94
O7 NAG H . 15.08 15.21 -31.07
H1 NAG H . 16.80 14.11 -35.26
H2 NAG H . 17.08 14.00 -32.43
H3 NAG H . 16.55 16.26 -34.04
H4 NAG H . 19.02 15.72 -32.74
H5 NAG H . 18.60 15.41 -35.54
H61 NAG H . 20.84 16.01 -34.86
H62 NAG H . 20.71 14.74 -35.80
H81 NAG H . 12.91 13.39 -31.91
H82 NAG H . 12.69 14.65 -32.88
H83 NAG H . 12.63 14.84 -31.30
HN2 NAG H . 14.77 13.84 -33.77
HO3 NAG H . 16.53 17.41 -32.31
HO4 NAG H . 19.36 17.72 -33.26
HO6 NAG H . 22.07 14.32 -34.10
C1 NAG I . 34.71 -22.78 -40.22
C2 NAG I . 35.00 -24.15 -39.57
C3 NAG I . 36.38 -24.13 -38.91
C4 NAG I . 37.45 -23.60 -39.85
C5 NAG I . 37.00 -22.25 -40.43
C6 NAG I . 37.99 -21.62 -41.38
C7 NAG I . 33.18 -25.59 -38.78
C8 NAG I . 32.17 -25.84 -37.69
N2 NAG I . 33.97 -24.52 -38.63
O3 NAG I . 36.70 -25.45 -38.48
O4 NAG I . 38.67 -23.42 -39.15
O5 NAG I . 35.77 -22.43 -41.13
O6 NAG I . 37.94 -22.20 -42.67
O7 NAG I . 33.26 -26.33 -39.77
H1 NAG I . 34.63 -22.10 -39.53
H2 NAG I . 35.03 -24.81 -40.29
H3 NAG I . 36.34 -23.55 -38.13
H4 NAG I . 37.58 -24.22 -40.58
H5 NAG I . 36.86 -21.62 -39.69
H61 NAG I . 38.89 -21.73 -41.02
H62 NAG I . 37.79 -20.66 -41.46
H81 NAG I . 31.34 -25.35 -37.89
H82 NAG I . 31.97 -26.79 -37.64
H83 NAG I . 32.53 -25.54 -36.84
HN2 NAG I . 33.85 -24.01 -37.88
HO3 NAG I . 36.77 -25.46 -37.60
HO4 NAG I . 39.15 -24.18 -39.22
HO6 NAG I . 38.24 -21.62 -43.28
C1 NAG J . 15.63 -28.63 -35.25
C2 NAG J . 16.94 -28.84 -36.05
C3 NAG J . 16.69 -28.68 -37.56
C4 NAG J . 15.55 -29.55 -38.04
C5 NAG J . 14.29 -29.26 -37.26
C6 NAG J . 13.14 -30.14 -37.71
C7 NAG J . 17.93 -26.61 -35.72
C8 NAG J . 19.19 -25.83 -35.44
N2 NAG J . 18.03 -27.95 -35.67
O3 NAG J . 17.88 -29.01 -38.27
O4 NAG J . 15.31 -29.22 -39.41
O5 NAG J . 14.52 -29.47 -35.86
O6 NAG J . 12.71 -29.74 -39.00
O7 NAG J . 16.86 -26.05 -35.98
H1 NAG J . 15.38 -27.69 -35.30
H2 NAG J . 17.23 -29.75 -35.84
H3 NAG J . 16.46 -27.75 -37.72
H4 NAG J . 15.78 -30.49 -37.94
H5 NAG J . 14.03 -28.32 -37.36
H61 NAG J . 12.40 -30.06 -37.07
H62 NAG J . 13.43 -31.07 -37.74
H81 NAG J . 19.69 -26.28 -34.73
H82 NAG J . 18.95 -24.93 -35.16
H83 NAG J . 19.74 -25.79 -36.24
HN2 NAG J . 18.81 -28.31 -35.37
HO3 NAG J . 17.95 -28.45 -38.97
HO4 NAG J . 15.38 -28.34 -39.48
HO6 NAG J . 11.99 -30.18 -39.27
C1 NAG K . -36.88 -3.63 44.30
C2 NAG K . -37.75 -3.82 45.50
C3 NAG K . -37.76 -2.51 46.28
C4 NAG K . -36.32 -2.08 46.57
C5 NAG K . -35.39 -2.24 45.35
C6 NAG K . -33.91 -2.17 45.68
C7 NAG K . -39.71 -5.33 45.61
C8 NAG K . -38.94 -6.15 46.62
N2 NAG K . -39.09 -4.23 45.13
O3 NAG K . -38.53 -2.61 47.45
O4 NAG K . -36.31 -0.72 46.97
O5 NAG K . -35.58 -3.49 44.69
O6 NAG K . -33.14 -2.71 44.63
O7 NAG K . -40.84 -5.65 45.25
H1 NAG K . -37.16 -2.83 43.82
H2 NAG K . -37.39 -4.53 46.06
H3 NAG K . -38.19 -1.82 45.73
H4 NAG K . -35.98 -2.66 47.28
H5 NAG K . -35.62 -1.51 44.74
H61 NAG K . -33.75 -2.67 46.50
H62 NAG K . -33.65 -1.24 45.82
H81 NAG K . -39.50 -6.90 46.92
H82 NAG K . -38.72 -5.58 47.38
H83 NAG K . -38.13 -6.49 46.21
HN2 NAG K . -39.55 -3.71 44.53
HO3 NAG K . -39.10 -1.93 47.49
HO4 NAG K . -35.96 -0.64 47.78
HO6 NAG K . -32.53 -2.13 44.36
C1 NAG L . -34.36 0.83 21.65
C2 NAG L . -33.91 0.27 20.31
C3 NAG L . -34.92 -0.78 19.83
C4 NAG L . -35.31 -1.75 20.95
C5 NAG L . -35.56 -0.99 22.27
C6 NAG L . -35.88 -1.88 23.45
C7 NAG L . -33.33 1.37 18.15
C8 NAG L . -33.33 2.69 17.41
N2 NAG L . -33.82 1.40 19.39
O3 NAG L . -34.38 -1.53 18.73
O4 NAG L . -36.51 -2.42 20.59
O5 NAG L . -34.42 -0.19 22.59
O6 NAG L . -34.88 -2.86 23.69
O7 NAG L . -32.94 0.33 17.62
H1 NAG L . -35.24 1.23 21.55
H2 NAG L . -33.04 -0.18 20.37
H3 NAG L . -35.70 -0.30 19.53
H4 NAG L . -34.57 -2.37 21.09
H5 NAG L . -36.33 -0.41 22.14
H61 NAG L . -35.98 -1.33 24.24
H62 NAG L . -36.72 -2.35 23.28
H81 NAG L . -32.61 3.25 17.76
H82 NAG L . -34.19 3.14 17.54
H83 NAG L . -33.19 2.53 16.47
HN2 NAG L . -34.13 2.21 19.69
HO3 NAG L . -34.98 -1.58 18.07
HO4 NAG L . -36.35 -3.23 20.25
HO6 NAG L . -35.07 -3.32 24.43
C1 NAG M . -12.40 5.60 55.12
C2 NAG M . -12.48 4.71 56.34
C3 NAG M . -12.32 5.54 57.60
C4 NAG M . -11.01 6.33 57.53
C5 NAG M . -10.95 7.16 56.23
C6 NAG M . -9.63 7.86 55.99
C7 NAG M . -14.93 4.52 56.46
C8 NAG M . -16.10 3.60 56.27
N2 NAG M . -13.72 3.96 56.30
O3 NAG M . -12.31 4.70 58.75
O4 NAG M . -10.85 7.18 58.65
O5 NAG M . -11.16 6.29 55.10
O6 NAG M . -8.63 6.97 55.53
O7 NAG M . -15.07 5.70 56.76
H1 NAG M . -13.11 6.26 55.16
H2 NAG M . -11.74 4.07 56.34
H3 NAG M . -13.07 6.14 57.68
H4 NAG M . -10.27 5.69 57.53
H5 NAG M . -11.66 7.82 56.27
H61 NAG M . -9.77 8.56 55.32
H62 NAG M . -9.34 8.26 56.82
H81 NAG M . -16.04 3.16 55.40
H82 NAG M . -16.11 2.92 56.97
H83 NAG M . -16.93 4.11 56.32
HN2 NAG M . -13.67 3.06 56.16
HO3 NAG M . -12.34 5.20 59.49
HO4 NAG M . -11.41 7.87 58.61
HO6 NAG M . -8.11 7.39 54.92
C1 NAG N . -3.64 19.52 43.86
C2 NAG N . -4.05 19.01 45.26
C3 NAG N . -5.12 19.91 45.89
C4 NAG N . -4.73 21.37 45.87
C5 NAG N . -4.42 21.81 44.45
C6 NAG N . -4.01 23.27 44.42
C7 NAG N . -5.53 17.18 44.51
C8 NAG N . -6.01 15.78 44.78
N2 NAG N . -4.53 17.64 45.29
O3 NAG N . -5.35 19.50 47.24
O4 NAG N . -5.80 22.16 46.35
O5 NAG N . -3.36 21.01 43.91
O6 NAG N . -5.05 24.03 45.02
O7 NAG N . -6.00 17.87 43.61
H1 NAG N . -4.38 19.35 43.23
H2 NAG N . -3.23 19.05 45.79
H3 NAG N . -5.95 19.82 45.38
H4 NAG N . -3.94 21.49 46.43
H5 NAG N . -5.19 21.68 43.86
H61 NAG N . -3.87 23.55 43.50
H62 NAG N . -3.18 23.38 44.92
H81 NAG N . -6.51 15.76 45.63
H82 NAG N . -6.58 15.48 44.06
H83 NAG N . -5.23 15.18 44.86
HN2 NAG N . -4.14 17.05 45.87
HO3 NAG N . -6.15 19.12 47.29
HO4 NAG N . -5.94 21.98 47.21
HO6 NAG N . -5.01 24.89 44.76
#